data_6TYL
#
_entry.id   6TYL
#
_cell.length_a   93.048
_cell.length_b   144.726
_cell.length_c   114.420
_cell.angle_alpha   90.00
_cell.angle_beta   94.66
_cell.angle_gamma   90.00
#
_symmetry.space_group_name_H-M   'P 1 21 1'
#
loop_
_entity.id
_entity.type
_entity.pdbx_description
1 polymer 'Resistance to inhibitors of cholinesterase 8 homolog A (C. elegans)'
2 polymer 'Nanobody A'
3 polymer 'Nanobody B'
4 polymer 'Nanobody C'
5 polymer 'Guanine nucleotide-binding protein G(i) subunit alpha-1'
#
loop_
_entity_poly.entity_id
_entity_poly.type
_entity_poly.pdbx_seq_one_letter_code
_entity_poly.pdbx_strand_id
1 'polypeptide(L)'
;GMEPRAVADALETGEEDAVTEALRSFNREHSQSFTFDDAQQEDRKRLAKLLVSVLEQGLSPKHRVTWLQTIRILSRDRSC
LDSFASRQSLHALACYADIAISEEPIPQPPDMDVLLESLKCLCNLVLSSPTAQMLAAEARLVVRLAERVGLYRKRSYPHE
VQFFDLRLLFLLTALRTDVRQQLFQELHGVRLLTDALELTLGVAPKENPLVILPAQETERAMEILKVLFNITFDSVKREV
DEEDAALYRYLGTLLRHCVMADAAGDRTEEFHGHTVNLLGNLPLKCLDVLLALELHEGSLEFMGVNMDVINALLAFLEKR
LHQTHRLKECVAPVLSVLTECARMHRPARKFLKAQVLPPLRDVRTRPEVGDLLRNKLVRLMTHLDTDVKRVAAEFLFVLC
SESVPRFIKYTGYGNAAGLLAARGLMAGGRPEGQY(SEP)EDED(TPO)DTEEYREAKASINPVTGRVEEKPPNPMEGMT
EEQKEHEAMKLVNMFDKLSR
;
A,F
2 'polypeptide(L)'
;QVQLQESGGGLVQPGGSLRLSCAASGIIFRSNGMAWYRQAPGKEREWVASITSFGDAIYRDSVKGRFTISRDNARNAVSL
QTNSLKTEDTAVYYCNTYPVNSAWGQGTQVTVSSHHHHHHEPEA
;
C,H
3 'polypeptide(L)'
;QVQLQESGGGLVQAGGSLRLSCAASGGIVHISSMGWFRQAPGKQRELVATSPSNGDIRYADSVKGRFTLSRDNAKNTVSL
QMNSLEPEDTAVYYCHSFLRHTASASYNNYYGQGTQVTVSSHHHHHHEPEA
;
E,J
4 'polypeptide(L)'
;QVQLQESGGGLEQAGDSLRLSCAASGLIVSNYAMGWFRQAPGKEREFVAYINWNGGVTYYTNSVKGRFTISRDNAKNTVY
LQMNSLKPEDTAVYYCARTSRASVTTRVADFGYWGQGTQVTVSSHHHHHHEPEA
;
D,I
5 'polypeptide(L)'
;MGCTLSAEDKAAVERSKMIDRNLREDGEKAAREVKLLLLGAGESGKSTIVKQMKIIHEAGYSEEECKQYKAVVYSNTIQS
IIAIIRAMGRLKIDFGDAARADDARQLFVLAGAAEEGFMTAELAGVIKRLWKDSGVQACFNRSREYQLNDSAAYYLNDLD
RIAQPNYIPTQQDVLRTRVKTTGIVETHFTFKDLHFKMFDVGGQRSERKKWIHCFEGVTAIIFCVALSDYDLVLAEDEEM
NRMHESMKLFDSICNNKWFTDTSIILFLNKKDLFEEKIKKSPLTICYPEYAGSNTYEEAAAYIQCQFEDLNKRKDTKEIY
THFTCATDTKNVQFVFDAVTDVIIKNNLKDCGLF
;
B,G
#
# COMPACT_ATOMS: atom_id res chain seq x y z
N MET A 2 -30.67 26.86 -4.25
CA MET A 2 -31.93 27.42 -4.73
C MET A 2 -32.37 26.73 -6.03
N GLU A 3 -33.51 27.16 -6.56
CA GLU A 3 -34.02 26.61 -7.81
C GLU A 3 -33.40 27.33 -9.00
N PRO A 4 -33.09 26.59 -10.07
CA PRO A 4 -32.56 27.25 -11.28
C PRO A 4 -33.53 28.24 -11.88
N ARG A 5 -34.83 27.92 -11.90
CA ARG A 5 -35.82 28.86 -12.42
C ARG A 5 -35.90 30.11 -11.55
N ALA A 6 -35.86 29.95 -10.23
CA ALA A 6 -35.92 31.09 -9.33
C ALA A 6 -34.71 31.99 -9.51
N VAL A 7 -33.51 31.41 -9.61
CA VAL A 7 -32.30 32.20 -9.82
C VAL A 7 -32.36 32.89 -11.17
N ALA A 8 -32.84 32.20 -12.20
CA ALA A 8 -32.94 32.81 -13.53
C ALA A 8 -33.91 33.98 -13.54
N ASP A 9 -35.02 33.85 -12.82
CA ASP A 9 -35.98 34.95 -12.75
C ASP A 9 -35.43 36.11 -11.92
N ALA A 10 -34.64 35.81 -10.88
CA ALA A 10 -34.00 36.88 -10.12
C ALA A 10 -32.93 37.59 -10.95
N LEU A 11 -32.33 36.87 -11.91
CA LEU A 11 -31.30 37.48 -12.75
C LEU A 11 -31.84 38.62 -13.61
N GLU A 12 -33.16 38.71 -13.78
CA GLU A 12 -33.75 39.79 -14.57
C GLU A 12 -34.03 41.05 -13.75
N THR A 13 -34.26 40.90 -12.44
CA THR A 13 -34.53 42.06 -11.59
C THR A 13 -33.27 42.88 -11.40
N GLY A 14 -32.27 42.31 -10.75
CA GLY A 14 -31.00 42.98 -10.52
C GLY A 14 -30.76 43.53 -9.13
N GLU A 15 -31.53 43.10 -8.13
CA GLU A 15 -31.34 43.57 -6.77
C GLU A 15 -29.97 43.13 -6.25
N GLU A 16 -29.17 44.10 -5.80
CA GLU A 16 -27.80 43.79 -5.37
C GLU A 16 -27.80 42.89 -4.15
N ASP A 17 -28.69 43.15 -3.19
CA ASP A 17 -28.74 42.39 -1.95
C ASP A 17 -29.72 41.22 -2.02
N ALA A 18 -30.05 40.75 -3.22
CA ALA A 18 -30.97 39.62 -3.37
C ALA A 18 -30.44 38.58 -4.36
N VAL A 19 -30.05 39.03 -5.55
CA VAL A 19 -29.57 38.09 -6.56
C VAL A 19 -28.23 37.48 -6.14
N THR A 20 -27.38 38.26 -5.48
CA THR A 20 -26.10 37.72 -5.04
C THR A 20 -26.29 36.73 -3.89
N GLU A 21 -27.21 37.01 -2.97
CA GLU A 21 -27.53 36.05 -1.93
C GLU A 21 -28.14 34.78 -2.51
N ALA A 22 -28.94 34.92 -3.56
CA ALA A 22 -29.50 33.74 -4.22
C ALA A 22 -28.40 32.90 -4.86
N LEU A 23 -27.46 33.54 -5.56
CA LEU A 23 -26.33 32.82 -6.13
C LEU A 23 -25.50 32.14 -5.04
N ARG A 24 -25.31 32.81 -3.91
CA ARG A 24 -24.52 32.23 -2.83
C ARG A 24 -25.23 31.02 -2.23
N SER A 25 -26.55 31.12 -2.02
CA SER A 25 -27.30 29.98 -1.52
C SER A 25 -27.29 28.82 -2.50
N PHE A 26 -27.33 29.13 -3.80
CA PHE A 26 -27.28 28.07 -4.81
C PHE A 26 -25.93 27.37 -4.83
N ASN A 27 -24.85 28.14 -4.74
CA ASN A 27 -23.51 27.54 -4.70
C ASN A 27 -23.31 26.75 -3.43
N ARG A 28 -23.87 27.22 -2.31
CA ARG A 28 -23.76 26.48 -1.05
C ARG A 28 -24.52 25.16 -1.12
N GLU A 29 -25.74 25.19 -1.66
CA GLU A 29 -26.54 23.99 -1.80
C GLU A 29 -25.93 23.06 -2.82
N HIS A 30 -25.99 23.45 -4.11
CA HIS A 30 -25.49 22.63 -5.19
C HIS A 30 -24.04 23.03 -5.49
N SER A 31 -23.12 22.07 -5.32
CA SER A 31 -21.72 22.34 -5.62
C SER A 31 -20.97 21.09 -6.09
N GLN A 32 -21.69 20.05 -6.53
CA GLN A 32 -21.08 18.79 -6.91
C GLN A 32 -21.38 18.49 -8.38
N SER A 33 -20.48 17.74 -9.01
CA SER A 33 -20.56 17.47 -10.43
C SER A 33 -21.68 16.49 -10.75
N PHE A 34 -21.91 16.29 -12.05
CA PHE A 34 -22.90 15.34 -12.57
C PHE A 34 -24.29 15.64 -12.00
N THR A 35 -24.85 16.75 -12.47
CA THR A 35 -26.15 17.21 -12.00
C THR A 35 -27.28 16.54 -12.76
N PHE A 36 -28.44 17.19 -12.80
CA PHE A 36 -29.62 16.64 -13.46
C PHE A 36 -29.44 16.65 -14.97
N ASP A 37 -30.41 16.04 -15.66
CA ASP A 37 -30.39 15.97 -17.11
C ASP A 37 -31.25 17.05 -17.75
N ASP A 38 -32.57 16.96 -17.60
CA ASP A 38 -33.50 17.75 -18.39
C ASP A 38 -34.27 18.79 -17.60
N ALA A 39 -34.65 18.50 -16.35
CA ALA A 39 -35.31 19.53 -15.53
C ALA A 39 -34.42 20.74 -15.32
N GLN A 40 -33.11 20.58 -15.51
CA GLN A 40 -32.19 21.71 -15.52
C GLN A 40 -31.76 22.11 -16.92
N GLN A 41 -32.13 21.37 -17.96
CA GLN A 41 -31.62 21.64 -19.30
C GLN A 41 -32.04 23.03 -19.78
N GLU A 42 -33.33 23.26 -19.98
CA GLU A 42 -33.78 24.51 -20.59
C GLU A 42 -33.56 25.69 -19.66
N ASP A 43 -34.01 25.58 -18.41
CA ASP A 43 -33.96 26.74 -17.51
C ASP A 43 -32.52 27.10 -17.16
N ARG A 44 -31.69 26.12 -16.83
CA ARG A 44 -30.29 26.43 -16.53
C ARG A 44 -29.50 26.78 -17.79
N LYS A 45 -29.95 26.33 -18.98
CA LYS A 45 -29.34 26.82 -20.21
C LYS A 45 -29.61 28.31 -20.38
N ARG A 46 -30.84 28.75 -20.13
CA ARG A 46 -31.14 30.18 -20.17
C ARG A 46 -30.38 30.92 -19.08
N LEU A 47 -30.22 30.30 -17.91
CA LEU A 47 -29.45 30.93 -16.83
C LEU A 47 -28.00 31.11 -17.23
N ALA A 48 -27.41 30.10 -17.87
CA ALA A 48 -26.03 30.20 -18.34
C ALA A 48 -25.90 31.22 -19.47
N LYS A 49 -26.92 31.35 -20.31
CA LYS A 49 -26.92 32.42 -21.31
C LYS A 49 -26.90 33.79 -20.65
N LEU A 50 -27.75 33.98 -19.62
CA LEU A 50 -27.74 35.25 -18.90
C LEU A 50 -26.38 35.49 -18.23
N LEU A 51 -25.79 34.43 -17.68
CA LEU A 51 -24.49 34.58 -17.00
C LEU A 51 -23.38 34.93 -17.99
N VAL A 52 -23.37 34.30 -19.17
CA VAL A 52 -22.34 34.61 -20.15
C VAL A 52 -22.59 35.99 -20.75
N SER A 53 -23.84 36.44 -20.79
CA SER A 53 -24.12 37.79 -21.26
C SER A 53 -23.63 38.84 -20.26
N VAL A 54 -23.87 38.60 -18.97
CA VAL A 54 -23.39 39.53 -17.96
C VAL A 54 -21.88 39.40 -17.74
N LEU A 55 -21.29 38.32 -18.23
CA LEU A 55 -19.84 38.14 -18.18
C LEU A 55 -19.15 38.78 -19.37
N GLU A 56 -19.79 38.82 -20.54
CA GLU A 56 -19.25 39.58 -21.66
C GLU A 56 -19.19 41.07 -21.36
N GLN A 57 -20.00 41.55 -20.42
CA GLN A 57 -19.82 42.87 -19.83
C GLN A 57 -19.03 42.73 -18.54
N GLY A 58 -18.44 43.83 -18.09
CA GLY A 58 -17.75 43.83 -16.82
C GLY A 58 -18.70 43.52 -15.68
N LEU A 59 -18.45 42.41 -14.98
CA LEU A 59 -19.33 42.01 -13.90
C LEU A 59 -19.00 42.78 -12.62
N SER A 60 -19.87 42.64 -11.63
CA SER A 60 -19.74 43.40 -10.39
C SER A 60 -18.47 43.01 -9.64
N PRO A 61 -17.66 43.97 -9.20
CA PRO A 61 -16.47 43.61 -8.42
C PRO A 61 -16.79 42.98 -7.08
N LYS A 62 -17.98 43.23 -6.53
CA LYS A 62 -18.39 42.58 -5.30
C LYS A 62 -18.80 41.14 -5.58
N HIS A 63 -18.37 40.23 -4.70
CA HIS A 63 -18.71 38.81 -4.80
C HIS A 63 -18.26 38.21 -6.12
N ARG A 64 -17.10 38.65 -6.61
CA ARG A 64 -16.53 38.07 -7.82
C ARG A 64 -16.30 36.57 -7.67
N VAL A 65 -15.86 36.16 -6.47
CA VAL A 65 -15.65 34.73 -6.21
C VAL A 65 -16.96 33.96 -6.36
N THR A 66 -18.08 34.56 -5.94
CA THR A 66 -19.37 33.90 -6.06
C THR A 66 -19.79 33.76 -7.52
N TRP A 67 -19.63 34.82 -8.31
CA TRP A 67 -19.92 34.75 -9.74
C TRP A 67 -19.09 33.65 -10.40
N LEU A 68 -17.78 33.64 -10.14
CA LEU A 68 -16.91 32.65 -10.77
C LEU A 68 -17.23 31.24 -10.28
N GLN A 69 -17.66 31.09 -9.02
CA GLN A 69 -18.03 29.78 -8.52
C GLN A 69 -19.30 29.27 -9.19
N THR A 70 -20.28 30.15 -9.36
CA THR A 70 -21.51 29.76 -10.06
C THR A 70 -21.21 29.36 -11.50
N ILE A 71 -20.36 30.15 -12.18
CA ILE A 71 -20.02 29.81 -13.56
C ILE A 71 -19.21 28.52 -13.62
N ARG A 72 -18.36 28.27 -12.61
CA ARG A 72 -17.61 27.01 -12.56
C ARG A 72 -18.55 25.82 -12.42
N ILE A 73 -19.53 25.92 -11.53
CA ILE A 73 -20.50 24.85 -11.38
C ILE A 73 -21.31 24.67 -12.66
N LEU A 74 -21.61 25.77 -13.37
CA LEU A 74 -22.32 25.68 -14.64
C LEU A 74 -21.49 24.96 -15.69
N SER A 75 -20.18 25.22 -15.71
CA SER A 75 -19.27 24.65 -16.70
C SER A 75 -19.00 23.16 -16.51
N ARG A 76 -19.77 22.43 -15.70
CA ARG A 76 -19.55 21.00 -15.53
C ARG A 76 -20.54 20.15 -16.34
N ASP A 77 -21.48 20.78 -17.03
CA ASP A 77 -22.46 20.08 -17.86
C ASP A 77 -22.26 20.49 -19.30
N ARG A 78 -22.29 19.49 -20.20
CA ARG A 78 -22.01 19.74 -21.61
C ARG A 78 -23.03 20.69 -22.25
N SER A 79 -24.22 20.82 -21.67
CA SER A 79 -25.26 21.66 -22.27
C SER A 79 -24.87 23.13 -22.30
N CYS A 80 -23.95 23.56 -21.44
CA CYS A 80 -23.54 24.95 -21.39
C CYS A 80 -22.11 25.19 -21.86
N LEU A 81 -21.36 24.13 -22.15
CA LEU A 81 -19.99 24.30 -22.65
C LEU A 81 -19.99 24.93 -24.05
N ASP A 82 -21.00 24.63 -24.86
CA ASP A 82 -21.11 25.28 -26.16
C ASP A 82 -21.45 26.76 -26.03
N SER A 83 -21.95 27.18 -24.87
CA SER A 83 -22.29 28.58 -24.64
C SER A 83 -21.15 29.36 -24.00
N PHE A 84 -20.45 28.76 -23.05
CA PHE A 84 -19.34 29.44 -22.38
C PHE A 84 -18.06 29.46 -23.21
N ALA A 85 -17.99 28.68 -24.29
CA ALA A 85 -16.78 28.59 -25.11
C ALA A 85 -16.75 29.63 -26.23
N SER A 86 -17.16 30.86 -25.94
CA SER A 86 -17.00 31.95 -26.90
C SER A 86 -15.69 32.67 -26.63
N ARG A 87 -15.12 33.25 -27.69
CA ARG A 87 -13.83 33.93 -27.56
C ARG A 87 -13.90 35.05 -26.54
N GLN A 88 -15.02 35.78 -26.51
CA GLN A 88 -15.18 36.85 -25.53
C GLN A 88 -15.20 36.28 -24.11
N SER A 89 -15.94 35.20 -23.90
CA SER A 89 -16.01 34.60 -22.56
C SER A 89 -14.67 34.04 -22.14
N LEU A 90 -13.95 33.40 -23.06
CA LEU A 90 -12.62 32.87 -22.73
C LEU A 90 -11.66 34.00 -22.39
N HIS A 91 -11.68 35.09 -23.14
CA HIS A 91 -10.81 36.21 -22.83
C HIS A 91 -11.17 36.85 -21.50
N ALA A 92 -12.46 36.91 -21.17
CA ALA A 92 -12.88 37.46 -19.89
C ALA A 92 -12.38 36.58 -18.74
N LEU A 93 -12.58 35.26 -18.85
CA LEU A 93 -12.10 34.36 -17.81
C LEU A 93 -10.58 34.35 -17.74
N ALA A 94 -9.89 34.65 -18.84
CA ALA A 94 -8.44 34.71 -18.83
C ALA A 94 -7.95 35.96 -18.10
N CYS A 95 -8.50 37.13 -18.46
CA CYS A 95 -8.09 38.36 -17.79
C CYS A 95 -8.50 38.37 -16.33
N TYR A 96 -9.56 37.64 -15.98
CA TYR A 96 -9.88 37.46 -14.57
C TYR A 96 -8.84 36.57 -13.88
N ALA A 97 -8.25 35.64 -14.63
CA ALA A 97 -7.18 34.79 -14.12
C ALA A 97 -5.80 35.41 -14.31
N ASP A 98 -5.74 36.65 -14.81
CA ASP A 98 -4.48 37.37 -15.02
C ASP A 98 -3.55 36.63 -15.97
N ILE A 99 -4.12 35.88 -16.92
CA ILE A 99 -3.34 35.12 -17.89
C ILE A 99 -3.69 35.53 -19.32
N ALA A 100 -4.31 36.68 -19.50
CA ALA A 100 -4.70 37.14 -20.82
C ALA A 100 -3.49 37.72 -21.54
N ILE A 101 -3.73 38.45 -22.64
CA ILE A 101 -2.65 39.06 -23.40
C ILE A 101 -2.20 40.39 -22.81
N SER A 102 -2.99 40.97 -21.90
CA SER A 102 -2.64 42.23 -21.24
C SER A 102 -1.53 41.95 -20.23
N GLU A 103 -0.30 41.89 -20.74
CA GLU A 103 0.86 41.61 -19.92
C GLU A 103 1.40 42.85 -19.21
N GLU A 104 0.83 44.02 -19.45
CA GLU A 104 1.29 45.25 -18.82
C GLU A 104 0.92 45.27 -17.33
N PRO A 105 -0.32 44.91 -16.92
CA PRO A 105 -0.58 44.78 -15.48
C PRO A 105 0.22 43.64 -14.86
N ILE A 106 1.31 43.98 -14.18
CA ILE A 106 2.17 42.98 -13.53
C ILE A 106 1.39 42.30 -12.41
N PRO A 107 1.77 41.10 -11.99
CA PRO A 107 1.04 40.44 -10.90
C PRO A 107 1.23 41.14 -9.56
N GLN A 108 0.73 42.37 -9.44
CA GLN A 108 0.86 43.11 -8.20
C GLN A 108 -0.30 42.81 -7.25
N PRO A 109 -1.56 42.84 -7.68
CA PRO A 109 -2.65 42.48 -6.77
C PRO A 109 -2.73 40.98 -6.56
N PRO A 110 -2.57 40.50 -5.33
CA PRO A 110 -2.64 39.06 -5.03
C PRO A 110 -4.04 38.60 -4.65
N ASP A 111 -5.04 39.03 -5.43
CA ASP A 111 -6.43 38.66 -5.18
C ASP A 111 -6.66 37.25 -5.72
N MET A 112 -6.46 36.26 -4.86
CA MET A 112 -6.49 34.86 -5.27
C MET A 112 -7.89 34.30 -5.41
N ASP A 113 -8.88 34.89 -4.72
CA ASP A 113 -10.23 34.34 -4.72
C ASP A 113 -10.82 34.30 -6.12
N VAL A 114 -10.47 35.25 -6.97
CA VAL A 114 -10.91 35.19 -8.36
C VAL A 114 -9.92 34.39 -9.21
N LEU A 115 -8.64 34.40 -8.86
CA LEU A 115 -7.64 33.71 -9.66
C LEU A 115 -7.89 32.21 -9.69
N LEU A 116 -8.05 31.59 -8.51
CA LEU A 116 -8.21 30.13 -8.47
C LEU A 116 -9.51 29.70 -9.12
N GLU A 117 -10.59 30.47 -8.93
CA GLU A 117 -11.86 30.11 -9.54
C GLU A 117 -11.81 30.26 -11.06
N SER A 118 -11.17 31.32 -11.56
CA SER A 118 -11.05 31.48 -13.00
C SER A 118 -10.17 30.40 -13.60
N LEU A 119 -9.12 29.99 -12.89
CA LEU A 119 -8.30 28.89 -13.38
C LEU A 119 -9.08 27.58 -13.40
N LYS A 120 -9.93 27.35 -12.39
CA LYS A 120 -10.78 26.17 -12.40
C LYS A 120 -11.73 26.19 -13.59
N CYS A 121 -12.32 27.36 -13.88
CA CYS A 121 -13.20 27.47 -15.04
C CYS A 121 -12.44 27.21 -16.33
N LEU A 122 -11.22 27.75 -16.45
CA LEU A 122 -10.40 27.52 -17.64
C LEU A 122 -10.12 26.04 -17.81
N CYS A 123 -9.72 25.36 -16.73
CA CYS A 123 -9.46 23.93 -16.80
C CYS A 123 -10.71 23.17 -17.24
N ASN A 124 -11.86 23.50 -16.63
CA ASN A 124 -13.10 22.81 -16.98
C ASN A 124 -13.46 22.99 -18.45
N LEU A 125 -13.25 24.20 -18.98
CA LEU A 125 -13.62 24.45 -20.37
C LEU A 125 -12.66 23.77 -21.33
N VAL A 126 -11.35 23.84 -21.06
CA VAL A 126 -10.40 23.32 -22.03
C VAL A 126 -10.36 21.79 -22.03
N LEU A 127 -10.71 21.14 -20.92
CA LEU A 127 -10.63 19.69 -20.86
C LEU A 127 -11.78 19.00 -21.58
N SER A 128 -12.83 19.74 -21.97
CA SER A 128 -13.99 19.09 -22.59
C SER A 128 -14.65 19.95 -23.67
N SER A 129 -13.96 20.91 -24.26
CA SER A 129 -14.51 21.74 -25.33
C SER A 129 -13.42 22.02 -26.36
N PRO A 130 -13.43 21.32 -27.49
CA PRO A 130 -12.38 21.54 -28.50
C PRO A 130 -12.37 22.95 -29.06
N THR A 131 -13.55 23.58 -29.19
CA THR A 131 -13.58 24.96 -29.65
C THR A 131 -12.91 25.89 -28.66
N ALA A 132 -13.06 25.61 -27.36
CA ALA A 132 -12.35 26.40 -26.36
C ALA A 132 -10.84 26.20 -26.49
N GLN A 133 -10.42 24.99 -26.84
CA GLN A 133 -8.99 24.74 -27.06
C GLN A 133 -8.47 25.55 -28.23
N MET A 134 -9.18 25.51 -29.37
CA MET A 134 -8.74 26.24 -30.54
C MET A 134 -8.92 27.75 -30.39
N LEU A 135 -9.70 28.19 -29.40
CA LEU A 135 -9.77 29.62 -29.11
C LEU A 135 -8.62 30.06 -28.20
N ALA A 136 -8.32 29.27 -27.17
CA ALA A 136 -7.20 29.59 -26.29
C ALA A 136 -5.87 29.47 -27.02
N ALA A 137 -5.79 28.62 -28.05
CA ALA A 137 -4.57 28.53 -28.83
C ALA A 137 -4.32 29.78 -29.66
N GLU A 138 -5.38 30.48 -30.07
CA GLU A 138 -5.25 31.73 -30.80
C GLU A 138 -5.12 32.93 -29.89
N ALA A 139 -5.72 32.87 -28.69
CA ALA A 139 -5.58 33.97 -27.73
C ALA A 139 -4.21 33.96 -27.07
N ARG A 140 -3.47 32.86 -27.16
CA ARG A 140 -2.10 32.73 -26.65
C ARG A 140 -2.05 33.01 -25.14
N LEU A 141 -2.64 32.09 -24.39
CA LEU A 141 -2.58 32.13 -22.94
C LEU A 141 -1.35 31.42 -22.38
N VAL A 142 -0.57 30.74 -23.24
CA VAL A 142 0.57 29.98 -22.76
C VAL A 142 1.68 30.91 -22.28
N VAL A 143 1.83 32.07 -22.92
CA VAL A 143 2.94 32.96 -22.58
C VAL A 143 2.79 33.51 -21.17
N ARG A 144 1.59 33.98 -20.82
CA ARG A 144 1.39 34.54 -19.49
C ARG A 144 1.45 33.45 -18.42
N LEU A 145 0.98 32.24 -18.74
CA LEU A 145 1.12 31.13 -17.80
C LEU A 145 2.59 30.80 -17.56
N ALA A 146 3.40 30.79 -18.61
CA ALA A 146 4.82 30.53 -18.45
C ALA A 146 5.49 31.65 -17.64
N GLU A 147 5.08 32.89 -17.87
CA GLU A 147 5.62 34.00 -17.09
C GLU A 147 5.26 33.86 -15.62
N ARG A 148 4.02 33.43 -15.32
CA ARG A 148 3.62 33.22 -13.94
C ARG A 148 4.41 32.10 -13.30
N VAL A 149 4.61 30.99 -14.02
CA VAL A 149 5.36 29.87 -13.47
C VAL A 149 6.82 30.26 -13.25
N GLY A 150 7.37 31.12 -14.11
CA GLY A 150 8.73 31.60 -13.90
C GLY A 150 8.86 32.48 -12.67
N LEU A 151 7.81 33.25 -12.36
CA LEU A 151 7.81 34.13 -11.19
C LEU A 151 7.27 33.42 -9.95
N TYR A 152 7.81 32.24 -9.67
CA TYR A 152 7.42 31.48 -8.48
C TYR A 152 8.37 31.66 -7.32
N ARG A 153 9.65 31.95 -7.58
CA ARG A 153 10.58 32.18 -6.49
C ARG A 153 10.54 33.63 -6.00
N LYS A 154 10.51 34.58 -6.94
CA LYS A 154 10.46 35.99 -6.54
C LYS A 154 9.11 36.37 -5.93
N ARG A 155 8.08 35.56 -6.16
CA ARG A 155 6.76 35.80 -5.56
C ARG A 155 6.16 34.44 -5.21
N SER A 156 5.82 34.26 -3.93
CA SER A 156 5.30 32.98 -3.44
C SER A 156 3.80 32.93 -3.65
N TYR A 157 3.35 32.05 -4.57
CA TYR A 157 1.94 31.83 -4.87
C TYR A 157 1.39 30.67 -4.05
N PRO A 158 0.11 30.70 -3.71
CA PRO A 158 -0.49 29.60 -2.96
C PRO A 158 -0.41 28.29 -3.72
N HIS A 159 -0.63 27.20 -2.99
CA HIS A 159 -0.52 25.87 -3.60
C HIS A 159 -1.65 25.62 -4.61
N GLU A 160 -2.86 26.07 -4.28
CA GLU A 160 -4.01 25.79 -5.15
C GLU A 160 -3.86 26.49 -6.50
N VAL A 161 -3.55 27.80 -6.48
CA VAL A 161 -3.40 28.54 -7.73
C VAL A 161 -2.27 27.96 -8.56
N GLN A 162 -1.14 27.65 -7.92
CA GLN A 162 0.00 27.06 -8.62
C GLN A 162 -0.39 25.75 -9.28
N PHE A 163 -1.00 24.84 -8.52
CA PHE A 163 -1.38 23.53 -9.05
C PHE A 163 -2.40 23.66 -10.18
N PHE A 164 -3.35 24.59 -10.05
CA PHE A 164 -4.39 24.71 -11.07
C PHE A 164 -3.85 25.33 -12.34
N ASP A 165 -2.93 26.29 -12.24
CA ASP A 165 -2.34 26.80 -13.48
C ASP A 165 -1.41 25.77 -14.11
N LEU A 166 -0.75 24.94 -13.29
CA LEU A 166 0.02 23.84 -13.86
C LEU A 166 -0.87 22.86 -14.60
N ARG A 167 -2.04 22.54 -14.03
CA ARG A 167 -2.98 21.65 -14.70
C ARG A 167 -3.52 22.27 -15.98
N LEU A 168 -3.78 23.58 -15.96
CA LEU A 168 -4.23 24.27 -17.17
C LEU A 168 -3.16 24.21 -18.25
N LEU A 169 -1.90 24.44 -17.88
CA LEU A 169 -0.81 24.35 -18.85
C LEU A 169 -0.68 22.94 -19.40
N PHE A 170 -0.85 21.93 -18.54
CA PHE A 170 -0.77 20.54 -18.99
C PHE A 170 -1.87 20.23 -19.99
N LEU A 171 -3.11 20.59 -19.66
CA LEU A 171 -4.21 20.36 -20.59
C LEU A 171 -3.99 21.08 -21.91
N LEU A 172 -3.52 22.32 -21.85
CA LEU A 172 -3.33 23.12 -23.06
C LEU A 172 -2.22 22.54 -23.94
N THR A 173 -1.10 22.13 -23.33
CA THR A 173 0.00 21.56 -24.11
C THR A 173 -0.28 20.13 -24.55
N ALA A 174 -1.22 19.44 -23.91
CA ALA A 174 -1.54 18.08 -24.33
C ALA A 174 -2.58 18.05 -25.43
N LEU A 175 -3.54 18.97 -25.42
CA LEU A 175 -4.63 18.91 -26.39
C LEU A 175 -4.29 19.64 -27.69
N ARG A 176 -3.74 20.86 -27.59
CA ARG A 176 -3.41 21.64 -28.78
C ARG A 176 -1.98 21.36 -29.23
N THR A 177 -1.82 21.19 -30.53
CA THR A 177 -0.51 20.82 -31.09
C THR A 177 0.42 22.02 -31.19
N ASP A 178 -0.09 23.15 -31.67
CA ASP A 178 0.75 24.33 -31.86
C ASP A 178 1.27 24.87 -30.53
N VAL A 179 0.52 24.65 -29.44
CA VAL A 179 0.97 25.10 -28.13
C VAL A 179 2.25 24.38 -27.72
N ARG A 180 2.40 23.11 -28.11
CA ARG A 180 3.62 22.38 -27.81
C ARG A 180 4.84 23.06 -28.41
N GLN A 181 4.79 23.36 -29.71
CA GLN A 181 5.92 24.01 -30.37
C GLN A 181 6.12 25.43 -29.83
N GLN A 182 5.02 26.14 -29.56
CA GLN A 182 5.12 27.50 -29.05
C GLN A 182 5.81 27.54 -27.70
N LEU A 183 5.51 26.58 -26.83
CA LEU A 183 6.15 26.51 -25.52
C LEU A 183 7.54 25.90 -25.58
N PHE A 184 7.83 25.09 -26.60
CA PHE A 184 9.16 24.49 -26.73
C PHE A 184 10.17 25.50 -27.24
N GLN A 185 9.92 26.07 -28.43
CA GLN A 185 10.91 26.95 -29.05
C GLN A 185 10.81 28.38 -28.50
N GLU A 186 9.63 28.97 -28.59
CA GLU A 186 9.49 30.40 -28.33
C GLU A 186 9.52 30.74 -26.85
N LEU A 187 9.25 29.78 -25.97
CA LEU A 187 9.15 30.06 -24.54
C LEU A 187 10.21 29.37 -23.69
N HIS A 188 11.13 28.61 -24.30
CA HIS A 188 12.12 27.83 -23.58
C HIS A 188 11.46 26.97 -22.50
N GLY A 189 10.48 26.18 -22.92
CA GLY A 189 9.64 25.47 -21.96
C GLY A 189 10.41 24.46 -21.13
N VAL A 190 11.39 23.79 -21.73
CA VAL A 190 12.12 22.76 -21.01
C VAL A 190 12.94 23.36 -19.87
N ARG A 191 13.59 24.51 -20.12
CA ARG A 191 14.36 25.18 -19.08
C ARG A 191 13.46 25.63 -17.94
N LEU A 192 12.34 26.29 -18.27
CA LEU A 192 11.44 26.79 -17.25
C LEU A 192 10.85 25.66 -16.43
N LEU A 193 10.51 24.54 -17.08
CA LEU A 193 9.93 23.41 -16.36
C LEU A 193 10.96 22.69 -15.49
N THR A 194 12.22 22.61 -15.95
CA THR A 194 13.25 22.08 -15.07
C THR A 194 13.48 22.99 -13.87
N ASP A 195 13.37 24.30 -14.07
CA ASP A 195 13.45 25.24 -12.96
C ASP A 195 12.34 24.98 -11.96
N ALA A 196 11.10 24.86 -12.44
CA ALA A 196 9.97 24.57 -11.56
C ALA A 196 10.15 23.23 -10.86
N LEU A 197 10.74 22.25 -11.54
CA LEU A 197 10.95 20.94 -10.92
C LEU A 197 11.97 21.02 -9.79
N GLU A 198 13.08 21.73 -10.01
CA GLU A 198 14.03 21.94 -8.93
C GLU A 198 13.39 22.73 -7.79
N LEU A 199 12.47 23.65 -8.12
CA LEU A 199 11.79 24.41 -7.08
C LEU A 199 10.90 23.52 -6.22
N THR A 200 10.15 22.61 -6.86
CA THR A 200 9.29 21.70 -6.10
C THR A 200 10.12 20.76 -5.24
N LEU A 201 11.17 20.16 -5.82
CA LEU A 201 12.03 19.23 -5.10
C LEU A 201 13.03 20.00 -4.22
N GLY A 202 12.48 20.73 -3.25
CA GLY A 202 13.29 21.53 -2.36
C GLY A 202 12.83 21.48 -0.92
N VAL A 203 11.93 20.55 -0.61
CA VAL A 203 11.43 20.37 0.75
C VAL A 203 12.52 19.65 1.56
N ALA A 204 13.11 20.37 2.52
CA ALA A 204 14.26 19.90 3.30
C ALA A 204 15.35 19.43 2.35
N PRO A 205 16.08 20.34 1.72
CA PRO A 205 17.03 19.95 0.66
C PRO A 205 18.20 19.16 1.23
N LYS A 206 18.94 18.53 0.31
CA LYS A 206 20.13 17.75 0.63
C LYS A 206 19.82 16.59 1.57
N GLU A 207 18.72 15.89 1.29
CA GLU A 207 18.39 14.66 2.01
C GLU A 207 19.18 13.51 1.36
N ASN A 208 20.23 13.06 2.03
CA ASN A 208 21.11 12.05 1.44
C ASN A 208 20.40 10.73 1.15
N PRO A 209 19.60 10.14 2.06
CA PRO A 209 18.86 8.93 1.68
C PRO A 209 17.68 9.26 0.77
N LEU A 210 16.75 8.31 0.62
CA LEU A 210 15.58 8.57 -0.21
C LEU A 210 14.70 9.63 0.45
N VAL A 211 14.38 10.67 -0.30
CA VAL A 211 13.62 11.81 0.20
C VAL A 211 12.13 11.52 0.01
N ILE A 212 11.34 11.83 1.04
CA ILE A 212 9.89 11.68 1.01
C ILE A 212 9.26 13.00 0.58
N LEU A 213 8.36 12.95 -0.39
CA LEU A 213 7.74 14.16 -0.91
C LEU A 213 6.35 14.34 -0.32
N PRO A 214 6.00 15.55 0.09
CA PRO A 214 4.64 15.80 0.61
C PRO A 214 3.58 15.70 -0.48
N ALA A 215 2.31 15.87 -0.10
CA ALA A 215 1.23 15.71 -1.06
C ALA A 215 1.24 16.80 -2.12
N GLN A 216 1.33 18.06 -1.69
CA GLN A 216 1.29 19.18 -2.64
C GLN A 216 2.50 19.16 -3.57
N GLU A 217 3.68 18.93 -3.01
CA GLU A 217 4.89 18.86 -3.83
C GLU A 217 4.82 17.72 -4.82
N THR A 218 4.32 16.56 -4.38
CA THR A 218 4.18 15.43 -5.29
C THR A 218 3.20 15.74 -6.42
N GLU A 219 2.08 16.38 -6.09
CA GLU A 219 1.10 16.74 -7.10
C GLU A 219 1.70 17.67 -8.14
N ARG A 220 2.33 18.76 -7.69
CA ARG A 220 2.88 19.72 -8.63
C ARG A 220 4.04 19.13 -9.43
N ALA A 221 4.82 18.23 -8.81
CA ALA A 221 5.91 17.58 -9.53
C ALA A 221 5.36 16.66 -10.63
N MET A 222 4.29 15.92 -10.32
CA MET A 222 3.68 15.07 -11.34
C MET A 222 3.11 15.89 -12.48
N GLU A 223 2.50 17.04 -12.16
CA GLU A 223 1.93 17.88 -13.20
C GLU A 223 3.02 18.45 -14.11
N ILE A 224 4.12 18.95 -13.51
CA ILE A 224 5.17 19.51 -14.35
C ILE A 224 5.90 18.40 -15.11
N LEU A 225 5.93 17.18 -14.58
CA LEU A 225 6.49 16.06 -15.33
C LEU A 225 5.62 15.72 -16.54
N LYS A 226 4.29 15.73 -16.36
CA LYS A 226 3.40 15.56 -17.50
C LYS A 226 3.65 16.64 -18.55
N VAL A 227 3.78 17.89 -18.12
CA VAL A 227 4.03 18.99 -19.06
C VAL A 227 5.33 18.77 -19.81
N LEU A 228 6.39 18.37 -19.10
CA LEU A 228 7.67 18.12 -19.74
C LEU A 228 7.58 16.99 -20.75
N PHE A 229 6.88 15.90 -20.39
CA PHE A 229 6.73 14.79 -21.32
C PHE A 229 5.98 15.22 -22.58
N ASN A 230 4.92 16.03 -22.40
CA ASN A 230 4.17 16.52 -23.56
C ASN A 230 5.02 17.45 -24.43
N ILE A 231 5.92 18.22 -23.83
CA ILE A 231 6.64 19.23 -24.58
C ILE A 231 7.96 18.73 -25.17
N THR A 232 8.48 17.60 -24.70
CA THR A 232 9.83 17.19 -25.06
C THR A 232 9.92 16.15 -26.16
N PHE A 233 8.88 15.32 -26.34
CA PHE A 233 9.01 14.13 -27.18
C PHE A 233 9.30 14.44 -28.65
N ASP A 234 9.30 15.70 -29.05
CA ASP A 234 9.46 16.07 -30.45
C ASP A 234 10.85 16.64 -30.69
N SER A 235 11.45 16.24 -31.82
CA SER A 235 12.70 16.81 -32.31
C SER A 235 13.84 16.68 -31.30
N VAL A 236 13.89 15.53 -30.62
CA VAL A 236 14.96 15.26 -29.65
C VAL A 236 15.49 13.85 -29.90
N LYS A 237 15.44 13.41 -31.16
CA LYS A 237 15.79 12.03 -31.49
C LYS A 237 17.26 11.76 -31.18
N ARG A 238 18.17 12.44 -31.89
CA ARG A 238 19.59 12.15 -31.73
C ARG A 238 20.43 13.42 -31.59
N GLU A 239 20.39 14.27 -32.61
CA GLU A 239 21.31 15.41 -32.69
C GLU A 239 20.76 16.59 -31.89
N VAL A 240 21.56 17.07 -30.93
CA VAL A 240 21.26 18.27 -30.16
C VAL A 240 22.57 19.03 -29.93
N ASP A 241 22.43 20.27 -29.45
CA ASP A 241 23.59 21.11 -29.21
C ASP A 241 24.22 20.74 -27.85
N GLU A 242 25.40 21.32 -27.60
CA GLU A 242 26.10 21.05 -26.35
C GLU A 242 25.35 21.62 -25.15
N GLU A 243 24.80 22.82 -25.29
CA GLU A 243 24.05 23.43 -24.19
C GLU A 243 22.74 22.70 -23.95
N ASP A 244 22.07 22.28 -25.03
CA ASP A 244 20.86 21.48 -24.88
C ASP A 244 21.18 20.14 -24.23
N ALA A 245 22.30 19.52 -24.60
CA ALA A 245 22.70 18.26 -23.96
C ALA A 245 23.02 18.48 -22.49
N ALA A 246 23.61 19.62 -22.15
CA ALA A 246 23.89 19.93 -20.74
C ALA A 246 22.60 20.08 -19.96
N LEU A 247 21.63 20.82 -20.50
CA LEU A 247 20.34 20.97 -19.85
C LEU A 247 19.63 19.62 -19.71
N TYR A 248 19.77 18.76 -20.72
CA TYR A 248 19.13 17.45 -20.65
C TYR A 248 19.78 16.56 -19.60
N ARG A 249 21.12 16.63 -19.47
CA ARG A 249 21.78 15.92 -18.39
C ARG A 249 21.38 16.47 -17.03
N TYR A 250 21.15 17.78 -16.94
CA TYR A 250 20.67 18.38 -15.70
C TYR A 250 19.31 17.83 -15.32
N LEU A 251 18.38 17.81 -16.29
CA LEU A 251 17.05 17.24 -16.05
C LEU A 251 17.15 15.75 -15.70
N GLY A 252 18.07 15.04 -16.34
CA GLY A 252 18.25 13.63 -16.04
C GLY A 252 18.74 13.39 -14.62
N THR A 253 19.64 14.25 -14.13
CA THR A 253 20.06 14.15 -12.74
C THR A 253 18.92 14.50 -11.79
N LEU A 254 18.14 15.53 -12.14
CA LEU A 254 16.98 15.88 -11.33
C LEU A 254 15.99 14.73 -11.22
N LEU A 255 15.83 13.97 -12.30
CA LEU A 255 14.93 12.82 -12.29
C LEU A 255 15.56 11.61 -11.60
N ARG A 256 16.88 11.44 -11.73
CA ARG A 256 17.56 10.36 -11.02
C ARG A 256 17.43 10.52 -9.52
N HIS A 257 17.63 11.75 -9.03
CA HIS A 257 17.56 12.01 -7.60
C HIS A 257 16.16 11.79 -7.03
N CYS A 258 15.15 11.58 -7.87
CA CYS A 258 13.78 11.36 -7.41
C CYS A 258 13.21 10.02 -7.80
N VAL A 259 13.82 9.29 -8.73
CA VAL A 259 13.36 7.94 -9.04
C VAL A 259 13.56 7.03 -7.82
N MET A 260 14.74 7.09 -7.21
CA MET A 260 14.99 6.32 -5.99
C MET A 260 14.15 6.82 -4.82
N ALA A 261 13.63 8.04 -4.90
CA ALA A 261 12.86 8.62 -3.81
C ALA A 261 11.45 8.04 -3.78
N ASP A 262 10.77 8.23 -2.65
CA ASP A 262 9.41 7.78 -2.44
C ASP A 262 8.53 8.97 -2.09
N ALA A 263 7.23 8.83 -2.36
CA ALA A 263 6.25 9.86 -2.09
C ALA A 263 5.32 9.42 -0.96
N ALA A 264 4.54 10.38 -0.47
CA ALA A 264 3.61 10.10 0.61
C ALA A 264 2.32 9.50 0.07
N GLY A 265 1.77 8.55 0.81
CA GLY A 265 0.56 7.88 0.39
C GLY A 265 0.86 6.72 -0.56
N ASP A 266 0.14 6.69 -1.68
CA ASP A 266 0.31 5.64 -2.67
C ASP A 266 0.64 6.17 -4.06
N ARG A 267 0.96 7.46 -4.17
CA ARG A 267 1.32 8.05 -5.46
C ARG A 267 2.79 7.84 -5.84
N THR A 268 3.47 6.91 -5.16
CA THR A 268 4.87 6.63 -5.50
C THR A 268 4.98 6.07 -6.91
N GLU A 269 4.11 5.09 -7.24
CA GLU A 269 4.19 4.43 -8.54
C GLU A 269 3.84 5.38 -9.68
N GLU A 270 2.84 6.25 -9.46
CA GLU A 270 2.47 7.22 -10.49
C GLU A 270 3.62 8.21 -10.74
N PHE A 271 4.24 8.70 -9.67
CA PHE A 271 5.37 9.61 -9.81
C PHE A 271 6.53 8.94 -10.53
N HIS A 272 6.81 7.68 -10.18
CA HIS A 272 7.91 6.97 -10.84
C HIS A 272 7.61 6.70 -12.31
N GLY A 273 6.35 6.39 -12.63
CA GLY A 273 5.97 6.23 -14.02
C GLY A 273 6.12 7.50 -14.82
N HIS A 274 5.76 8.64 -14.21
CA HIS A 274 5.97 9.92 -14.90
C HIS A 274 7.45 10.22 -15.10
N THR A 275 8.28 9.90 -14.10
CA THR A 275 9.72 10.08 -14.26
C THR A 275 10.25 9.23 -15.40
N VAL A 276 9.80 7.98 -15.50
CA VAL A 276 10.27 7.11 -16.59
C VAL A 276 9.78 7.62 -17.94
N ASN A 277 8.54 8.12 -17.99
CA ASN A 277 8.03 8.68 -19.24
C ASN A 277 8.86 9.87 -19.69
N LEU A 278 9.25 10.73 -18.76
CA LEU A 278 10.12 11.85 -19.12
C LEU A 278 11.51 11.37 -19.49
N LEU A 279 12.01 10.33 -18.83
CA LEU A 279 13.31 9.75 -19.20
C LEU A 279 13.31 9.25 -20.64
N GLY A 280 12.19 8.67 -21.07
CA GLY A 280 12.12 8.13 -22.42
C GLY A 280 12.34 9.17 -23.49
N ASN A 281 11.96 10.42 -23.24
CA ASN A 281 12.10 11.48 -24.23
C ASN A 281 13.50 12.06 -24.29
N LEU A 282 14.31 11.88 -23.25
CA LEU A 282 15.65 12.43 -23.24
C LEU A 282 16.49 11.79 -24.35
N PRO A 283 17.47 12.52 -24.88
CA PRO A 283 18.35 11.93 -25.89
C PRO A 283 19.11 10.73 -25.33
N LEU A 284 19.49 9.83 -26.24
CA LEU A 284 20.16 8.60 -25.83
C LEU A 284 21.43 8.90 -25.04
N LYS A 285 22.32 9.69 -25.64
CA LYS A 285 23.63 9.95 -25.05
C LYS A 285 23.55 10.72 -23.74
N CYS A 286 22.38 11.22 -23.36
CA CYS A 286 22.24 11.87 -22.05
C CYS A 286 21.97 10.86 -20.95
N LEU A 287 21.36 9.73 -21.29
CA LEU A 287 20.98 8.74 -20.28
C LEU A 287 22.19 8.18 -19.54
N ASP A 288 23.40 8.36 -20.08
CA ASP A 288 24.61 7.97 -19.37
C ASP A 288 24.75 8.68 -18.03
N VAL A 289 24.05 9.80 -17.83
CA VAL A 289 24.08 10.48 -16.54
C VAL A 289 23.31 9.74 -15.46
N LEU A 290 22.63 8.64 -15.80
CA LEU A 290 21.96 7.81 -14.79
C LEU A 290 22.96 6.93 -14.06
N LEU A 291 23.74 6.15 -14.80
CA LEU A 291 24.67 5.20 -14.19
C LEU A 291 25.77 5.92 -13.43
N ALA A 292 26.13 7.13 -13.84
CA ALA A 292 27.20 7.90 -13.18
C ALA A 292 26.67 8.46 -11.87
N LEU A 293 27.15 7.91 -10.76
CA LEU A 293 26.77 8.39 -9.44
C LEU A 293 27.90 8.11 -8.47
N GLU A 294 28.09 9.03 -7.51
CA GLU A 294 29.14 8.88 -6.51
C GLU A 294 28.83 7.70 -5.61
N LEU A 295 29.72 6.71 -5.60
CA LEU A 295 29.52 5.50 -4.81
C LEU A 295 29.62 5.85 -3.32
N HIS A 296 28.47 6.00 -2.68
CA HIS A 296 28.43 6.29 -1.25
C HIS A 296 28.54 4.99 -0.46
N GLU A 297 28.49 5.11 0.86
CA GLU A 297 28.55 3.94 1.73
C GLU A 297 27.20 3.22 1.71
N GLY A 298 27.25 1.89 1.70
CA GLY A 298 26.04 1.09 1.67
C GLY A 298 25.26 1.15 0.39
N SER A 299 25.85 1.66 -0.69
CA SER A 299 25.19 1.69 -1.98
C SER A 299 25.45 0.41 -2.75
N LEU A 300 24.57 0.11 -3.70
CA LEU A 300 24.69 -1.09 -4.51
C LEU A 300 25.91 -0.97 -5.42
N GLU A 301 26.96 -1.71 -5.11
CA GLU A 301 28.21 -1.66 -5.85
C GLU A 301 28.26 -2.75 -6.90
N PHE A 302 28.77 -2.40 -8.07
CA PHE A 302 28.93 -3.37 -9.16
C PHE A 302 29.87 -2.79 -10.20
N MET A 303 30.91 -3.56 -10.55
CA MET A 303 31.94 -3.12 -11.50
C MET A 303 32.55 -1.78 -11.09
N GLY A 304 32.70 -1.56 -9.78
CA GLY A 304 33.25 -0.32 -9.28
C GLY A 304 32.39 0.91 -9.49
N VAL A 305 31.12 0.73 -9.86
CA VAL A 305 30.23 1.86 -10.13
C VAL A 305 28.88 1.59 -9.46
N ASN A 306 28.14 2.66 -9.24
CA ASN A 306 26.84 2.55 -8.57
C ASN A 306 25.81 1.94 -9.50
N MET A 307 24.89 1.16 -8.92
CA MET A 307 23.78 0.56 -9.66
C MET A 307 22.46 0.71 -8.92
N ASP A 308 22.35 1.67 -8.00
CA ASP A 308 21.12 1.82 -7.22
C ASP A 308 19.95 2.22 -8.08
N VAL A 309 20.16 3.17 -9.01
CA VAL A 309 19.04 3.66 -9.82
C VAL A 309 18.63 2.61 -10.85
N ILE A 310 19.60 1.88 -11.41
CA ILE A 310 19.27 0.84 -12.38
C ILE A 310 18.49 -0.28 -11.72
N ASN A 311 18.94 -0.73 -10.54
CA ASN A 311 18.19 -1.74 -9.79
C ASN A 311 16.82 -1.20 -9.37
N ALA A 312 16.74 0.08 -9.05
CA ALA A 312 15.45 0.67 -8.66
C ALA A 312 14.47 0.63 -9.83
N LEU A 313 14.92 1.01 -11.03
CA LEU A 313 14.01 0.98 -12.17
C LEU A 313 13.72 -0.45 -12.61
N LEU A 314 14.63 -1.39 -12.33
CA LEU A 314 14.34 -2.79 -12.62
C LEU A 314 13.26 -3.33 -11.69
N ALA A 315 13.34 -3.01 -10.39
CA ALA A 315 12.27 -3.37 -9.48
C ALA A 315 10.97 -2.65 -9.82
N PHE A 316 11.08 -1.44 -10.38
CA PHE A 316 9.90 -0.72 -10.85
C PHE A 316 9.25 -1.44 -12.03
N LEU A 317 10.06 -1.93 -12.97
CA LEU A 317 9.55 -2.77 -14.05
C LEU A 317 8.89 -4.03 -13.50
N GLU A 318 9.50 -4.63 -12.47
CA GLU A 318 8.91 -5.81 -11.84
C GLU A 318 7.53 -5.50 -11.28
N LYS A 319 7.42 -4.46 -10.46
CA LYS A 319 6.14 -4.09 -9.86
C LYS A 319 5.14 -3.59 -10.88
N ARG A 320 5.59 -3.10 -12.03
CA ARG A 320 4.72 -2.52 -13.04
C ARG A 320 4.22 -3.55 -14.05
N LEU A 321 4.93 -4.65 -14.24
CA LEU A 321 4.50 -5.68 -15.19
C LEU A 321 3.15 -6.28 -14.83
N HIS A 322 2.70 -6.12 -13.58
CA HIS A 322 1.44 -6.72 -13.15
C HIS A 322 0.22 -5.91 -13.55
N GLN A 323 0.39 -4.77 -14.22
CA GLN A 323 -0.72 -4.03 -14.80
C GLN A 323 -0.86 -4.48 -16.25
N THR A 324 -1.65 -5.54 -16.45
CA THR A 324 -1.77 -6.15 -17.77
C THR A 324 -2.66 -5.35 -18.72
N HIS A 325 -3.53 -4.48 -18.19
CA HIS A 325 -4.43 -3.73 -19.06
C HIS A 325 -3.67 -2.71 -19.90
N ARG A 326 -3.30 -1.59 -19.29
CA ARG A 326 -2.52 -0.56 -20.00
C ARG A 326 -1.03 -0.87 -19.91
N LEU A 327 -0.67 -2.08 -20.37
CA LEU A 327 0.72 -2.52 -20.35
C LEU A 327 1.56 -1.80 -21.40
N LYS A 328 0.95 -1.32 -22.49
CA LYS A 328 1.70 -0.63 -23.54
C LYS A 328 2.26 0.72 -23.08
N GLU A 329 1.64 1.36 -22.10
CA GLU A 329 2.08 2.65 -21.59
C GLU A 329 2.90 2.54 -20.32
N CYS A 330 2.97 1.36 -19.70
CA CYS A 330 3.56 1.20 -18.38
C CYS A 330 5.02 0.76 -18.43
N VAL A 331 5.29 -0.37 -19.07
CA VAL A 331 6.63 -0.95 -19.04
C VAL A 331 7.45 -0.65 -20.30
N ALA A 332 6.82 -0.26 -21.40
CA ALA A 332 7.57 0.04 -22.61
C ALA A 332 8.56 1.20 -22.44
N PRO A 333 8.22 2.32 -21.80
CA PRO A 333 9.25 3.34 -21.56
C PRO A 333 10.35 2.86 -20.64
N VAL A 334 10.01 2.04 -19.65
CA VAL A 334 11.02 1.46 -18.76
C VAL A 334 11.99 0.60 -19.55
N LEU A 335 11.46 -0.26 -20.41
CA LEU A 335 12.33 -1.11 -21.24
C LEU A 335 13.17 -0.27 -22.20
N SER A 336 12.59 0.79 -22.75
CA SER A 336 13.34 1.64 -23.67
C SER A 336 14.51 2.32 -22.97
N VAL A 337 14.25 2.95 -21.82
CA VAL A 337 15.32 3.63 -21.10
C VAL A 337 16.35 2.63 -20.58
N LEU A 338 15.92 1.43 -20.19
CA LEU A 338 16.87 0.42 -19.72
C LEU A 338 17.76 -0.07 -20.84
N THR A 339 17.19 -0.28 -22.03
CA THR A 339 18.00 -0.64 -23.19
C THR A 339 19.00 0.45 -23.51
N GLU A 340 18.55 1.70 -23.52
CA GLU A 340 19.43 2.77 -23.96
C GLU A 340 20.51 3.10 -22.94
N CYS A 341 20.26 2.83 -21.66
CA CYS A 341 21.31 2.99 -20.65
C CYS A 341 22.14 1.72 -20.47
N ALA A 342 21.72 0.60 -21.05
CA ALA A 342 22.51 -0.63 -21.04
C ALA A 342 23.34 -0.81 -22.29
N ARG A 343 22.90 -0.27 -23.42
CA ARG A 343 23.67 -0.40 -24.66
C ARG A 343 24.97 0.38 -24.61
N MET A 344 24.99 1.50 -23.89
CA MET A 344 26.13 2.41 -23.91
C MET A 344 27.19 2.08 -22.86
N HIS A 345 26.88 1.26 -21.87
CA HIS A 345 27.78 1.02 -20.75
C HIS A 345 28.00 -0.48 -20.57
N ARG A 346 29.27 -0.87 -20.52
CA ARG A 346 29.61 -2.26 -20.17
C ARG A 346 29.15 -2.66 -18.78
N PRO A 347 29.32 -1.84 -17.72
CA PRO A 347 28.81 -2.28 -16.41
C PRO A 347 27.31 -2.53 -16.41
N ALA A 348 26.52 -1.68 -17.07
CA ALA A 348 25.08 -1.91 -17.13
C ALA A 348 24.75 -3.17 -17.92
N ARG A 349 25.47 -3.40 -19.03
CA ARG A 349 25.25 -4.61 -19.81
C ARG A 349 25.52 -5.86 -18.98
N LYS A 350 26.66 -5.89 -18.29
CA LYS A 350 26.99 -7.05 -17.47
C LYS A 350 26.03 -7.20 -16.29
N PHE A 351 25.59 -6.08 -15.70
CA PHE A 351 24.62 -6.12 -14.62
C PHE A 351 23.31 -6.75 -15.07
N LEU A 352 22.81 -6.32 -16.23
CA LEU A 352 21.54 -6.85 -16.72
C LEU A 352 21.68 -8.30 -17.17
N LYS A 353 22.81 -8.65 -17.78
CA LYS A 353 23.03 -10.05 -18.15
C LYS A 353 23.22 -10.94 -16.94
N ALA A 354 23.68 -10.39 -15.82
CA ALA A 354 23.88 -11.13 -14.59
C ALA A 354 22.74 -10.97 -13.60
N GLN A 355 21.66 -10.29 -13.98
CA GLN A 355 20.50 -10.20 -13.10
C GLN A 355 19.16 -10.38 -13.80
N VAL A 356 19.10 -10.53 -15.12
CA VAL A 356 17.84 -10.72 -15.84
C VAL A 356 17.73 -12.13 -16.41
N LEU A 357 18.67 -12.54 -17.26
CA LEU A 357 18.64 -13.89 -17.80
C LEU A 357 19.87 -14.75 -17.51
N PRO A 358 20.43 -14.75 -16.29
CA PRO A 358 21.55 -15.66 -16.01
C PRO A 358 21.12 -17.11 -15.95
N PRO A 359 20.13 -17.50 -15.11
CA PRO A 359 19.96 -18.93 -14.79
C PRO A 359 19.69 -19.81 -15.99
N LEU A 360 20.70 -20.57 -16.40
CA LEU A 360 20.60 -21.48 -17.54
C LEU A 360 20.41 -22.93 -17.13
N ARG A 361 20.86 -23.32 -15.93
CA ARG A 361 20.71 -24.69 -15.46
C ARG A 361 19.35 -24.87 -14.78
N ASP A 362 18.30 -24.64 -15.55
CA ASP A 362 16.96 -25.02 -15.16
C ASP A 362 16.68 -26.43 -15.67
N VAL A 363 15.68 -27.08 -15.08
CA VAL A 363 15.17 -28.31 -15.67
C VAL A 363 14.69 -27.98 -17.07
N ARG A 364 15.14 -28.77 -18.04
CA ARG A 364 14.94 -28.42 -19.44
C ARG A 364 13.47 -28.42 -19.79
N THR A 365 12.92 -27.23 -19.97
CA THR A 365 11.53 -27.02 -20.32
C THR A 365 11.47 -25.74 -21.15
N ARG A 366 10.27 -25.41 -21.61
CA ARG A 366 10.10 -24.16 -22.35
C ARG A 366 10.46 -22.98 -21.47
N PRO A 367 11.21 -22.00 -21.99
CA PRO A 367 11.49 -20.81 -21.18
C PRO A 367 10.29 -19.88 -21.06
N GLU A 368 9.24 -20.08 -21.87
CA GLU A 368 8.09 -19.19 -21.83
C GLU A 368 7.10 -19.59 -20.74
N VAL A 369 7.61 -20.08 -19.62
CA VAL A 369 6.78 -20.40 -18.46
C VAL A 369 7.62 -20.26 -17.20
N GLY A 370 7.00 -19.76 -16.14
CA GLY A 370 7.68 -19.57 -14.87
C GLY A 370 7.38 -18.23 -14.23
N ASP A 371 7.94 -18.00 -13.04
CA ASP A 371 7.72 -16.77 -12.30
C ASP A 371 8.86 -15.76 -12.48
N LEU A 372 9.96 -16.16 -13.11
CA LEU A 372 11.11 -15.28 -13.27
C LEU A 372 10.77 -14.08 -14.14
N LEU A 373 11.58 -13.03 -14.02
CA LEU A 373 11.46 -11.90 -14.94
C LEU A 373 11.80 -12.32 -16.36
N ARG A 374 12.76 -13.24 -16.52
CA ARG A 374 13.07 -13.79 -17.84
C ARG A 374 11.85 -14.46 -18.45
N ASN A 375 11.16 -15.29 -17.66
CA ASN A 375 9.98 -15.98 -18.17
C ASN A 375 8.87 -15.00 -18.51
N LYS A 376 8.69 -13.98 -17.68
CA LYS A 376 7.65 -12.98 -17.97
C LYS A 376 7.96 -12.20 -19.24
N LEU A 377 9.24 -11.86 -19.46
CA LEU A 377 9.59 -11.12 -20.67
C LEU A 377 9.44 -11.99 -21.91
N VAL A 378 9.87 -13.26 -21.84
CA VAL A 378 9.74 -14.11 -23.02
C VAL A 378 8.28 -14.50 -23.26
N ARG A 379 7.42 -14.45 -22.24
CA ARG A 379 5.99 -14.57 -22.46
C ARG A 379 5.45 -13.32 -23.14
N LEU A 380 5.92 -12.14 -22.72
CA LEU A 380 5.48 -10.88 -23.31
C LEU A 380 5.95 -10.77 -24.76
N MET A 381 7.02 -11.47 -25.13
CA MET A 381 7.50 -11.39 -26.51
C MET A 381 6.46 -11.86 -27.51
N THR A 382 5.53 -12.74 -27.11
CA THR A 382 4.46 -13.22 -27.96
C THR A 382 3.17 -12.41 -27.81
N HIS A 383 3.27 -11.16 -27.39
CA HIS A 383 2.09 -10.35 -27.14
C HIS A 383 1.44 -9.92 -28.46
N LEU A 384 0.25 -9.33 -28.33
CA LEU A 384 -0.50 -8.82 -29.47
C LEU A 384 -0.27 -7.34 -29.72
N ASP A 385 0.62 -6.72 -28.96
CA ASP A 385 0.93 -5.29 -29.09
C ASP A 385 2.30 -5.15 -29.73
N THR A 386 2.33 -4.53 -30.92
CA THR A 386 3.58 -4.37 -31.65
C THR A 386 4.56 -3.41 -30.99
N ASP A 387 4.12 -2.66 -29.98
CA ASP A 387 5.00 -1.73 -29.28
C ASP A 387 5.76 -2.37 -28.13
N VAL A 388 5.28 -3.50 -27.61
CA VAL A 388 5.87 -4.12 -26.44
C VAL A 388 6.71 -5.35 -26.77
N LYS A 389 6.35 -6.11 -27.81
CA LYS A 389 7.17 -7.25 -28.19
C LYS A 389 8.49 -6.80 -28.79
N ARG A 390 8.46 -5.71 -29.56
CA ARG A 390 9.69 -5.22 -30.20
C ARG A 390 10.67 -4.70 -29.17
N VAL A 391 10.20 -3.96 -28.17
CA VAL A 391 11.10 -3.39 -27.19
C VAL A 391 11.67 -4.47 -26.27
N ALA A 392 10.87 -5.50 -25.96
CA ALA A 392 11.38 -6.61 -25.17
C ALA A 392 12.39 -7.43 -25.97
N ALA A 393 12.15 -7.60 -27.28
CA ALA A 393 13.12 -8.27 -28.13
C ALA A 393 14.44 -7.50 -28.16
N GLU A 394 14.36 -6.18 -28.32
CA GLU A 394 15.58 -5.36 -28.31
C GLU A 394 16.28 -5.41 -26.96
N PHE A 395 15.52 -5.50 -25.88
CA PHE A 395 16.11 -5.60 -24.55
C PHE A 395 16.89 -6.89 -24.40
N LEU A 396 16.26 -8.03 -24.72
CA LEU A 396 16.96 -9.30 -24.65
C LEU A 396 18.08 -9.41 -25.67
N PHE A 397 18.04 -8.60 -26.74
CA PHE A 397 19.13 -8.57 -27.70
C PHE A 397 20.34 -7.84 -27.14
N VAL A 398 20.13 -6.62 -26.65
CA VAL A 398 21.24 -5.86 -26.08
C VAL A 398 21.78 -6.52 -24.82
N LEU A 399 20.96 -7.32 -24.13
CA LEU A 399 21.48 -8.03 -22.96
C LEU A 399 22.42 -9.16 -23.35
N CYS A 400 22.17 -9.81 -24.48
CA CYS A 400 23.04 -10.88 -24.96
C CYS A 400 24.20 -10.33 -25.75
N SER A 401 24.64 -9.11 -25.40
CA SER A 401 25.76 -8.42 -26.06
C SER A 401 25.52 -8.27 -27.56
N GLU A 402 24.26 -8.23 -27.97
CA GLU A 402 23.87 -8.14 -29.38
C GLU A 402 24.52 -9.24 -30.20
N SER A 403 24.12 -10.48 -29.89
CA SER A 403 24.66 -11.66 -30.55
C SER A 403 23.50 -12.60 -30.85
N VAL A 404 23.24 -12.82 -32.14
CA VAL A 404 22.15 -13.72 -32.53
C VAL A 404 22.38 -15.15 -32.04
N PRO A 405 23.56 -15.77 -32.24
CA PRO A 405 23.77 -17.10 -31.66
C PRO A 405 23.59 -17.13 -30.14
N ARG A 406 23.95 -16.05 -29.46
CA ARG A 406 23.66 -15.90 -28.04
C ARG A 406 22.25 -15.36 -27.79
N PHE A 407 21.56 -14.88 -28.83
CA PHE A 407 20.16 -14.51 -28.68
C PHE A 407 19.26 -15.73 -28.63
N ILE A 408 19.58 -16.76 -29.42
CA ILE A 408 18.80 -17.99 -29.43
C ILE A 408 19.07 -18.76 -28.13
N LYS A 409 19.68 -18.08 -27.16
CA LYS A 409 19.90 -18.62 -25.83
C LYS A 409 18.63 -19.21 -25.22
N TYR A 410 17.49 -18.59 -25.49
CA TYR A 410 16.23 -18.98 -24.88
C TYR A 410 15.23 -19.57 -25.86
N THR A 411 14.91 -18.86 -26.95
CA THR A 411 13.98 -19.37 -27.95
C THR A 411 14.52 -19.08 -29.35
N GLY A 412 13.90 -19.73 -30.33
CA GLY A 412 14.20 -19.46 -31.72
C GLY A 412 13.12 -18.65 -32.39
N TYR A 413 12.03 -18.40 -31.68
CA TYR A 413 10.96 -17.56 -32.21
C TYR A 413 11.12 -16.10 -31.81
N GLY A 414 11.84 -15.81 -30.72
CA GLY A 414 12.08 -14.44 -30.36
C GLY A 414 12.84 -13.69 -31.43
N ASN A 415 13.78 -14.37 -32.10
CA ASN A 415 14.44 -13.79 -33.25
C ASN A 415 13.44 -13.50 -34.36
N ALA A 416 12.53 -14.44 -34.62
CA ALA A 416 11.47 -14.21 -35.60
C ALA A 416 10.57 -13.04 -35.21
N ALA A 417 10.48 -12.72 -33.92
CA ALA A 417 9.65 -11.60 -33.48
C ALA A 417 10.38 -10.28 -33.62
N GLY A 418 11.67 -10.25 -33.30
CA GLY A 418 12.40 -8.99 -33.24
C GLY A 418 13.43 -8.77 -34.32
N LEU A 419 13.34 -9.50 -35.44
CA LEU A 419 14.28 -9.31 -36.53
C LEU A 419 13.76 -8.27 -37.51
N LEU A 420 14.70 -7.65 -38.23
CA LEU A 420 14.39 -6.63 -39.23
C LEU A 420 13.61 -5.47 -38.62
N ALA A 421 14.22 -4.83 -37.62
CA ALA A 421 13.61 -3.74 -36.89
C ALA A 421 14.60 -2.58 -36.77
N ALA A 422 15.07 -2.10 -37.92
CA ALA A 422 16.02 -1.00 -37.94
C ALA A 422 15.32 0.31 -37.59
N ARG A 423 16.13 1.34 -37.36
CA ARG A 423 15.61 2.65 -37.00
C ARG A 423 15.57 3.59 -38.21
N PRO A 431 24.49 0.37 -36.94
CA PRO A 431 24.50 -0.47 -35.74
C PRO A 431 25.89 -0.64 -35.15
N GLU A 432 26.32 0.33 -34.34
CA GLU A 432 27.65 0.29 -33.75
C GLU A 432 27.57 0.12 -32.24
N GLY A 433 26.78 -0.85 -31.78
CA GLY A 433 26.76 -1.16 -30.37
C GLY A 433 28.04 -1.84 -29.92
N GLN A 434 28.25 -1.84 -28.61
CA GLN A 434 29.46 -2.43 -28.04
C GLN A 434 29.38 -3.95 -28.11
N TYR A 435 30.22 -4.55 -28.94
CA TYR A 435 30.27 -6.01 -29.08
C TYR A 435 31.28 -6.60 -28.10
N GLU A 437 32.75 -10.49 -26.68
CA GLU A 437 32.77 -11.95 -26.68
C GLU A 437 33.93 -12.44 -25.82
N ASP A 438 33.85 -12.16 -24.51
CA ASP A 438 34.89 -12.54 -23.57
C ASP A 438 34.47 -13.67 -22.65
N GLU A 439 33.32 -13.55 -21.99
CA GLU A 439 32.87 -14.54 -21.03
C GLU A 439 32.06 -15.64 -21.73
N ASP A 440 32.31 -16.88 -21.31
CA ASP A 440 31.58 -18.02 -21.84
C ASP A 440 30.84 -18.73 -20.71
N ASP A 442 28.86 -22.07 -19.50
CA ASP A 442 28.55 -23.48 -19.68
C ASP A 442 28.20 -24.14 -18.36
N THR A 443 27.11 -24.90 -18.34
CA THR A 443 26.68 -25.62 -17.15
C THR A 443 26.36 -27.05 -17.60
N GLU A 444 25.65 -27.79 -16.76
CA GLU A 444 25.21 -29.13 -17.14
C GLU A 444 24.26 -29.10 -18.34
N GLU A 445 23.70 -27.93 -18.65
CA GLU A 445 22.83 -27.82 -19.81
C GLU A 445 23.63 -27.90 -21.11
N TYR A 446 24.67 -27.07 -21.22
CA TYR A 446 25.39 -26.94 -22.49
C TYR A 446 26.17 -28.19 -22.88
N ARG A 447 26.36 -29.15 -21.96
CA ARG A 447 26.84 -30.45 -22.36
C ARG A 447 25.74 -31.24 -23.08
N GLU A 448 24.48 -30.93 -22.80
CA GLU A 448 23.34 -31.48 -23.52
C GLU A 448 22.87 -30.57 -24.64
N ALA A 449 23.70 -29.60 -25.06
CA ALA A 449 23.32 -28.70 -26.12
C ALA A 449 23.11 -29.42 -27.45
N LYS A 450 23.63 -30.63 -27.59
CA LYS A 450 23.43 -31.42 -28.80
C LYS A 450 22.01 -31.94 -28.93
N ALA A 451 21.23 -31.92 -27.84
CA ALA A 451 19.85 -32.39 -27.84
C ALA A 451 18.96 -31.20 -27.47
N SER A 452 18.79 -30.29 -28.41
CA SER A 452 17.99 -29.09 -28.20
C SER A 452 17.65 -28.45 -29.54
N ILE A 453 16.52 -28.85 -30.14
CA ILE A 453 16.12 -28.26 -31.42
C ILE A 453 15.89 -26.77 -31.21
N ASN A 454 16.47 -25.97 -32.12
CA ASN A 454 16.75 -24.58 -31.79
C ASN A 454 15.51 -23.72 -31.55
N PRO A 455 14.47 -23.73 -32.40
CA PRO A 455 13.30 -22.90 -32.08
C PRO A 455 12.59 -23.34 -30.81
N VAL A 456 12.56 -24.65 -30.56
CA VAL A 456 11.87 -25.16 -29.38
C VAL A 456 12.79 -25.26 -28.17
N THR A 457 14.08 -25.54 -28.38
CA THR A 457 15.11 -25.58 -27.35
C THR A 457 14.84 -26.68 -26.32
N GLY A 458 15.56 -27.79 -26.45
CA GLY A 458 15.67 -28.79 -25.41
C GLY A 458 14.41 -29.55 -25.03
N ARG A 459 13.67 -30.05 -26.00
CA ARG A 459 12.50 -30.86 -25.70
C ARG A 459 12.68 -32.33 -26.02
N VAL A 460 13.64 -32.67 -26.87
CA VAL A 460 14.16 -34.03 -27.06
C VAL A 460 13.04 -35.06 -27.31
N GLU A 461 12.00 -34.65 -28.02
CA GLU A 461 10.96 -35.56 -28.49
C GLU A 461 11.12 -35.75 -29.99
N GLU A 462 11.31 -37.00 -30.40
CA GLU A 462 11.60 -37.35 -31.79
C GLU A 462 10.53 -38.30 -32.31
N LYS A 463 9.96 -37.97 -33.46
CA LYS A 463 8.92 -38.77 -34.08
C LYS A 463 9.27 -39.03 -35.54
N PRO A 464 8.83 -40.16 -36.09
CA PRO A 464 9.26 -40.55 -37.43
C PRO A 464 8.40 -39.89 -38.51
N PRO A 465 8.92 -39.77 -39.73
CA PRO A 465 8.07 -39.36 -40.84
C PRO A 465 7.13 -40.48 -41.24
N ASN A 466 5.87 -40.12 -41.47
CA ASN A 466 4.81 -41.11 -41.63
C ASN A 466 4.29 -41.37 -43.04
N PRO A 467 4.77 -40.71 -44.11
CA PRO A 467 4.28 -41.12 -45.44
C PRO A 467 4.76 -42.49 -45.88
N MET A 468 6.03 -42.84 -45.61
CA MET A 468 6.63 -44.17 -45.81
C MET A 468 6.91 -44.44 -47.29
N GLU A 469 6.90 -43.40 -48.13
CA GLU A 469 7.21 -43.46 -49.57
C GLU A 469 6.04 -43.99 -50.38
N GLY A 470 5.07 -44.66 -49.73
CA GLY A 470 3.87 -45.06 -50.44
C GLY A 470 3.15 -43.90 -51.08
N MET A 471 3.12 -42.74 -50.39
CA MET A 471 2.34 -41.61 -50.88
C MET A 471 3.05 -40.27 -50.71
N THR A 472 4.37 -40.26 -50.55
CA THR A 472 5.11 -38.99 -50.47
C THR A 472 4.76 -38.10 -51.66
N GLU A 473 4.91 -38.64 -52.87
CA GLU A 473 4.50 -37.92 -54.07
C GLU A 473 3.01 -37.62 -54.07
N GLU A 474 2.21 -38.45 -53.40
CA GLU A 474 0.79 -38.13 -53.24
C GLU A 474 0.57 -37.11 -52.12
N GLN A 475 1.39 -37.15 -51.06
CA GLN A 475 1.35 -36.11 -50.05
C GLN A 475 1.75 -34.76 -50.61
N LYS A 476 2.37 -34.73 -51.79
CA LYS A 476 2.71 -33.45 -52.41
C LYS A 476 1.48 -32.68 -52.91
N GLU A 477 0.29 -33.29 -52.93
CA GLU A 477 -0.90 -32.55 -53.36
C GLU A 477 -1.12 -31.28 -52.55
N HIS A 478 -0.56 -31.22 -51.34
CA HIS A 478 -0.59 -29.99 -50.56
C HIS A 478 0.23 -28.90 -51.25
N GLU A 479 1.24 -29.27 -52.04
CA GLU A 479 1.95 -28.27 -52.85
C GLU A 479 1.02 -27.66 -53.89
N ALA A 480 0.19 -28.47 -54.54
CA ALA A 480 -0.79 -27.93 -55.47
C ALA A 480 -1.83 -27.09 -54.74
N MET A 481 -2.14 -27.46 -53.48
CA MET A 481 -3.04 -26.63 -52.68
C MET A 481 -2.45 -25.25 -52.42
N LYS A 482 -1.17 -25.20 -52.04
CA LYS A 482 -0.54 -23.95 -51.63
C LYS A 482 -0.05 -23.10 -52.78
N LEU A 483 0.16 -23.69 -53.97
CA LEU A 483 0.74 -22.95 -55.09
C LEU A 483 -0.18 -21.86 -55.60
N VAL A 484 -1.48 -21.95 -55.36
CA VAL A 484 -2.41 -20.96 -55.90
C VAL A 484 -2.23 -19.59 -55.26
N ASN A 485 -1.56 -19.50 -54.12
CA ASN A 485 -1.37 -18.24 -53.41
C ASN A 485 -0.05 -17.55 -53.74
N MET A 486 0.84 -18.20 -54.49
CA MET A 486 2.17 -17.63 -54.70
C MET A 486 2.13 -16.43 -55.64
N PHE A 487 1.55 -16.61 -56.83
CA PHE A 487 1.50 -15.52 -57.79
C PHE A 487 0.65 -14.37 -57.25
N ASP A 488 1.13 -13.14 -57.43
CA ASP A 488 0.52 -12.01 -56.76
C ASP A 488 -0.31 -11.13 -57.69
N LYS A 489 0.33 -10.25 -58.46
CA LYS A 489 -0.39 -9.12 -59.05
C LYS A 489 -1.24 -9.55 -60.24
N LEU A 490 -0.68 -10.30 -61.19
CA LEU A 490 -1.41 -10.68 -62.39
C LEU A 490 -1.26 -12.17 -62.67
N SER A 491 -2.30 -12.76 -63.24
CA SER A 491 -2.22 -14.13 -63.73
C SER A 491 -1.31 -14.21 -64.96
N ARG A 492 -1.63 -13.42 -65.98
CA ARG A 492 -0.83 -13.32 -67.21
C ARG A 492 -0.54 -14.68 -67.85
N VAL B 2 19.49 38.55 -6.13
CA VAL B 2 19.68 38.86 -7.54
C VAL B 2 21.04 39.51 -7.74
N GLN B 3 21.69 39.86 -6.63
CA GLN B 3 23.00 40.48 -6.65
C GLN B 3 24.07 39.40 -6.85
N LEU B 4 24.78 39.45 -7.97
CA LEU B 4 25.82 38.50 -8.30
C LEU B 4 27.18 39.15 -8.20
N GLN B 5 28.11 38.50 -7.50
CA GLN B 5 29.47 38.99 -7.31
C GLN B 5 30.43 37.82 -7.32
N GLU B 6 31.48 37.93 -8.13
CA GLU B 6 32.52 36.92 -8.20
C GLU B 6 33.77 37.40 -7.45
N SER B 7 34.72 36.48 -7.28
CA SER B 7 35.96 36.79 -6.58
C SER B 7 37.01 35.74 -6.92
N GLY B 8 38.26 36.18 -6.97
CA GLY B 8 39.37 35.29 -7.25
C GLY B 8 39.49 34.92 -8.72
N GLY B 9 40.70 35.01 -9.27
CA GLY B 9 40.91 34.65 -10.65
C GLY B 9 42.17 35.22 -11.28
N GLY B 10 42.75 34.50 -12.23
CA GLY B 10 43.88 34.98 -13.00
C GLY B 10 45.22 34.76 -12.32
N LEU B 11 46.26 35.20 -13.03
CA LEU B 11 47.64 35.19 -12.54
C LEU B 11 48.11 33.76 -12.24
N VAL B 12 48.37 33.03 -13.31
CA VAL B 12 48.80 31.64 -13.21
C VAL B 12 49.47 31.24 -14.52
N GLN B 13 50.35 30.24 -14.45
CA GLN B 13 51.04 29.61 -15.56
C GLN B 13 50.42 28.25 -15.86
N PRO B 14 50.67 27.68 -17.06
CA PRO B 14 50.12 26.35 -17.37
C PRO B 14 50.54 25.29 -16.36
N GLY B 15 49.56 24.77 -15.61
CA GLY B 15 49.83 23.77 -14.61
C GLY B 15 49.60 24.26 -13.20
N GLY B 16 48.70 25.23 -13.03
CA GLY B 16 48.43 25.79 -11.72
C GLY B 16 46.98 25.68 -11.30
N SER B 17 46.72 25.88 -10.02
CA SER B 17 45.38 25.77 -9.46
C SER B 17 44.89 27.15 -9.00
N LEU B 18 43.57 27.24 -8.84
CA LEU B 18 42.93 28.49 -8.41
C LEU B 18 41.47 28.21 -8.08
N ARG B 19 40.99 28.82 -7.01
CA ARG B 19 39.61 28.67 -6.57
C ARG B 19 38.84 29.94 -6.92
N LEU B 20 37.81 29.80 -7.75
CA LEU B 20 36.94 30.90 -8.14
C LEU B 20 35.66 30.82 -7.34
N SER B 21 35.39 31.84 -6.52
CA SER B 21 34.20 31.89 -5.70
C SER B 21 33.16 32.80 -6.33
N CYS B 22 31.92 32.67 -5.84
CA CYS B 22 30.80 33.45 -6.35
C CYS B 22 29.77 33.61 -5.26
N ALA B 23 29.51 34.85 -4.85
CA ALA B 23 28.55 35.16 -3.80
C ALA B 23 27.22 35.53 -4.43
N ALA B 24 26.16 34.85 -4.02
CA ALA B 24 24.81 35.10 -4.51
C ALA B 24 23.92 35.50 -3.33
N SER B 25 23.24 36.63 -3.47
CA SER B 25 22.41 37.17 -2.41
C SER B 25 21.09 37.66 -2.99
N GLY B 26 20.12 37.89 -2.11
CA GLY B 26 18.83 38.41 -2.49
C GLY B 26 17.83 37.38 -2.98
N ILE B 27 18.25 36.13 -3.21
CA ILE B 27 17.37 35.09 -3.71
C ILE B 27 17.58 33.83 -2.87
N ILE B 28 16.67 32.88 -3.05
CA ILE B 28 16.77 31.60 -2.37
C ILE B 28 17.93 30.80 -2.95
N PHE B 29 18.67 30.12 -2.08
CA PHE B 29 19.86 29.38 -2.48
C PHE B 29 19.66 27.87 -2.51
N ARG B 30 18.73 27.35 -1.70
CA ARG B 30 18.56 25.90 -1.59
C ARG B 30 17.86 25.30 -2.80
N SER B 31 17.15 26.10 -3.59
CA SER B 31 16.37 25.58 -4.70
C SER B 31 16.82 26.12 -6.05
N ASN B 32 17.97 26.78 -6.12
CA ASN B 32 18.50 27.35 -7.35
C ASN B 32 19.77 26.61 -7.73
N GLY B 33 19.79 26.04 -8.93
CA GLY B 33 20.96 25.35 -9.43
C GLY B 33 21.94 26.30 -10.08
N MET B 34 23.09 26.50 -9.45
CA MET B 34 24.07 27.46 -9.96
C MET B 34 24.89 26.83 -11.10
N ALA B 35 25.46 27.71 -11.93
CA ALA B 35 26.29 27.29 -13.04
C ALA B 35 27.38 28.32 -13.26
N TRP B 36 28.41 27.91 -13.99
CA TRP B 36 29.54 28.78 -14.32
C TRP B 36 29.63 28.92 -15.83
N TYR B 37 29.88 30.14 -16.29
CA TYR B 37 29.97 30.45 -17.71
C TYR B 37 31.35 31.00 -18.04
N ARG B 38 31.77 30.78 -19.29
CA ARG B 38 33.13 31.07 -19.73
C ARG B 38 33.05 32.03 -20.91
N GLN B 39 33.50 33.27 -20.70
CA GLN B 39 33.47 34.31 -21.73
C GLN B 39 34.84 34.35 -22.39
N ALA B 40 34.97 33.64 -23.52
CA ALA B 40 36.23 33.62 -24.24
C ALA B 40 36.49 34.97 -24.91
N PRO B 41 37.77 35.35 -25.07
CA PRO B 41 38.07 36.63 -25.72
C PRO B 41 37.64 36.68 -27.17
N GLY B 42 36.35 36.89 -27.40
CA GLY B 42 35.80 36.96 -28.74
C GLY B 42 34.36 37.46 -28.74
N LYS B 43 33.47 36.71 -29.38
CA LYS B 43 32.05 37.03 -29.41
C LYS B 43 31.20 35.84 -28.99
N GLU B 44 31.79 34.93 -28.21
CA GLU B 44 31.09 33.74 -27.74
C GLU B 44 31.19 33.66 -26.23
N ARG B 45 30.26 32.89 -25.64
CA ARG B 45 30.18 32.74 -24.19
C ARG B 45 29.95 31.26 -23.89
N GLU B 46 31.01 30.57 -23.51
CA GLU B 46 30.96 29.14 -23.27
C GLU B 46 30.37 28.83 -21.89
N TRP B 47 29.91 27.59 -21.73
CA TRP B 47 29.38 27.10 -20.47
C TRP B 47 30.42 26.21 -19.80
N VAL B 48 30.80 26.56 -18.57
CA VAL B 48 31.80 25.79 -17.84
C VAL B 48 31.18 24.54 -17.25
N ALA B 49 30.38 24.69 -16.21
CA ALA B 49 29.79 23.57 -15.51
C ALA B 49 28.59 24.06 -14.71
N SER B 50 27.86 23.11 -14.13
CA SER B 50 26.67 23.42 -13.35
C SER B 50 26.51 22.38 -12.25
N ILE B 51 25.77 22.76 -11.21
CA ILE B 51 25.41 21.85 -10.13
C ILE B 51 23.94 22.07 -9.76
N THR B 52 23.36 21.06 -9.12
CA THR B 52 21.96 21.09 -8.74
C THR B 52 21.84 21.63 -7.31
N SER B 53 20.68 21.42 -6.68
CA SER B 53 20.54 21.77 -5.27
C SER B 53 21.37 20.85 -4.39
N PHE B 54 21.60 19.62 -4.83
CA PHE B 54 22.47 18.68 -4.16
C PHE B 54 23.88 18.79 -4.74
N GLY B 55 24.81 17.99 -4.21
CA GLY B 55 26.17 17.99 -4.70
C GLY B 55 26.35 17.43 -6.10
N ASP B 56 25.26 17.09 -6.79
CA ASP B 56 25.35 16.58 -8.15
C ASP B 56 25.99 17.63 -9.05
N ALA B 57 27.10 17.26 -9.70
CA ALA B 57 27.85 18.16 -10.55
C ALA B 57 27.87 17.63 -11.98
N ILE B 58 27.97 18.55 -12.93
CA ILE B 58 28.04 18.23 -14.35
C ILE B 58 29.14 19.09 -14.98
N TYR B 59 30.17 18.45 -15.49
CA TYR B 59 31.32 19.14 -16.07
C TYR B 59 31.26 19.10 -17.59
N ARG B 60 31.96 20.05 -18.22
CA ARG B 60 32.07 20.08 -19.67
C ARG B 60 33.11 19.07 -20.13
N ASP B 61 32.85 18.46 -21.29
CA ASP B 61 33.75 17.44 -21.82
C ASP B 61 35.17 17.97 -21.99
N SER B 62 35.33 19.28 -22.20
CA SER B 62 36.65 19.87 -22.34
C SER B 62 37.34 20.09 -21.00
N VAL B 63 36.59 20.06 -19.89
CA VAL B 63 37.16 20.26 -18.56
C VAL B 63 36.88 19.06 -17.66
N LYS B 64 36.55 17.92 -18.24
CA LYS B 64 36.28 16.71 -17.47
C LYS B 64 37.55 16.23 -16.78
N GLY B 65 37.47 16.02 -15.47
CA GLY B 65 38.59 15.53 -14.69
C GLY B 65 39.57 16.59 -14.24
N ARG B 66 39.34 17.86 -14.57
CA ARG B 66 40.24 18.94 -14.18
C ARG B 66 39.59 20.00 -13.32
N PHE B 67 38.27 20.21 -13.45
CA PHE B 67 37.55 21.17 -12.64
C PHE B 67 36.61 20.46 -11.68
N THR B 68 36.31 21.13 -10.57
CA THR B 68 35.34 20.65 -9.59
C THR B 68 34.58 21.83 -9.02
N ILE B 69 33.31 21.60 -8.68
CA ILE B 69 32.44 22.64 -8.15
C ILE B 69 32.09 22.29 -6.71
N SER B 70 32.32 23.23 -5.80
CA SER B 70 31.91 23.12 -4.42
C SER B 70 30.59 23.85 -4.21
N ARG B 71 29.81 23.38 -3.23
CA ARG B 71 28.52 23.98 -2.92
C ARG B 71 28.57 24.86 -1.68
N ASP B 72 29.04 24.31 -0.56
CA ASP B 72 29.09 25.01 0.72
C ASP B 72 27.69 25.51 1.11
N ASN B 73 26.85 24.54 1.45
CA ASN B 73 25.46 24.84 1.83
C ASN B 73 25.41 25.65 3.12
N ALA B 74 24.28 26.31 3.33
CA ALA B 74 24.05 27.21 4.46
C ALA B 74 24.99 28.41 4.41
N ARG B 75 25.85 28.46 3.41
CA ARG B 75 26.79 29.56 3.21
C ARG B 75 26.52 30.10 1.81
N ASN B 76 25.81 31.23 1.75
CA ASN B 76 25.34 31.78 0.49
C ASN B 76 26.50 32.14 -0.44
N ALA B 77 27.10 31.13 -1.07
CA ALA B 77 28.22 31.29 -1.98
C ALA B 77 28.42 29.96 -2.70
N VAL B 78 29.21 29.99 -3.77
CA VAL B 78 29.53 28.79 -4.54
C VAL B 78 30.95 28.92 -5.06
N SER B 79 31.68 27.81 -5.04
CA SER B 79 33.08 27.79 -5.44
C SER B 79 33.25 26.94 -6.70
N LEU B 80 34.38 27.15 -7.38
CA LEU B 80 34.73 26.38 -8.57
C LEU B 80 36.24 26.24 -8.62
N GLN B 81 36.73 25.02 -8.45
CA GLN B 81 38.16 24.76 -8.51
C GLN B 81 38.59 24.56 -9.95
N THR B 82 39.69 25.20 -10.33
CA THR B 82 40.28 25.07 -11.66
C THR B 82 41.71 24.56 -11.50
N ASN B 83 41.97 23.33 -11.90
CA ASN B 83 43.24 22.67 -11.69
C ASN B 83 43.81 22.18 -13.00
N SER B 84 45.13 22.29 -13.15
CA SER B 84 45.86 21.80 -14.32
C SER B 84 45.29 22.41 -15.61
N LEU B 85 45.20 23.74 -15.64
CA LEU B 85 44.60 24.44 -16.76
C LEU B 85 45.56 24.50 -17.95
N LYS B 86 44.98 24.47 -19.15
CA LYS B 86 45.74 24.49 -20.39
C LYS B 86 45.88 25.93 -20.89
N THR B 87 46.55 26.08 -22.03
CA THR B 87 46.74 27.40 -22.62
C THR B 87 45.46 27.97 -23.23
N GLU B 88 44.43 27.15 -23.40
CA GLU B 88 43.16 27.61 -23.95
C GLU B 88 42.15 28.00 -22.88
N ASP B 89 42.43 27.71 -21.61
CA ASP B 89 41.52 28.00 -20.51
C ASP B 89 41.59 29.45 -20.05
N THR B 90 42.15 30.35 -20.84
CA THR B 90 42.22 31.77 -20.50
C THR B 90 40.96 32.45 -21.02
N ALA B 91 40.13 32.95 -20.10
CA ALA B 91 38.88 33.61 -20.44
C ALA B 91 38.33 34.27 -19.18
N VAL B 92 37.25 35.01 -19.34
CA VAL B 92 36.52 35.59 -18.22
C VAL B 92 35.42 34.63 -17.82
N TYR B 93 35.24 34.44 -16.51
CA TYR B 93 34.32 33.45 -16.00
C TYR B 93 33.20 34.13 -15.21
N TYR B 94 31.96 33.67 -15.43
CA TYR B 94 30.79 34.19 -14.76
C TYR B 94 30.08 33.05 -14.03
N CYS B 95 29.31 33.42 -13.00
CA CYS B 95 28.45 32.49 -12.29
C CYS B 95 27.01 32.96 -12.40
N ASN B 96 26.09 31.99 -12.50
CA ASN B 96 24.67 32.30 -12.64
C ASN B 96 23.88 31.03 -12.38
N THR B 97 22.61 31.21 -12.05
CA THR B 97 21.71 30.08 -11.87
C THR B 97 21.52 29.37 -13.21
N TYR B 98 21.65 28.04 -13.20
CA TYR B 98 21.57 27.31 -14.47
C TYR B 98 20.16 27.28 -15.03
N PRO B 99 19.11 26.95 -14.27
CA PRO B 99 17.77 26.99 -14.87
C PRO B 99 17.34 28.37 -15.34
N VAL B 100 17.42 29.38 -14.46
CA VAL B 100 17.03 30.74 -14.79
C VAL B 100 18.30 31.59 -14.90
N ASN B 101 18.57 32.08 -16.10
CA ASN B 101 19.73 32.94 -16.33
C ASN B 101 19.36 34.37 -15.92
N SER B 102 19.71 34.73 -14.69
CA SER B 102 19.47 36.08 -14.19
C SER B 102 20.53 37.02 -14.79
N ALA B 103 20.60 38.24 -14.27
CA ALA B 103 21.56 39.21 -14.79
C ALA B 103 22.98 38.79 -14.45
N TRP B 104 23.86 38.79 -15.44
CA TRP B 104 25.26 38.47 -15.21
C TRP B 104 25.92 39.53 -14.32
N GLY B 105 26.95 39.12 -13.60
CA GLY B 105 27.63 40.03 -12.70
C GLY B 105 28.86 40.68 -13.30
N GLN B 106 29.95 40.74 -12.53
CA GLN B 106 31.18 41.35 -12.99
C GLN B 106 32.11 40.35 -13.66
N GLY B 107 32.34 39.21 -13.03
CA GLY B 107 33.23 38.20 -13.56
C GLY B 107 34.68 38.45 -13.20
N THR B 108 35.48 37.40 -13.32
CA THR B 108 36.91 37.47 -13.04
C THR B 108 37.69 36.99 -14.25
N GLN B 109 38.78 37.70 -14.55
CA GLN B 109 39.65 37.33 -15.66
C GLN B 109 40.54 36.16 -15.26
N VAL B 110 40.78 35.26 -16.20
CA VAL B 110 41.67 34.12 -16.01
C VAL B 110 42.70 34.14 -17.13
N THR B 111 43.98 34.18 -16.76
CA THR B 111 45.09 34.24 -17.71
C THR B 111 46.02 33.07 -17.49
N VAL B 112 46.37 32.38 -18.57
CA VAL B 112 47.29 31.26 -18.52
C VAL B 112 48.69 31.66 -18.97
N SER B 113 48.79 32.52 -19.98
CA SER B 113 50.07 32.94 -20.55
C SER B 113 50.93 31.74 -20.95
N VAL C 2 -36.59 16.49 17.26
CA VAL C 2 -36.72 16.02 18.64
C VAL C 2 -38.14 15.52 18.87
N GLN C 3 -39.06 15.89 17.98
CA GLN C 3 -40.46 15.51 18.12
C GLN C 3 -40.65 14.10 17.56
N LEU C 4 -40.96 13.16 18.45
CA LEU C 4 -41.19 11.76 18.08
C LEU C 4 -42.69 11.50 18.18
N GLN C 5 -43.32 11.24 17.04
CA GLN C 5 -44.76 10.99 16.98
C GLN C 5 -45.01 9.55 16.56
N GLU C 6 -45.69 8.79 17.42
CA GLU C 6 -46.08 7.42 17.13
C GLU C 6 -47.49 7.38 16.56
N SER C 7 -47.79 6.29 15.87
CA SER C 7 -49.09 6.12 15.24
C SER C 7 -49.38 4.63 15.08
N GLY C 8 -50.64 4.26 15.28
CA GLY C 8 -51.06 2.88 15.16
C GLY C 8 -51.33 2.22 16.49
N GLY C 9 -52.58 2.26 16.95
CA GLY C 9 -52.94 1.67 18.22
C GLY C 9 -54.23 0.87 18.17
N GLY C 10 -54.99 0.91 19.26
CA GLY C 10 -56.25 0.18 19.32
C GLY C 10 -56.13 -1.17 19.99
N LEU C 11 -56.75 -2.19 19.41
CA LEU C 11 -56.71 -3.53 19.95
C LEU C 11 -57.23 -4.51 18.90
N VAL C 12 -56.61 -5.69 18.84
CA VAL C 12 -57.03 -6.77 17.95
C VAL C 12 -56.99 -8.06 18.75
N GLN C 13 -57.85 -9.01 18.37
CA GLN C 13 -57.84 -10.33 18.98
C GLN C 13 -56.49 -11.00 18.77
N PRO C 14 -56.14 -11.97 19.62
CA PRO C 14 -54.84 -12.65 19.49
C PRO C 14 -54.66 -13.24 18.10
N GLY C 15 -53.42 -13.15 17.60
CA GLY C 15 -53.09 -13.60 16.27
C GLY C 15 -53.14 -12.51 15.21
N GLY C 16 -53.44 -11.27 15.59
CA GLY C 16 -53.53 -10.19 14.63
C GLY C 16 -52.20 -9.50 14.39
N SER C 17 -52.16 -8.71 13.32
CA SER C 17 -50.98 -7.96 12.93
C SER C 17 -51.27 -6.47 12.97
N LEU C 18 -50.24 -5.69 13.29
CA LEU C 18 -50.37 -4.23 13.35
C LEU C 18 -49.01 -3.61 13.12
N ARG C 19 -48.98 -2.54 12.33
CA ARG C 19 -47.74 -1.84 11.99
C ARG C 19 -47.73 -0.51 12.75
N LEU C 20 -47.00 -0.47 13.86
CA LEU C 20 -46.87 0.75 14.65
C LEU C 20 -45.74 1.59 14.06
N SER C 21 -46.10 2.75 13.50
CA SER C 21 -45.11 3.61 12.88
C SER C 21 -44.73 4.74 13.83
N CYS C 22 -43.60 5.38 13.55
CA CYS C 22 -43.23 6.60 14.26
C CYS C 22 -42.32 7.44 13.38
N ALA C 23 -42.52 8.75 13.47
CA ALA C 23 -41.77 9.73 12.71
C ALA C 23 -41.03 10.67 13.65
N ALA C 24 -39.86 11.11 13.20
CA ALA C 24 -38.98 12.00 13.96
C ALA C 24 -38.84 13.30 13.19
N SER C 25 -39.40 14.38 13.73
CA SER C 25 -39.29 15.70 13.15
C SER C 25 -38.42 16.57 14.04
N GLY C 26 -37.31 17.06 13.49
CA GLY C 26 -36.41 17.94 14.21
C GLY C 26 -35.04 17.37 14.51
N ILE C 27 -34.76 16.13 14.10
CA ILE C 27 -33.47 15.50 14.35
C ILE C 27 -32.98 14.81 13.09
N ILE C 28 -31.69 14.53 13.06
CA ILE C 28 -31.11 13.81 11.93
C ILE C 28 -31.52 12.34 12.00
N PHE C 29 -31.53 11.70 10.84
CA PHE C 29 -32.02 10.32 10.73
C PHE C 29 -31.03 9.34 10.12
N ARG C 30 -30.00 9.81 9.43
CA ARG C 30 -29.04 8.90 8.80
C ARG C 30 -28.13 8.22 9.81
N SER C 31 -27.96 8.81 11.00
CA SER C 31 -27.06 8.26 12.01
C SER C 31 -27.80 7.53 13.12
N ASN C 32 -28.81 8.18 13.72
CA ASN C 32 -29.49 7.62 14.89
C ASN C 32 -30.20 6.32 14.52
N GLY C 33 -30.00 5.29 15.35
CA GLY C 33 -30.71 4.05 15.23
C GLY C 33 -31.83 3.99 16.25
N MET C 34 -33.05 3.83 15.78
CA MET C 34 -34.21 3.91 16.64
C MET C 34 -34.41 2.60 17.41
N ALA C 35 -35.45 2.58 18.25
CA ALA C 35 -35.74 1.44 19.10
C ALA C 35 -37.18 1.54 19.59
N TRP C 36 -37.77 0.39 19.86
CA TRP C 36 -39.13 0.29 20.38
C TRP C 36 -39.08 -0.29 21.79
N TYR C 37 -39.71 0.41 22.72
CA TYR C 37 -39.89 0.00 24.11
C TYR C 37 -41.36 -0.27 24.37
N ARG C 38 -41.63 -1.00 25.46
CA ARG C 38 -42.98 -1.48 25.78
C ARG C 38 -43.21 -1.33 27.28
N GLN C 39 -44.03 -0.36 27.66
CA GLN C 39 -44.38 -0.15 29.06
C GLN C 39 -45.65 -0.93 29.38
N ALA C 40 -45.53 -1.90 30.28
CA ALA C 40 -46.64 -2.73 30.74
C ALA C 40 -47.35 -2.08 31.92
N PRO C 41 -48.66 -2.26 32.03
CA PRO C 41 -49.39 -1.67 33.17
C PRO C 41 -48.97 -2.31 34.48
N GLY C 42 -48.78 -1.47 35.49
CA GLY C 42 -48.24 -1.94 36.76
C GLY C 42 -46.79 -2.36 36.71
N LYS C 43 -46.09 -2.06 35.63
CA LYS C 43 -44.69 -2.45 35.46
C LYS C 43 -43.95 -1.28 34.82
N GLU C 44 -42.69 -1.51 34.46
CA GLU C 44 -41.86 -0.49 33.86
C GLU C 44 -41.73 -0.71 32.35
N ARG C 45 -41.08 0.25 31.69
CA ARG C 45 -40.91 0.21 30.25
C ARG C 45 -39.95 -0.90 29.87
N GLU C 46 -40.46 -1.94 29.23
CA GLU C 46 -39.65 -3.06 28.79
C GLU C 46 -39.18 -2.84 27.36
N TRP C 47 -37.91 -3.16 27.10
CA TRP C 47 -37.33 -2.96 25.79
C TRP C 47 -37.80 -4.05 24.84
N VAL C 48 -38.39 -3.66 23.72
CA VAL C 48 -38.82 -4.63 22.70
C VAL C 48 -37.66 -4.92 21.77
N ALA C 49 -37.21 -3.90 21.04
CA ALA C 49 -36.21 -4.14 20.00
C ALA C 49 -35.52 -2.82 19.64
N SER C 50 -34.52 -2.92 18.77
CA SER C 50 -33.77 -1.77 18.30
C SER C 50 -33.24 -2.06 16.90
N ILE C 51 -32.83 -1.01 16.21
CA ILE C 51 -32.32 -1.12 14.84
C ILE C 51 -31.10 -0.22 14.69
N THR C 52 -30.19 -0.63 13.79
CA THR C 52 -28.96 0.11 13.56
C THR C 52 -29.20 1.21 12.52
N SER C 53 -28.12 1.78 12.01
CA SER C 53 -28.21 2.84 11.01
C SER C 53 -28.39 2.31 9.60
N PHE C 54 -28.43 0.99 9.42
CA PHE C 54 -28.56 0.41 8.08
C PHE C 54 -29.21 -0.97 8.15
N GLY C 55 -30.47 -1.01 8.57
CA GLY C 55 -31.32 -2.19 8.50
C GLY C 55 -31.21 -3.26 9.59
N ASP C 56 -30.00 -3.50 10.11
CA ASP C 56 -29.81 -4.56 11.09
C ASP C 56 -30.64 -4.29 12.34
N ALA C 57 -31.42 -5.28 12.74
CA ALA C 57 -32.35 -5.15 13.87
C ALA C 57 -32.11 -6.26 14.88
N ILE C 58 -32.13 -5.90 16.16
CA ILE C 58 -31.96 -6.83 17.25
C ILE C 58 -33.28 -6.93 18.01
N TYR C 59 -33.80 -8.14 18.14
CA TYR C 59 -35.07 -8.38 18.80
C TYR C 59 -34.86 -8.96 20.20
N ARG C 60 -35.95 -9.15 20.92
CA ARG C 60 -35.93 -9.78 22.23
C ARG C 60 -36.32 -11.25 22.10
N ASP C 61 -35.70 -12.10 22.92
CA ASP C 61 -35.92 -13.54 22.83
C ASP C 61 -37.38 -13.92 23.11
N SER C 62 -38.14 -13.06 23.80
CA SER C 62 -39.55 -13.34 24.04
C SER C 62 -40.43 -12.94 22.87
N VAL C 63 -39.95 -12.03 22.01
CA VAL C 63 -40.70 -11.57 20.84
C VAL C 63 -39.95 -11.85 19.54
N LYS C 64 -38.84 -12.57 19.60
CA LYS C 64 -38.08 -12.89 18.40
C LYS C 64 -38.90 -13.79 17.49
N GLY C 65 -38.78 -13.56 16.18
CA GLY C 65 -39.53 -14.35 15.23
C GLY C 65 -41.00 -14.03 15.16
N ARG C 66 -41.42 -12.91 15.73
CA ARG C 66 -42.82 -12.50 15.68
C ARG C 66 -42.93 -11.05 15.20
N PHE C 67 -41.95 -10.23 15.53
CA PHE C 67 -41.95 -8.82 15.19
C PHE C 67 -40.86 -8.52 14.17
N THR C 68 -40.99 -7.37 13.51
CA THR C 68 -40.03 -6.93 12.51
C THR C 68 -39.90 -5.42 12.56
N ILE C 69 -38.71 -4.91 12.28
CA ILE C 69 -38.44 -3.48 12.25
C ILE C 69 -38.11 -3.06 10.83
N SER C 70 -38.69 -1.94 10.40
CA SER C 70 -38.45 -1.38 9.08
C SER C 70 -38.17 0.11 9.23
N ARG C 71 -36.94 0.51 8.96
CA ARG C 71 -36.51 1.90 9.07
C ARG C 71 -36.33 2.47 7.67
N ASP C 72 -37.26 3.32 7.24
CA ASP C 72 -37.14 3.96 5.94
C ASP C 72 -36.17 5.13 6.05
N ASN C 73 -35.06 5.04 5.31
CA ASN C 73 -34.03 6.08 5.40
C ASN C 73 -34.57 7.46 5.03
N ALA C 74 -35.60 7.50 4.19
CA ALA C 74 -36.22 8.76 3.81
C ALA C 74 -37.41 9.08 4.71
N ARG C 75 -37.86 10.34 4.62
CA ARG C 75 -39.02 10.88 5.34
C ARG C 75 -39.04 10.54 6.83
N ASN C 76 -37.89 10.15 7.38
CA ASN C 76 -37.68 9.96 8.81
C ASN C 76 -38.82 9.15 9.45
N ALA C 77 -38.90 7.89 9.05
CA ALA C 77 -39.94 6.99 9.52
C ALA C 77 -39.33 5.65 9.89
N VAL C 78 -39.80 5.08 10.99
CA VAL C 78 -39.44 3.71 11.36
C VAL C 78 -40.65 3.04 12.01
N SER C 79 -40.87 1.78 11.65
CA SER C 79 -42.08 1.07 12.01
C SER C 79 -41.75 -0.31 12.56
N LEU C 80 -42.64 -0.79 13.43
CA LEU C 80 -42.56 -2.12 14.02
C LEU C 80 -43.81 -2.89 13.58
N GLN C 81 -43.62 -3.94 12.79
CA GLN C 81 -44.70 -4.82 12.37
C GLN C 81 -44.81 -5.96 13.37
N THR C 82 -46.00 -6.14 13.94
CA THR C 82 -46.26 -7.17 14.95
C THR C 82 -47.26 -8.15 14.37
N ASN C 83 -46.81 -9.38 14.15
CA ASN C 83 -47.63 -10.44 13.56
C ASN C 83 -47.87 -11.52 14.60
N SER C 84 -49.12 -11.94 14.74
CA SER C 84 -49.52 -13.01 15.66
C SER C 84 -49.07 -12.68 17.09
N LEU C 85 -49.56 -11.55 17.59
CA LEU C 85 -49.23 -11.12 18.94
C LEU C 85 -50.00 -11.93 19.98
N LYS C 86 -49.36 -12.17 21.11
CA LYS C 86 -49.96 -12.96 22.18
C LYS C 86 -50.81 -12.05 23.08
N THR C 87 -51.18 -12.57 24.25
CA THR C 87 -51.97 -11.80 25.21
C THR C 87 -51.11 -10.95 26.13
N GLU C 88 -49.87 -11.37 26.38
CA GLU C 88 -48.97 -10.59 27.22
C GLU C 88 -48.49 -9.31 26.56
N ASP C 89 -48.73 -9.14 25.26
CA ASP C 89 -48.26 -7.96 24.54
C ASP C 89 -49.07 -6.71 24.84
N THR C 90 -50.16 -6.83 25.60
CA THR C 90 -51.00 -5.68 25.92
C THR C 90 -50.24 -4.68 26.78
N ALA C 91 -49.83 -3.57 26.18
CA ALA C 91 -49.04 -2.54 26.85
C ALA C 91 -49.05 -1.30 25.97
N VAL C 92 -48.27 -0.29 26.34
CA VAL C 92 -48.13 0.92 25.54
C VAL C 92 -46.74 0.91 24.91
N TYR C 93 -46.69 1.04 23.59
CA TYR C 93 -45.45 0.99 22.83
C TYR C 93 -44.94 2.40 22.58
N TYR C 94 -43.64 2.59 22.83
CA TYR C 94 -42.97 3.87 22.64
C TYR C 94 -41.82 3.71 21.65
N CYS C 95 -41.57 4.77 20.89
CA CYS C 95 -40.54 4.76 19.84
C CYS C 95 -39.51 5.81 20.21
N ASN C 96 -38.31 5.36 20.59
CA ASN C 96 -37.25 6.28 20.99
C ASN C 96 -35.99 5.97 20.18
N THR C 97 -34.85 6.55 20.57
CA THR C 97 -33.57 6.24 19.96
C THR C 97 -32.74 5.43 20.95
N TYR C 98 -32.12 4.34 20.48
CA TYR C 98 -31.43 3.45 21.39
C TYR C 98 -30.07 4.00 21.83
N PRO C 99 -29.22 4.51 20.93
CA PRO C 99 -27.97 5.12 21.40
C PRO C 99 -28.19 6.31 22.32
N VAL C 100 -29.00 7.28 21.90
CA VAL C 100 -29.33 8.45 22.71
C VAL C 100 -30.78 8.32 23.17
N ASN C 101 -30.97 8.14 24.47
CA ASN C 101 -32.31 8.01 25.04
C ASN C 101 -32.91 9.41 25.16
N SER C 102 -33.53 9.87 24.07
CA SER C 102 -34.14 11.19 24.02
C SER C 102 -35.45 11.18 24.82
N ALA C 103 -36.21 12.27 24.70
CA ALA C 103 -37.50 12.36 25.38
C ALA C 103 -38.54 11.54 24.63
N TRP C 104 -39.25 10.69 25.36
CA TRP C 104 -40.29 9.87 24.76
C TRP C 104 -41.46 10.72 24.30
N GLY C 105 -42.35 10.12 23.52
CA GLY C 105 -43.55 10.77 23.03
C GLY C 105 -44.79 10.33 23.78
N GLN C 106 -45.89 10.21 23.05
CA GLN C 106 -47.14 9.74 23.64
C GLN C 106 -47.30 8.23 23.56
N GLY C 107 -46.72 7.59 22.55
CA GLY C 107 -46.83 6.15 22.40
C GLY C 107 -48.22 5.73 21.93
N THR C 108 -48.38 4.41 21.80
CA THR C 108 -49.64 3.84 21.35
C THR C 108 -50.06 2.71 22.28
N GLN C 109 -51.29 2.78 22.79
CA GLN C 109 -51.82 1.73 23.65
C GLN C 109 -52.34 0.59 22.80
N VAL C 110 -51.90 -0.64 23.10
CA VAL C 110 -52.31 -1.84 22.37
C VAL C 110 -52.76 -2.88 23.38
N THR C 111 -53.99 -3.38 23.21
CA THR C 111 -54.54 -4.43 24.04
C THR C 111 -55.09 -5.53 23.15
N VAL C 112 -55.69 -6.54 23.78
CA VAL C 112 -56.31 -7.64 23.05
C VAL C 112 -57.75 -7.85 23.54
N GLN D 3 -33.79 0.67 -13.50
CA GLN D 3 -34.35 0.04 -12.31
C GLN D 3 -35.80 0.48 -12.10
N LEU D 4 -36.14 1.62 -12.69
CA LEU D 4 -37.45 2.24 -12.49
C LEU D 4 -38.47 1.72 -13.50
N GLN D 5 -39.74 1.72 -13.08
CA GLN D 5 -40.83 1.25 -13.91
C GLN D 5 -42.03 2.17 -13.75
N GLU D 6 -42.82 2.31 -14.81
CA GLU D 6 -44.04 3.10 -14.78
C GLU D 6 -45.19 2.28 -15.36
N SER D 7 -46.40 2.60 -14.91
CA SER D 7 -47.61 1.91 -15.34
C SER D 7 -48.66 2.93 -15.77
N GLY D 8 -49.38 2.61 -16.84
CA GLY D 8 -50.41 3.49 -17.34
C GLY D 8 -50.50 3.48 -18.85
N GLY D 9 -51.72 3.32 -19.38
CA GLY D 9 -51.95 3.23 -20.81
C GLY D 9 -52.55 4.50 -21.38
N GLY D 10 -52.57 4.55 -22.71
CA GLY D 10 -53.14 5.68 -23.43
C GLY D 10 -53.91 5.24 -24.65
N LEU D 11 -55.23 5.45 -24.62
CA LEU D 11 -56.10 5.02 -25.72
C LEU D 11 -57.29 5.97 -25.82
N VAL D 12 -57.01 7.27 -25.90
CA VAL D 12 -58.03 8.31 -25.97
C VAL D 12 -57.73 9.19 -27.18
N GLN D 13 -58.79 9.62 -27.87
CA GLN D 13 -58.66 10.40 -29.10
C GLN D 13 -59.29 11.78 -29.04
N ALA D 14 -59.86 12.19 -27.89
CA ALA D 14 -60.53 13.49 -27.82
C ALA D 14 -60.58 13.96 -26.36
N GLY D 15 -59.55 14.71 -25.97
CA GLY D 15 -59.48 15.38 -24.68
C GLY D 15 -59.95 14.58 -23.48
N GLY D 16 -59.33 13.43 -23.25
CA GLY D 16 -59.72 12.55 -22.17
C GLY D 16 -58.92 12.77 -20.90
N SER D 17 -59.15 11.90 -19.93
CA SER D 17 -58.48 11.92 -18.65
C SER D 17 -57.71 10.62 -18.46
N LEU D 18 -56.40 10.73 -18.21
CA LEU D 18 -55.54 9.57 -18.02
C LEU D 18 -54.79 9.70 -16.70
N ARG D 19 -54.35 8.55 -16.19
CA ARG D 19 -53.55 8.48 -14.98
C ARG D 19 -52.28 7.68 -15.27
N LEU D 20 -51.14 8.23 -14.90
CA LEU D 20 -49.85 7.57 -15.08
C LEU D 20 -49.10 7.59 -13.76
N SER D 21 -48.65 6.42 -13.33
CA SER D 21 -47.94 6.25 -12.07
C SER D 21 -46.51 5.86 -12.31
N CYS D 22 -45.61 6.35 -11.46
CA CYS D 22 -44.19 6.01 -11.51
C CYS D 22 -43.79 5.38 -10.18
N ALA D 23 -43.31 4.15 -10.23
CA ALA D 23 -43.03 3.38 -9.03
C ALA D 23 -41.60 3.61 -8.56
N ALA D 24 -41.45 3.90 -7.26
CA ALA D 24 -40.13 4.08 -6.65
C ALA D 24 -39.54 2.70 -6.39
N SER D 25 -39.00 2.10 -7.45
CA SER D 25 -38.46 0.76 -7.36
C SER D 25 -37.06 0.74 -6.77
N GLY D 26 -36.29 1.81 -6.96
CA GLY D 26 -34.93 1.84 -6.46
C GLY D 26 -34.85 2.01 -4.96
N GLY D 27 -33.68 1.70 -4.41
CA GLY D 27 -33.47 1.78 -2.98
C GLY D 27 -32.83 3.07 -2.51
N ILE D 28 -32.12 3.75 -3.41
CA ILE D 28 -31.47 5.01 -3.04
C ILE D 28 -32.51 6.04 -2.67
N VAL D 29 -32.19 6.86 -1.67
CA VAL D 29 -33.11 7.88 -1.18
C VAL D 29 -32.64 9.27 -1.61
N HIS D 30 -33.34 10.30 -1.12
CA HIS D 30 -33.03 11.69 -1.45
C HIS D 30 -33.02 11.92 -2.96
N ILE D 31 -34.12 11.51 -3.61
CA ILE D 31 -34.26 11.75 -5.05
C ILE D 31 -34.73 13.17 -5.30
N SER D 32 -35.58 13.71 -4.41
CA SER D 32 -35.96 15.12 -4.39
C SER D 32 -36.66 15.61 -5.65
N SER D 33 -36.76 14.79 -6.70
CA SER D 33 -37.39 15.25 -7.92
C SER D 33 -37.94 14.06 -8.69
N MET D 34 -39.08 14.28 -9.35
CA MET D 34 -39.73 13.27 -10.18
C MET D 34 -40.47 13.96 -11.30
N GLY D 35 -40.28 13.49 -12.54
CA GLY D 35 -40.88 14.13 -13.68
C GLY D 35 -41.25 13.15 -14.78
N TRP D 36 -41.87 13.68 -15.83
CA TRP D 36 -42.31 12.90 -16.98
C TRP D 36 -41.88 13.59 -18.25
N PHE D 37 -41.84 12.82 -19.34
CA PHE D 37 -41.39 13.32 -20.64
C PHE D 37 -42.27 12.74 -21.75
N ARG D 38 -41.96 13.15 -22.99
CA ARG D 38 -42.67 12.68 -24.16
C ARG D 38 -41.74 12.82 -25.37
N GLN D 39 -41.66 11.77 -26.18
CA GLN D 39 -40.80 11.76 -27.36
C GLN D 39 -41.69 11.63 -28.61
N ALA D 40 -41.85 12.74 -29.32
CA ALA D 40 -42.60 12.71 -30.57
C ALA D 40 -41.84 11.85 -31.59
N PRO D 41 -42.56 11.19 -32.50
CA PRO D 41 -41.89 10.34 -33.50
C PRO D 41 -41.10 11.12 -34.55
N GLY D 42 -41.02 12.44 -34.44
CA GLY D 42 -40.26 13.24 -35.38
C GLY D 42 -39.12 14.02 -34.76
N LYS D 43 -39.18 14.20 -33.43
CA LYS D 43 -38.13 14.93 -32.73
C LYS D 43 -37.64 14.14 -31.52
N GLN D 44 -36.89 14.80 -30.63
CA GLN D 44 -36.32 14.15 -29.46
C GLN D 44 -37.27 14.29 -28.27
N ARG D 45 -36.76 14.14 -27.06
CA ARG D 45 -37.58 14.26 -25.87
C ARG D 45 -37.86 15.73 -25.54
N GLU D 46 -38.97 15.96 -24.84
CA GLU D 46 -39.38 17.29 -24.43
C GLU D 46 -39.80 17.28 -22.97
N LEU D 47 -39.63 18.42 -22.31
CA LEU D 47 -39.97 18.55 -20.90
C LEU D 47 -41.48 18.65 -20.73
N VAL D 48 -42.00 17.97 -19.70
CA VAL D 48 -43.43 17.96 -19.43
C VAL D 48 -43.71 18.64 -18.10
N ALA D 49 -43.24 18.04 -17.00
CA ALA D 49 -43.46 18.59 -15.67
C ALA D 49 -42.54 17.88 -14.69
N THR D 50 -41.98 18.64 -13.75
CA THR D 50 -41.13 18.11 -12.71
C THR D 50 -41.56 18.66 -11.36
N SER D 51 -41.22 17.92 -10.31
CA SER D 51 -41.50 18.33 -8.93
C SER D 51 -40.20 18.43 -8.16
N PRO D 52 -39.60 19.63 -8.06
CA PRO D 52 -38.25 19.74 -7.47
C PRO D 52 -38.20 19.61 -5.95
N SER D 53 -39.35 19.57 -5.27
CA SER D 53 -39.41 19.41 -3.82
C SER D 53 -38.59 20.46 -3.08
N ASN D 54 -38.45 21.64 -3.68
CA ASN D 54 -37.74 22.76 -3.05
C ASN D 54 -38.39 24.07 -3.47
N GLY D 55 -39.70 24.10 -3.49
CA GLY D 55 -40.44 25.26 -3.91
C GLY D 55 -41.76 24.84 -4.54
N ASP D 56 -42.09 25.47 -5.66
CA ASP D 56 -43.33 25.19 -6.38
C ASP D 56 -43.07 24.17 -7.48
N ILE D 57 -44.16 23.52 -7.91
CA ILE D 57 -44.08 22.57 -9.02
C ILE D 57 -43.93 23.35 -10.33
N ARG D 58 -43.19 22.77 -11.27
CA ARG D 58 -42.87 23.42 -12.54
C ARG D 58 -43.52 22.64 -13.68
N TYR D 59 -44.35 23.33 -14.45
CA TYR D 59 -44.95 22.77 -15.65
C TYR D 59 -44.12 23.16 -16.86
N ALA D 60 -44.65 22.92 -18.06
CA ALA D 60 -43.96 23.21 -19.30
C ALA D 60 -44.70 24.30 -20.08
N ASP D 61 -43.93 25.20 -20.69
CA ASP D 61 -44.51 26.23 -21.52
C ASP D 61 -45.09 25.69 -22.83
N SER D 62 -44.79 24.43 -23.17
CA SER D 62 -45.33 23.85 -24.40
C SER D 62 -46.83 23.69 -24.32
N VAL D 63 -47.32 23.02 -23.27
CA VAL D 63 -48.75 22.83 -23.03
C VAL D 63 -49.06 23.30 -21.62
N LYS D 64 -50.05 24.19 -21.50
CA LYS D 64 -50.46 24.74 -20.21
C LYS D 64 -51.77 24.14 -19.73
N GLY D 65 -52.09 22.92 -20.14
CA GLY D 65 -53.27 22.25 -19.66
C GLY D 65 -53.15 21.85 -18.20
N ARG D 66 -54.28 21.41 -17.64
CA ARG D 66 -54.34 21.01 -16.24
C ARG D 66 -53.81 19.58 -16.05
N PHE D 67 -52.55 19.40 -16.45
CA PHE D 67 -51.86 18.11 -16.30
C PHE D 67 -51.38 18.01 -14.85
N THR D 68 -52.31 17.66 -13.97
CA THR D 68 -52.03 17.65 -12.54
C THR D 68 -51.02 16.56 -12.20
N LEU D 69 -50.03 16.92 -11.38
CA LEU D 69 -48.98 16.00 -10.96
C LEU D 69 -48.82 16.08 -9.45
N SER D 70 -48.80 14.92 -8.80
CA SER D 70 -48.62 14.84 -7.35
C SER D 70 -47.91 13.54 -7.03
N ARG D 71 -47.70 13.30 -5.73
CA ARG D 71 -47.04 12.08 -5.27
C ARG D 71 -47.87 10.85 -5.59
N VAL D 78 -44.61 9.07 -8.05
CA VAL D 78 -45.57 10.15 -8.31
C VAL D 78 -46.76 9.64 -9.10
N SER D 79 -47.64 10.57 -9.47
CA SER D 79 -48.82 10.25 -10.27
C SER D 79 -49.19 11.48 -11.09
N LEU D 80 -49.30 11.30 -12.41
CA LEU D 80 -49.57 12.39 -13.33
C LEU D 80 -50.97 12.23 -13.89
N GLN D 81 -51.85 13.18 -13.61
CA GLN D 81 -53.21 13.19 -14.10
C GLN D 81 -53.30 14.14 -15.30
N MET D 82 -53.74 13.62 -16.43
CA MET D 82 -53.82 14.38 -17.68
C MET D 82 -55.25 14.84 -17.88
N ASN D 83 -55.53 16.09 -17.52
CA ASN D 83 -56.83 16.71 -17.70
C ASN D 83 -56.74 17.76 -18.81
N SER D 84 -57.87 17.97 -19.48
CA SER D 84 -57.92 18.81 -20.69
C SER D 84 -56.83 18.39 -21.66
N LEU D 85 -56.94 17.15 -22.14
CA LEU D 85 -55.84 16.50 -22.82
C LEU D 85 -55.57 17.12 -24.18
N GLU D 86 -56.54 17.02 -25.10
CA GLU D 86 -56.40 17.44 -26.49
C GLU D 86 -55.22 16.70 -27.12
N PRO D 87 -55.40 15.42 -27.49
CA PRO D 87 -54.27 14.58 -27.92
C PRO D 87 -53.85 14.83 -29.37
N GLU D 88 -53.43 16.05 -29.65
CA GLU D 88 -52.70 16.34 -30.88
C GLU D 88 -51.20 16.18 -30.67
N ASP D 89 -50.79 15.74 -29.48
CA ASP D 89 -49.40 15.58 -29.09
C ASP D 89 -49.08 14.12 -28.77
N THR D 90 -49.57 13.21 -29.62
CA THR D 90 -49.34 11.78 -29.39
C THR D 90 -47.85 11.47 -29.51
N ALA D 91 -47.34 10.73 -28.53
CA ALA D 91 -45.92 10.42 -28.45
C ALA D 91 -45.73 9.28 -27.45
N VAL D 92 -44.47 8.92 -27.23
CA VAL D 92 -44.11 7.91 -26.24
C VAL D 92 -43.64 8.62 -24.98
N TYR D 93 -44.19 8.23 -23.84
CA TYR D 93 -43.93 8.90 -22.58
C TYR D 93 -42.91 8.12 -21.75
N TYR D 94 -42.28 8.82 -20.81
CA TYR D 94 -41.30 8.23 -19.92
C TYR D 94 -41.38 8.93 -18.57
N CYS D 95 -41.01 8.20 -17.52
CA CYS D 95 -40.90 8.79 -16.19
C CYS D 95 -39.49 9.29 -15.96
N HIS D 96 -39.32 10.05 -14.87
CA HIS D 96 -38.01 10.64 -14.60
C HIS D 96 -37.85 10.95 -13.12
N SER D 97 -36.63 10.79 -12.63
CA SER D 97 -36.27 11.13 -11.25
C SER D 97 -34.76 11.01 -11.10
N PHE D 98 -34.28 11.26 -9.88
CA PHE D 98 -32.87 11.12 -9.56
C PHE D 98 -32.63 11.05 -8.06
N SER D 106 -21.83 8.87 -7.01
CA SER D 106 -22.98 7.98 -6.93
C SER D 106 -24.30 8.73 -7.09
N TYR D 107 -24.23 9.93 -7.69
CA TYR D 107 -25.40 10.76 -7.93
C TYR D 107 -25.68 10.81 -9.43
N ASN D 108 -26.93 10.56 -9.82
CA ASN D 108 -27.31 10.58 -11.22
C ASN D 108 -28.83 10.59 -11.31
N ASN D 109 -29.34 10.41 -12.53
CA ASN D 109 -30.74 10.51 -12.88
C ASN D 109 -31.10 9.40 -13.87
N TYR D 110 -32.35 8.95 -13.82
CA TYR D 110 -32.78 7.81 -14.62
C TYR D 110 -34.11 8.09 -15.32
N TYR D 111 -34.27 7.47 -16.49
CA TYR D 111 -35.48 7.59 -17.30
C TYR D 111 -36.37 6.35 -17.15
N GLY D 112 -36.00 5.29 -17.85
CA GLY D 112 -36.80 4.08 -17.88
C GLY D 112 -37.41 3.82 -19.24
N GLN D 113 -38.58 3.17 -19.25
CA GLN D 113 -39.32 2.90 -20.47
C GLN D 113 -40.76 3.34 -20.27
N GLY D 114 -41.50 3.45 -21.38
CA GLY D 114 -42.85 3.94 -21.27
C GLY D 114 -43.73 3.55 -22.43
N THR D 115 -45.01 3.91 -22.29
CA THR D 115 -46.05 3.51 -23.23
C THR D 115 -46.30 4.59 -24.27
N GLN D 116 -47.06 4.22 -25.29
CA GLN D 116 -47.39 5.11 -26.41
C GLN D 116 -48.90 5.29 -26.47
N VAL D 117 -49.33 6.40 -27.05
CA VAL D 117 -50.75 6.74 -27.18
C VAL D 117 -51.09 6.83 -28.66
N THR D 118 -52.09 6.07 -29.08
CA THR D 118 -52.57 6.10 -30.46
C THR D 118 -53.82 6.97 -30.53
N VAL D 119 -53.78 8.00 -31.37
CA VAL D 119 -54.85 8.98 -31.48
C VAL D 119 -55.30 9.07 -32.93
N SER D 120 -56.60 9.31 -33.12
CA SER D 120 -57.17 9.47 -34.45
C SER D 120 -58.47 10.26 -34.32
N SER D 121 -59.20 10.38 -35.43
CA SER D 121 -60.49 11.07 -35.48
C SER D 121 -60.40 12.50 -34.94
N GLN E 3 28.73 16.11 15.30
CA GLN E 3 30.03 15.47 15.16
C GLN E 3 31.15 16.48 15.42
N LEU E 4 30.81 17.58 16.07
CA LEU E 4 31.77 18.66 16.31
C LEU E 4 32.80 18.23 17.36
N GLN E 5 33.87 19.03 17.46
CA GLN E 5 34.92 18.82 18.42
C GLN E 5 35.36 20.16 18.99
N GLU E 6 36.12 20.10 20.08
CA GLU E 6 36.53 21.28 20.81
C GLU E 6 38.05 21.35 20.93
N SER E 7 38.54 22.55 21.22
CA SER E 7 39.98 22.78 21.38
C SER E 7 40.18 24.03 22.22
N GLY E 8 40.95 23.92 23.29
CA GLY E 8 41.21 25.06 24.15
C GLY E 8 42.29 24.76 25.18
N GLY E 9 42.79 25.83 25.78
CA GLY E 9 43.78 25.68 26.82
C GLY E 9 43.21 25.07 28.08
N GLY E 10 44.11 24.57 28.94
CA GLY E 10 43.65 23.80 30.08
C GLY E 10 44.22 24.18 31.44
N LEU E 11 44.98 25.26 31.55
CA LEU E 11 45.59 25.60 32.83
C LEU E 11 46.03 27.06 32.83
N VAL E 12 45.66 27.78 33.90
CA VAL E 12 46.13 29.13 34.17
C VAL E 12 46.45 29.23 35.65
N GLN E 13 47.40 30.10 36.00
CA GLN E 13 47.69 30.36 37.40
C GLN E 13 46.51 31.05 38.07
N ALA E 14 46.34 32.35 37.80
CA ALA E 14 45.23 33.11 38.37
C ALA E 14 45.04 34.39 37.57
N GLY E 15 43.81 34.70 37.23
CA GLY E 15 43.50 35.94 36.54
C GLY E 15 44.12 36.07 35.17
N GLY E 16 44.32 34.94 34.46
CA GLY E 16 44.90 34.96 33.14
C GLY E 16 43.86 34.91 32.04
N SER E 17 44.34 34.67 30.83
CA SER E 17 43.50 34.66 29.63
C SER E 17 43.60 33.29 28.95
N LEU E 18 42.50 32.90 28.32
CA LEU E 18 42.42 31.64 27.60
C LEU E 18 41.74 31.87 26.25
N ARG E 19 41.77 30.84 25.41
CA ARG E 19 41.12 30.90 24.11
C ARG E 19 40.60 29.50 23.77
N LEU E 20 39.28 29.35 23.80
CA LEU E 20 38.61 28.09 23.52
C LEU E 20 37.72 28.25 22.30
N SER E 21 37.74 27.25 21.42
CA SER E 21 37.05 27.35 20.13
C SER E 21 36.23 26.09 19.87
N CYS E 22 35.12 26.28 19.15
CA CYS E 22 34.26 25.19 18.71
C CYS E 22 33.86 25.43 17.26
N ALA E 23 33.76 24.34 16.50
CA ALA E 23 33.40 24.45 15.09
C ALA E 23 32.61 23.22 14.68
N ALA E 24 31.69 23.41 13.74
CA ALA E 24 30.88 22.31 13.22
C ALA E 24 31.76 21.32 12.48
N SER E 25 31.22 20.13 12.24
CA SER E 25 31.99 19.05 11.63
C SER E 25 31.05 18.08 10.93
N GLY E 26 31.21 17.96 9.62
CA GLY E 26 30.50 16.97 8.83
C GLY E 26 28.98 17.04 8.95
N GLY E 27 28.42 18.24 8.96
CA GLY E 27 26.99 18.38 9.09
C GLY E 27 26.44 19.71 8.62
N ILE E 28 25.29 19.64 7.94
CA ILE E 28 24.58 20.86 7.57
C ILE E 28 24.22 21.64 8.82
N VAL E 29 24.45 22.95 8.78
CA VAL E 29 24.35 23.77 9.98
C VAL E 29 23.00 24.49 10.05
N HIS E 30 22.89 25.63 9.38
CA HIS E 30 21.76 26.55 9.56
C HIS E 30 21.55 26.83 11.04
N ILE E 31 22.62 27.36 11.65
CA ILE E 31 22.70 27.50 13.11
C ILE E 31 21.66 28.50 13.62
N SER E 32 21.32 28.36 14.89
CA SER E 32 20.40 29.26 15.56
C SER E 32 20.98 29.87 16.82
N SER E 33 21.75 29.10 17.60
CA SER E 33 22.30 29.60 18.85
C SER E 33 23.52 28.78 19.23
N MET E 34 24.69 29.43 19.25
CA MET E 34 25.92 28.80 19.70
C MET E 34 26.23 29.21 21.14
N GLY E 35 26.65 28.24 21.95
CA GLY E 35 26.92 28.49 23.34
C GLY E 35 27.94 27.53 23.91
N TRP E 36 28.22 27.69 25.20
CA TRP E 36 29.18 26.87 25.92
C TRP E 36 28.57 26.44 27.25
N PHE E 37 29.31 25.59 27.97
CA PHE E 37 28.86 25.09 29.27
C PHE E 37 30.07 24.82 30.13
N ARG E 38 29.83 24.60 31.43
CA ARG E 38 30.89 24.23 32.35
C ARG E 38 30.30 23.39 33.47
N GLN E 39 31.05 22.39 33.93
CA GLN E 39 30.60 21.50 34.99
C GLN E 39 31.68 21.44 36.07
N ALA E 40 31.43 22.11 37.19
CA ALA E 40 32.36 22.08 38.31
C ALA E 40 32.34 20.72 38.98
N PRO E 41 33.44 20.31 39.61
CA PRO E 41 33.45 19.02 40.32
C PRO E 41 32.46 19.02 41.46
N GLY E 42 31.68 17.94 41.56
CA GLY E 42 30.61 17.84 42.52
C GLY E 42 29.36 18.61 42.16
N LYS E 43 29.43 19.54 41.22
CA LYS E 43 28.30 20.33 40.79
C LYS E 43 27.78 19.80 39.46
N GLN E 44 26.67 20.39 39.00
CA GLN E 44 26.05 20.01 37.74
C GLN E 44 26.51 20.94 36.63
N ARG E 45 25.98 20.72 35.43
CA ARG E 45 26.31 21.58 34.30
C ARG E 45 25.71 22.97 34.49
N GLU E 46 26.34 23.96 33.86
CA GLU E 46 25.94 25.34 34.02
C GLU E 46 26.24 26.10 32.73
N LEU E 47 25.27 26.89 32.29
CA LEU E 47 25.45 27.74 31.13
C LEU E 47 26.40 28.89 31.45
N VAL E 48 27.09 29.38 30.43
CA VAL E 48 28.05 30.46 30.62
C VAL E 48 27.80 31.59 29.62
N ALA E 49 27.56 31.24 28.36
CA ALA E 49 27.37 32.26 27.33
C ALA E 49 26.69 31.63 26.13
N THR E 50 25.93 32.45 25.41
CA THR E 50 25.29 32.03 24.17
C THR E 50 24.93 33.26 23.34
N SER E 51 25.03 33.13 22.03
CA SER E 51 24.65 34.18 21.09
C SER E 51 23.75 33.55 20.03
N PRO E 52 22.49 33.98 19.92
CA PRO E 52 21.57 33.31 19.00
C PRO E 52 21.04 34.15 17.86
N SER E 53 21.26 33.69 16.63
CA SER E 53 20.60 34.24 15.44
C SER E 53 20.73 35.75 15.34
N ASN E 54 21.95 36.24 15.59
CA ASN E 54 22.24 37.68 15.58
C ASN E 54 21.31 38.44 16.53
N GLY E 55 21.03 37.83 17.68
CA GLY E 55 20.31 38.50 18.74
C GLY E 55 21.25 38.88 19.87
N ASP E 56 20.81 39.77 20.76
CA ASP E 56 21.66 40.26 21.84
C ASP E 56 22.28 39.11 22.61
N ILE E 57 23.59 39.18 22.83
CA ILE E 57 24.33 38.11 23.46
C ILE E 57 24.18 38.23 24.98
N ARG E 58 23.84 37.12 25.62
CA ARG E 58 23.65 37.08 27.07
C ARG E 58 24.67 36.13 27.67
N TYR E 59 25.36 36.59 28.71
CA TYR E 59 26.36 35.81 29.40
C TYR E 59 25.78 35.25 30.71
N ALA E 60 26.63 34.54 31.46
CA ALA E 60 26.20 33.98 32.73
C ALA E 60 26.10 35.09 33.78
N ASP E 61 24.94 35.17 34.44
CA ASP E 61 24.74 36.18 35.46
C ASP E 61 25.62 35.94 36.68
N SER E 62 25.99 34.69 36.94
CA SER E 62 26.83 34.38 38.09
C SER E 62 28.25 34.91 37.89
N VAL E 63 28.70 35.04 36.64
CA VAL E 63 30.02 35.58 36.36
C VAL E 63 29.92 36.66 35.28
N LYS E 64 29.59 37.88 35.71
CA LYS E 64 29.50 39.02 34.80
C LYS E 64 30.87 39.63 34.51
N GLY E 65 31.90 38.80 34.38
CA GLY E 65 33.23 39.27 34.05
C GLY E 65 33.36 39.66 32.60
N ARG E 66 34.60 39.84 32.17
CA ARG E 66 34.90 40.23 30.79
C ARG E 66 34.98 39.04 29.85
N PHE E 67 34.15 38.01 30.09
CA PHE E 67 34.08 36.89 29.16
C PHE E 67 33.47 37.35 27.84
N THR E 68 34.14 37.02 26.74
CA THR E 68 33.73 37.48 25.41
C THR E 68 33.58 36.28 24.49
N LEU E 69 32.42 36.20 23.82
CA LEU E 69 32.10 35.12 22.90
C LEU E 69 31.66 35.72 21.58
N SER E 70 32.18 35.20 20.47
CA SER E 70 31.83 35.70 19.14
C SER E 70 32.08 34.59 18.13
N ARG E 71 31.80 34.90 16.86
CA ARG E 71 31.97 33.95 15.76
C ARG E 71 33.44 33.60 15.57
N VAL E 78 32.87 29.55 16.42
CA VAL E 78 32.74 30.43 17.58
C VAL E 78 33.88 30.18 18.56
N SER E 79 34.16 31.17 19.40
CA SER E 79 35.28 31.08 20.33
C SER E 79 35.01 31.93 21.55
N LEU E 80 35.49 31.47 22.70
CA LEU E 80 35.30 32.13 23.99
C LEU E 80 36.64 32.43 24.62
N GLN E 81 36.81 33.66 25.09
CA GLN E 81 38.02 34.10 25.78
C GLN E 81 37.68 34.40 27.23
N MET E 82 38.48 33.88 28.15
CA MET E 82 38.23 33.99 29.59
C MET E 82 39.23 34.97 30.19
N ASN E 83 38.76 36.16 30.52
CA ASN E 83 39.59 37.20 31.13
C ASN E 83 39.30 37.30 32.62
N SER E 84 40.34 37.61 33.39
CA SER E 84 40.27 37.75 34.84
C SER E 84 39.66 36.50 35.48
N LEU E 85 40.36 35.39 35.30
CA LEU E 85 39.87 34.10 35.80
C LEU E 85 39.82 34.11 37.32
N GLU E 86 38.69 33.65 37.86
CA GLU E 86 38.44 33.51 39.29
C GLU E 86 38.75 32.09 39.74
N PRO E 87 39.32 31.93 40.95
CA PRO E 87 39.75 30.59 41.38
C PRO E 87 38.63 29.57 41.46
N GLU E 88 37.37 29.99 41.47
CA GLU E 88 36.23 29.09 41.55
C GLU E 88 35.61 28.83 40.17
N ASP E 89 36.36 29.05 39.10
CA ASP E 89 35.86 28.81 37.75
C ASP E 89 36.45 27.56 37.11
N THR E 90 37.32 26.84 37.80
CA THR E 90 37.88 25.62 37.25
C THR E 90 36.79 24.55 37.11
N ALA E 91 36.68 23.97 35.92
CA ALA E 91 35.65 23.00 35.60
C ALA E 91 36.01 22.33 34.29
N VAL E 92 35.09 21.53 33.76
CA VAL E 92 35.21 20.93 32.44
C VAL E 92 34.18 21.60 31.54
N TYR E 93 34.60 21.94 30.32
CA TYR E 93 33.84 22.83 29.46
C TYR E 93 33.37 22.10 28.20
N TYR E 94 32.10 22.32 27.84
CA TYR E 94 31.54 21.82 26.60
C TYR E 94 30.88 22.97 25.86
N CYS E 95 30.42 22.70 24.63
CA CYS E 95 29.77 23.71 23.82
C CYS E 95 28.65 23.07 23.01
N HIS E 96 27.52 23.78 22.90
CA HIS E 96 26.40 23.33 22.10
C HIS E 96 26.17 24.32 20.96
N SER E 97 25.55 23.82 19.88
CA SER E 97 25.46 24.58 18.64
C SER E 97 24.03 24.87 18.19
N PHE E 98 23.04 24.07 18.59
CA PHE E 98 21.66 24.25 18.16
C PHE E 98 21.56 24.30 16.64
N LEU E 99 22.07 23.25 16.00
CA LEU E 99 22.08 23.14 14.56
C LEU E 99 21.06 22.11 14.10
N ARG E 100 20.81 22.10 12.80
CA ARG E 100 19.82 21.23 12.18
C ARG E 100 20.53 20.33 11.16
N HIS E 101 20.78 19.09 11.56
CA HIS E 101 21.35 18.11 10.64
C HIS E 101 20.33 17.75 9.56
N THR E 102 20.83 17.20 8.45
CA THR E 102 19.95 16.86 7.34
C THR E 102 19.02 15.70 7.66
N ALA E 103 19.32 14.92 8.70
CA ALA E 103 18.49 13.78 9.07
C ALA E 103 17.34 14.20 9.97
N SER E 104 17.64 14.77 11.13
CA SER E 104 16.61 15.20 12.06
C SER E 104 15.84 16.39 11.49
N ALA E 105 14.51 16.31 11.53
CA ALA E 105 13.70 17.41 11.01
C ALA E 105 13.84 18.66 11.87
N SER E 106 13.67 18.52 13.18
CA SER E 106 13.84 19.62 14.10
C SER E 106 15.28 19.66 14.62
N TYR E 107 15.57 20.62 15.48
CA TYR E 107 16.91 20.76 16.02
C TYR E 107 17.14 19.77 17.16
N ASN E 108 18.42 19.48 17.40
CA ASN E 108 18.83 18.65 18.53
C ASN E 108 20.11 19.21 19.13
N ASN E 109 20.41 18.78 20.35
CA ASN E 109 21.53 19.32 21.11
C ASN E 109 22.73 18.39 21.04
N TYR E 110 23.91 18.98 20.91
CA TYR E 110 25.17 18.25 20.84
C TYR E 110 26.20 18.99 21.67
N TYR E 111 26.95 18.25 22.48
CA TYR E 111 27.82 18.85 23.50
C TYR E 111 29.30 18.70 23.21
N GLY E 112 29.77 17.48 22.95
CA GLY E 112 31.21 17.29 22.83
C GLY E 112 31.88 17.36 24.19
N GLN E 113 33.20 17.42 24.16
CA GLN E 113 33.99 17.41 25.39
C GLN E 113 35.17 18.37 25.27
N GLY E 114 35.56 18.94 26.41
CA GLY E 114 36.75 19.75 26.52
C GLY E 114 37.51 19.41 27.79
N THR E 115 38.43 20.28 28.22
CA THR E 115 39.18 20.02 29.44
C THR E 115 39.74 21.32 29.98
N GLN E 116 39.99 21.32 31.30
CA GLN E 116 40.56 22.46 32.00
C GLN E 116 40.92 22.06 33.43
N VAL E 117 42.19 22.21 33.81
CA VAL E 117 42.66 21.79 35.13
C VAL E 117 42.55 22.97 36.09
N THR E 118 42.68 22.71 37.39
CA THR E 118 42.45 23.71 38.42
C THR E 118 43.44 24.86 38.30
N VAL E 119 43.21 25.91 39.10
CA VAL E 119 43.99 27.14 39.04
C VAL E 119 44.47 27.52 40.44
N SER E 120 44.99 28.74 40.57
CA SER E 120 45.38 29.33 41.85
C SER E 120 46.54 28.55 42.49
N SER E 121 47.67 28.53 41.80
CA SER E 121 48.91 27.93 42.28
C SER E 121 48.72 26.52 42.83
N GLN F 3 10.82 -26.69 1.40
CA GLN F 3 11.22 -25.99 2.61
C GLN F 3 12.75 -26.01 2.76
N LEU F 4 13.28 -25.00 3.44
CA LEU F 4 14.72 -24.85 3.59
C LEU F 4 15.13 -25.20 5.02
N GLN F 5 16.35 -25.74 5.15
CA GLN F 5 16.92 -26.12 6.44
C GLN F 5 18.18 -25.32 6.69
N GLU F 6 18.28 -24.76 7.90
CA GLU F 6 19.45 -24.00 8.32
C GLU F 6 20.23 -24.79 9.37
N SER F 7 21.53 -24.52 9.44
CA SER F 7 22.40 -25.23 10.38
C SER F 7 23.66 -24.41 10.61
N GLY F 8 24.34 -24.73 11.71
CA GLY F 8 25.61 -24.11 12.03
C GLY F 8 25.50 -22.89 12.93
N GLY F 9 24.65 -22.96 13.94
CA GLY F 9 24.47 -21.85 14.85
C GLY F 9 24.71 -22.19 16.30
N GLY F 10 23.96 -21.53 17.20
CA GLY F 10 24.11 -21.76 18.62
C GLY F 10 24.64 -20.55 19.35
N LEU F 11 25.31 -20.77 20.48
CA LEU F 11 25.90 -19.70 21.27
C LEU F 11 27.41 -19.69 21.08
N GLU F 12 27.98 -18.50 21.03
CA GLU F 12 29.42 -18.34 20.84
C GLU F 12 29.85 -17.03 21.49
N GLN F 13 31.06 -17.03 22.04
CA GLN F 13 31.58 -15.84 22.67
C GLN F 13 31.90 -14.77 21.62
N ALA F 14 31.94 -13.52 22.06
CA ALA F 14 32.17 -12.40 21.15
C ALA F 14 33.59 -12.43 20.61
N GLY F 15 33.73 -12.16 19.31
CA GLY F 15 35.00 -12.09 18.66
C GLY F 15 35.35 -13.29 17.80
N ASP F 16 34.66 -14.41 17.98
CA ASP F 16 34.94 -15.62 17.23
C ASP F 16 34.30 -15.52 15.84
N SER F 17 34.36 -16.61 15.08
CA SER F 17 33.78 -16.69 13.75
C SER F 17 32.83 -17.88 13.69
N LEU F 18 31.74 -17.72 12.95
CA LEU F 18 30.74 -18.78 12.80
C LEU F 18 30.29 -18.84 11.35
N ARG F 19 29.95 -20.04 10.89
CA ARG F 19 29.59 -20.30 9.51
C ARG F 19 28.15 -20.80 9.46
N LEU F 20 27.26 -20.00 8.87
CA LEU F 20 25.86 -20.38 8.72
C LEU F 20 25.65 -21.11 7.41
N SER F 21 24.83 -22.15 7.44
CA SER F 21 24.54 -22.97 6.28
C SER F 21 23.05 -22.99 6.00
N CYS F 22 22.68 -23.01 4.72
CA CYS F 22 21.29 -23.05 4.29
C CYS F 22 21.20 -23.92 3.05
N ALA F 23 20.57 -25.08 3.19
CA ALA F 23 20.40 -26.02 2.09
C ALA F 23 18.93 -26.23 1.81
N ALA F 24 18.61 -26.56 0.55
CA ALA F 24 17.24 -26.76 0.10
C ALA F 24 16.97 -28.26 0.05
N SER F 25 16.46 -28.80 1.14
CA SER F 25 16.13 -30.22 1.24
C SER F 25 14.64 -30.48 1.11
N GLY F 26 13.84 -29.45 0.79
CA GLY F 26 12.42 -29.63 0.65
C GLY F 26 12.01 -29.97 -0.78
N LEU F 27 12.91 -30.64 -1.50
CA LEU F 27 12.67 -31.05 -2.89
C LEU F 27 12.33 -29.85 -3.77
N ILE F 28 13.06 -28.75 -3.57
CA ILE F 28 12.85 -27.53 -4.35
C ILE F 28 14.20 -27.09 -4.92
N VAL F 29 14.16 -26.52 -6.12
CA VAL F 29 15.37 -26.09 -6.79
C VAL F 29 15.82 -24.74 -6.23
N SER F 30 17.11 -24.46 -6.40
CA SER F 30 17.73 -23.22 -5.91
C SER F 30 18.53 -22.62 -7.06
N ASN F 31 17.88 -21.75 -7.84
CA ASN F 31 18.52 -21.11 -8.98
C ASN F 31 18.29 -19.61 -9.03
N TYR F 32 17.57 -19.04 -8.06
CA TYR F 32 17.26 -17.63 -8.02
C TYR F 32 18.20 -16.93 -7.04
N ALA F 33 17.86 -15.69 -6.68
CA ALA F 33 18.63 -14.96 -5.69
C ALA F 33 18.26 -15.44 -4.28
N MET F 34 19.22 -15.35 -3.38
CA MET F 34 19.04 -15.75 -1.99
C MET F 34 19.32 -14.57 -1.07
N GLY F 35 18.92 -14.72 0.19
CA GLY F 35 19.12 -13.66 1.17
C GLY F 35 19.01 -14.19 2.57
N TRP F 36 19.80 -13.61 3.47
CA TRP F 36 19.77 -13.93 4.89
C TRP F 36 19.08 -12.80 5.65
N PHE F 37 18.27 -13.16 6.64
CA PHE F 37 17.54 -12.19 7.44
C PHE F 37 17.68 -12.55 8.92
N ARG F 38 17.59 -11.53 9.77
CA ARG F 38 17.63 -11.69 11.20
C ARG F 38 16.32 -11.24 11.82
N GLN F 39 16.02 -11.79 13.00
CA GLN F 39 14.80 -11.45 13.73
C GLN F 39 15.14 -11.43 15.22
N ALA F 40 15.39 -10.23 15.75
CA ALA F 40 15.69 -10.10 17.16
C ALA F 40 14.42 -10.29 17.99
N PRO F 41 14.55 -10.87 19.19
CA PRO F 41 13.36 -11.11 20.03
C PRO F 41 12.66 -9.80 20.39
N GLY F 42 11.35 -9.79 20.21
CA GLY F 42 10.57 -8.59 20.42
C GLY F 42 10.79 -7.48 19.42
N LYS F 43 11.63 -7.71 18.41
CA LYS F 43 11.92 -6.72 17.38
C LYS F 43 11.48 -7.26 16.02
N GLU F 44 11.27 -6.34 15.08
CA GLU F 44 10.83 -6.73 13.75
C GLU F 44 11.97 -7.39 12.97
N ARG F 45 11.59 -8.26 12.04
CA ARG F 45 12.57 -8.96 11.23
C ARG F 45 13.30 -7.98 10.32
N GLU F 46 14.63 -8.05 10.34
CA GLU F 46 15.48 -7.15 9.59
C GLU F 46 16.23 -7.92 8.50
N PHE F 47 17.00 -7.17 7.71
CA PHE F 47 17.69 -7.69 6.53
C PHE F 47 19.18 -7.47 6.70
N VAL F 48 19.97 -8.52 6.45
CA VAL F 48 21.40 -8.46 6.71
C VAL F 48 22.22 -8.73 5.46
N ALA F 49 21.70 -9.56 4.55
CA ALA F 49 22.51 -9.98 3.41
C ALA F 49 21.63 -10.37 2.23
N TYR F 50 22.07 -9.97 1.04
CA TYR F 50 21.46 -10.37 -0.22
C TYR F 50 22.57 -10.88 -1.14
N ILE F 51 22.34 -12.02 -1.79
CA ILE F 51 23.33 -12.63 -2.65
C ILE F 51 22.67 -13.03 -3.96
N ASN F 52 23.35 -12.77 -5.06
CA ASN F 52 22.95 -13.29 -6.36
C ASN F 52 23.70 -14.59 -6.64
N TRP F 53 23.07 -15.48 -7.38
CA TRP F 53 23.72 -16.74 -7.73
C TRP F 53 24.94 -16.47 -8.61
N ASN F 54 25.86 -17.43 -8.60
CA ASN F 54 27.17 -17.32 -9.26
C ASN F 54 27.99 -16.16 -8.71
N GLY F 55 27.66 -15.70 -7.50
CA GLY F 55 28.41 -14.63 -6.87
C GLY F 55 28.42 -13.32 -7.64
N GLY F 56 27.39 -13.08 -8.45
CA GLY F 56 27.33 -11.90 -9.27
C GLY F 56 27.38 -10.59 -8.49
N VAL F 57 26.31 -10.31 -7.75
CA VAL F 57 26.23 -9.11 -6.94
C VAL F 57 26.05 -9.52 -5.48
N THR F 58 26.25 -8.55 -4.59
CA THR F 58 26.06 -8.78 -3.17
C THR F 58 25.78 -7.43 -2.50
N TYR F 59 24.87 -7.43 -1.54
CA TYR F 59 24.48 -6.21 -0.83
C TYR F 59 24.27 -6.54 0.64
N TYR F 60 24.93 -5.78 1.51
CA TYR F 60 24.77 -5.91 2.95
C TYR F 60 24.16 -4.64 3.51
N THR F 61 23.52 -4.77 4.67
CA THR F 61 22.98 -3.61 5.35
C THR F 61 24.12 -2.73 5.86
N ASN F 62 23.77 -1.51 6.24
CA ASN F 62 24.77 -0.53 6.67
C ASN F 62 25.37 -0.87 8.03
N SER F 63 24.98 -1.96 8.66
CA SER F 63 25.47 -2.35 9.97
C SER F 63 26.61 -3.37 9.91
N VAL F 64 26.56 -4.31 8.96
CA VAL F 64 27.52 -5.39 8.89
C VAL F 64 28.26 -5.34 7.56
N LYS F 65 28.57 -4.13 7.08
CA LYS F 65 29.22 -3.99 5.78
C LYS F 65 30.62 -4.58 5.78
N GLY F 66 31.26 -4.66 6.96
CA GLY F 66 32.66 -5.07 7.01
C GLY F 66 32.92 -6.48 7.51
N ARG F 67 32.18 -6.91 8.54
CA ARG F 67 32.52 -8.13 9.25
C ARG F 67 31.75 -9.36 8.75
N PHE F 68 30.77 -9.20 7.88
CA PHE F 68 29.98 -10.32 7.37
C PHE F 68 30.27 -10.53 5.89
N THR F 69 30.45 -11.80 5.51
CA THR F 69 30.62 -12.19 4.12
C THR F 69 29.64 -13.31 3.80
N ILE F 70 29.23 -13.37 2.54
CA ILE F 70 28.24 -14.35 2.08
C ILE F 70 28.71 -14.95 0.76
N SER F 71 28.40 -16.23 0.58
CA SER F 71 28.79 -16.94 -0.63
C SER F 71 27.74 -18.00 -0.92
N ARG F 72 27.87 -18.62 -2.09
CA ARG F 72 26.92 -19.63 -2.53
C ARG F 72 27.60 -20.62 -3.47
N ASP F 73 27.32 -21.91 -3.26
CA ASP F 73 27.80 -22.99 -4.11
C ASP F 73 26.58 -23.76 -4.62
N ASN F 74 26.24 -23.57 -5.89
CA ASN F 74 25.07 -24.22 -6.47
C ASN F 74 25.31 -25.70 -6.78
N ALA F 75 26.55 -26.18 -6.68
CA ALA F 75 26.81 -27.60 -6.93
C ALA F 75 26.14 -28.48 -5.89
N LYS F 76 26.06 -28.02 -4.65
CA LYS F 76 25.38 -28.75 -3.58
C LYS F 76 24.06 -28.10 -3.20
N ASN F 77 23.64 -27.06 -3.91
CA ASN F 77 22.44 -26.29 -3.59
C ASN F 77 22.50 -25.75 -2.17
N THR F 78 23.63 -25.13 -1.83
CA THR F 78 23.86 -24.58 -0.50
C THR F 78 24.36 -23.15 -0.61
N VAL F 79 23.98 -22.33 0.36
CA VAL F 79 24.42 -20.94 0.45
C VAL F 79 24.96 -20.71 1.86
N TYR F 80 26.13 -20.09 1.96
CA TYR F 80 26.82 -19.91 3.22
C TYR F 80 26.90 -18.43 3.58
N LEU F 81 26.79 -18.14 4.87
CA LEU F 81 26.97 -16.79 5.41
C LEU F 81 28.05 -16.86 6.48
N GLN F 82 29.21 -16.27 6.20
CA GLN F 82 30.32 -16.28 7.13
C GLN F 82 30.24 -15.05 8.03
N MET F 83 30.24 -15.27 9.34
CA MET F 83 30.15 -14.21 10.33
C MET F 83 31.48 -14.14 11.09
N ASN F 84 32.13 -13.00 11.03
CA ASN F 84 33.42 -12.80 11.68
C ASN F 84 33.32 -11.67 12.70
N SER F 85 33.97 -11.88 13.84
CA SER F 85 33.99 -10.91 14.95
C SER F 85 32.57 -10.49 15.34
N LEU F 86 31.89 -11.43 15.99
CA LEU F 86 30.50 -11.21 16.38
C LEU F 86 30.40 -10.15 17.46
N LYS F 87 29.29 -9.42 17.46
CA LYS F 87 29.00 -8.39 18.43
C LYS F 87 27.64 -8.66 19.06
N PRO F 88 27.42 -8.17 20.29
CA PRO F 88 26.11 -8.37 20.93
C PRO F 88 24.96 -7.67 20.21
N GLU F 89 25.27 -6.90 19.15
CA GLU F 89 24.22 -6.21 18.41
C GLU F 89 23.44 -7.17 17.52
N ASP F 90 24.08 -8.20 16.97
CA ASP F 90 23.42 -9.08 16.01
C ASP F 90 23.12 -10.46 16.60
N THR F 91 22.47 -10.48 17.77
CA THR F 91 22.06 -11.73 18.40
C THR F 91 20.58 -11.97 18.10
N ALA F 92 20.31 -12.94 17.21
CA ALA F 92 18.96 -13.21 16.76
C ALA F 92 18.94 -14.54 16.03
N VAL F 93 17.73 -14.98 15.67
CA VAL F 93 17.56 -16.16 14.83
C VAL F 93 17.71 -15.73 13.36
N TYR F 94 18.45 -16.53 12.60
CA TYR F 94 18.81 -16.17 11.23
C TYR F 94 18.07 -17.08 10.24
N TYR F 95 17.38 -16.46 9.29
CA TYR F 95 16.62 -17.16 8.28
C TYR F 95 17.22 -16.92 6.90
N CYS F 96 16.88 -17.81 5.97
CA CYS F 96 17.24 -17.67 4.58
C CYS F 96 16.00 -17.87 3.73
N ALA F 97 16.00 -17.26 2.55
CA ALA F 97 14.83 -17.32 1.66
C ALA F 97 15.28 -17.13 0.23
N ARG F 98 14.41 -17.54 -0.70
CA ARG F 98 14.62 -17.38 -2.12
C ARG F 98 13.72 -16.26 -2.64
N THR F 99 14.19 -15.57 -3.68
CA THR F 99 13.52 -14.40 -4.22
C THR F 99 13.01 -14.69 -5.62
N SER F 100 11.71 -14.55 -5.82
CA SER F 100 11.14 -14.69 -7.16
C SER F 100 11.46 -13.48 -8.04
N ARG F 101 11.79 -12.34 -7.42
CA ARG F 101 12.19 -11.16 -8.17
C ARG F 101 13.63 -11.30 -8.66
N ALA F 102 13.86 -10.89 -9.90
CA ALA F 102 15.22 -10.90 -10.45
C ALA F 102 16.02 -9.69 -10.03
N SER F 103 15.38 -8.65 -9.51
CA SER F 103 16.06 -7.43 -9.10
C SER F 103 16.48 -7.53 -7.64
N VAL F 104 17.29 -6.56 -7.22
CA VAL F 104 17.78 -6.50 -5.85
C VAL F 104 16.76 -5.72 -5.01
N THR F 105 16.15 -6.39 -4.05
CA THR F 105 15.21 -5.78 -3.14
C THR F 105 15.80 -5.81 -1.72
N THR F 106 15.52 -4.76 -0.95
CA THR F 106 16.20 -4.54 0.33
C THR F 106 15.19 -4.27 1.44
N ARG F 107 15.50 -4.81 2.62
CA ARG F 107 14.74 -4.56 3.84
C ARG F 107 13.25 -4.86 3.66
N VAL F 108 12.97 -5.95 2.96
CA VAL F 108 11.60 -6.41 2.72
C VAL F 108 11.57 -7.91 2.78
N ALA F 109 10.51 -8.45 3.39
CA ALA F 109 10.30 -9.89 3.45
C ALA F 109 9.16 -10.29 2.51
N ASP F 110 9.23 -9.82 1.26
CA ASP F 110 8.15 -10.08 0.30
C ASP F 110 8.11 -11.55 -0.10
N PHE F 111 9.26 -12.19 -0.22
CA PHE F 111 9.35 -13.56 -0.67
C PHE F 111 9.34 -14.52 0.51
N GLY F 112 8.77 -15.70 0.29
CA GLY F 112 8.59 -16.71 1.32
C GLY F 112 9.70 -17.73 1.33
N TYR F 113 9.33 -18.99 1.59
CA TYR F 113 10.27 -20.11 1.69
C TYR F 113 11.31 -19.85 2.78
N TRP F 114 10.81 -19.67 4.01
CA TRP F 114 11.68 -19.37 5.14
C TRP F 114 12.34 -20.63 5.68
N GLY F 115 11.54 -21.53 6.25
CA GLY F 115 12.06 -22.75 6.83
C GLY F 115 11.87 -22.79 8.33
N GLN F 116 12.97 -22.73 9.08
CA GLN F 116 12.90 -22.71 10.54
C GLN F 116 13.88 -21.74 11.19
N GLY F 117 15.05 -21.49 10.61
CA GLY F 117 15.99 -20.54 11.17
C GLY F 117 16.82 -21.12 12.31
N THR F 118 18.06 -20.66 12.42
CA THR F 118 18.96 -21.07 13.50
C THR F 118 19.26 -19.88 14.40
N GLN F 119 19.30 -20.13 15.70
CA GLN F 119 19.53 -19.08 16.67
C GLN F 119 21.02 -18.77 16.79
N VAL F 120 21.34 -17.48 16.83
CA VAL F 120 22.71 -17.00 17.00
C VAL F 120 22.73 -15.99 18.13
N THR F 121 23.59 -16.23 19.13
CA THR F 121 23.69 -15.35 20.28
C THR F 121 25.16 -15.10 20.60
N VAL F 122 25.43 -13.91 21.13
CA VAL F 122 26.78 -13.42 21.35
C VAL F 122 26.96 -13.10 22.83
N SER F 123 28.18 -13.34 23.33
CA SER F 123 28.51 -13.04 24.71
C SER F 123 28.63 -11.53 24.93
N GLN G 3 5.30 -26.34 -11.68
CA GLN G 3 4.39 -25.53 -12.48
C GLN G 3 3.11 -26.30 -12.78
N LEU G 4 2.01 -25.58 -12.98
CA LEU G 4 0.71 -26.18 -13.25
C LEU G 4 0.42 -26.18 -14.74
N GLN G 5 -0.46 -27.08 -15.16
CA GLN G 5 -0.84 -27.23 -16.56
C GLN G 5 -2.36 -27.18 -16.68
N GLU G 6 -2.84 -26.35 -17.61
CA GLU G 6 -4.26 -26.21 -17.89
C GLU G 6 -4.58 -26.79 -19.25
N SER G 7 -5.81 -27.26 -19.42
CA SER G 7 -6.25 -27.84 -20.67
C SER G 7 -7.77 -27.78 -20.75
N GLY G 8 -8.30 -28.13 -21.92
CA GLY G 8 -9.73 -28.19 -22.12
C GLY G 8 -10.37 -26.90 -22.58
N GLY G 9 -9.65 -26.04 -23.29
CA GLY G 9 -10.19 -24.78 -23.74
C GLY G 9 -10.42 -24.71 -25.24
N GLY G 10 -10.03 -23.60 -25.85
CA GLY G 10 -10.23 -23.40 -27.27
C GLY G 10 -11.39 -22.47 -27.57
N LEU G 11 -12.09 -22.72 -28.67
CA LEU G 11 -13.26 -21.93 -29.05
C LEU G 11 -14.51 -22.80 -29.03
N GLU G 12 -15.60 -22.24 -28.56
CA GLU G 12 -16.88 -22.94 -28.50
C GLU G 12 -17.99 -21.91 -28.64
N GLN G 13 -19.08 -22.33 -29.29
CA GLN G 13 -20.20 -21.43 -29.51
C GLN G 13 -20.94 -21.18 -28.20
N ALA G 14 -21.68 -20.06 -28.17
CA ALA G 14 -22.40 -19.66 -26.97
C ALA G 14 -23.50 -20.67 -26.65
N GLY G 15 -23.84 -20.76 -25.36
CA GLY G 15 -24.86 -21.67 -24.90
C GLY G 15 -24.39 -23.08 -24.63
N ASP G 16 -23.26 -23.49 -25.18
CA ASP G 16 -22.74 -24.84 -24.96
C ASP G 16 -22.09 -24.95 -23.58
N SER G 17 -21.27 -25.97 -23.38
CA SER G 17 -20.63 -26.21 -22.10
C SER G 17 -19.18 -26.62 -22.33
N LEU G 18 -18.33 -26.26 -21.37
CA LEU G 18 -16.90 -26.54 -21.44
C LEU G 18 -16.39 -26.93 -20.06
N ARG G 19 -15.40 -27.82 -20.05
CA ARG G 19 -14.80 -28.32 -18.82
C ARG G 19 -13.31 -28.00 -18.83
N LEU G 20 -12.88 -27.19 -17.88
CA LEU G 20 -11.48 -26.82 -17.74
C LEU G 20 -10.81 -27.67 -16.66
N SER G 21 -9.61 -28.16 -16.96
CA SER G 21 -8.85 -28.99 -16.03
C SER G 21 -7.52 -28.33 -15.73
N CYS G 22 -7.02 -28.57 -14.52
CA CYS G 22 -5.74 -28.00 -14.07
C CYS G 22 -5.06 -29.03 -13.17
N ALA G 23 -3.97 -29.60 -13.67
CA ALA G 23 -3.22 -30.62 -12.93
C ALA G 23 -1.85 -30.08 -12.53
N ALA G 24 -1.36 -30.59 -11.39
CA ALA G 24 -0.07 -30.15 -10.84
C ALA G 24 1.00 -31.14 -11.28
N SER G 25 1.45 -30.96 -12.53
CA SER G 25 2.48 -31.82 -13.11
C SER G 25 3.90 -31.33 -12.82
N GLY G 26 4.05 -30.20 -12.14
CA GLY G 26 5.37 -29.68 -11.85
C GLY G 26 6.00 -30.29 -10.62
N LEU G 27 5.68 -31.57 -10.35
CA LEU G 27 6.19 -32.30 -9.20
C LEU G 27 5.89 -31.57 -7.88
N ILE G 28 4.74 -30.89 -7.82
CA ILE G 28 4.36 -30.12 -6.65
C ILE G 28 3.09 -30.74 -6.06
N VAL G 29 2.99 -30.67 -4.74
CA VAL G 29 1.80 -31.18 -4.06
C VAL G 29 0.67 -30.15 -4.17
N SER G 30 -0.56 -30.63 -3.96
CA SER G 30 -1.76 -29.80 -4.05
C SER G 30 -2.65 -30.15 -2.86
N ASN G 31 -2.44 -29.46 -1.73
CA ASN G 31 -3.17 -29.71 -0.52
C ASN G 31 -3.83 -28.46 0.05
N TYR G 32 -3.68 -27.31 -0.60
CA TYR G 32 -4.21 -26.05 -0.13
C TYR G 32 -5.42 -25.64 -0.97
N ALA G 33 -5.90 -24.43 -0.76
CA ALA G 33 -7.00 -23.90 -1.53
C ALA G 33 -6.55 -23.61 -2.96
N MET G 34 -7.51 -23.67 -3.88
CA MET G 34 -7.26 -23.40 -5.29
C MET G 34 -8.16 -22.26 -5.76
N GLY G 35 -7.88 -21.78 -6.97
CA GLY G 35 -8.66 -20.69 -7.54
C GLY G 35 -8.48 -20.53 -9.03
N TRP G 36 -9.57 -20.24 -9.73
CA TRP G 36 -9.54 -19.96 -11.16
C TRP G 36 -9.73 -18.47 -11.40
N PHE G 37 -9.02 -17.93 -12.38
CA PHE G 37 -9.07 -16.53 -12.72
C PHE G 37 -9.18 -16.38 -14.24
N ARG G 38 -9.52 -15.18 -14.69
CA ARG G 38 -9.62 -14.89 -16.11
C ARG G 38 -8.88 -13.58 -16.40
N GLN G 39 -8.30 -13.51 -17.61
CA GLN G 39 -7.53 -12.34 -18.05
C GLN G 39 -7.99 -11.99 -19.46
N ALA G 40 -8.83 -10.98 -19.57
CA ALA G 40 -9.29 -10.56 -20.89
C ALA G 40 -8.21 -9.76 -21.61
N PRO G 41 -8.12 -9.88 -22.93
CA PRO G 41 -7.13 -9.10 -23.69
C PRO G 41 -7.40 -7.61 -23.58
N GLY G 42 -6.46 -6.89 -22.98
CA GLY G 42 -6.60 -5.46 -22.77
C GLY G 42 -7.23 -5.08 -21.44
N LYS G 43 -7.67 -6.05 -20.65
CA LYS G 43 -8.27 -5.80 -19.34
C LYS G 43 -7.44 -6.46 -18.26
N GLU G 44 -7.66 -6.03 -17.02
CA GLU G 44 -6.92 -6.60 -15.89
C GLU G 44 -7.51 -7.93 -15.47
N ARG G 45 -6.66 -8.79 -14.92
CA ARG G 45 -7.09 -10.11 -14.50
C ARG G 45 -8.10 -10.02 -13.36
N GLU G 46 -9.23 -10.71 -13.52
CA GLU G 46 -10.29 -10.73 -12.53
C GLU G 46 -10.29 -12.07 -11.80
N PHE G 47 -11.32 -12.28 -10.98
CA PHE G 47 -11.45 -13.48 -10.16
C PHE G 47 -12.82 -14.09 -10.39
N VAL G 48 -12.85 -15.38 -10.70
CA VAL G 48 -14.08 -16.02 -11.17
C VAL G 48 -14.55 -17.11 -10.22
N ALA G 49 -13.63 -17.76 -9.51
CA ALA G 49 -14.01 -18.91 -8.70
C ALA G 49 -12.93 -19.22 -7.68
N TYR G 50 -13.35 -19.61 -6.49
CA TYR G 50 -12.47 -20.04 -5.41
C TYR G 50 -13.01 -21.34 -4.83
N ILE G 51 -12.13 -22.30 -4.61
CA ILE G 51 -12.52 -23.62 -4.11
C ILE G 51 -11.61 -23.99 -2.95
N ASN G 52 -12.21 -24.56 -1.91
CA ASN G 52 -11.45 -25.15 -0.81
C ASN G 52 -11.29 -26.65 -1.06
N TRP G 53 -10.24 -27.22 -0.49
CA TRP G 53 -10.02 -28.65 -0.63
C TRP G 53 -11.14 -29.42 0.05
N ASN G 54 -11.40 -30.62 -0.46
CA ASN G 54 -12.51 -31.48 -0.03
C ASN G 54 -13.86 -30.81 -0.23
N GLY G 55 -13.93 -29.82 -1.11
CA GLY G 55 -15.19 -29.16 -1.43
C GLY G 55 -15.86 -28.49 -0.25
N GLY G 56 -15.09 -28.02 0.73
CA GLY G 56 -15.64 -27.39 1.91
C GLY G 56 -16.45 -26.15 1.61
N VAL G 57 -15.78 -25.10 1.14
CA VAL G 57 -16.43 -23.85 0.79
C VAL G 57 -16.08 -23.49 -0.64
N THR G 58 -16.99 -22.77 -1.30
CA THR G 58 -16.78 -22.31 -2.66
C THR G 58 -17.38 -20.92 -2.82
N TYR G 59 -16.68 -20.07 -3.57
CA TYR G 59 -17.08 -18.68 -3.75
C TYR G 59 -16.90 -18.31 -5.22
N TYR G 60 -17.91 -17.64 -5.77
CA TYR G 60 -17.88 -17.16 -7.14
C TYR G 60 -18.12 -15.65 -7.15
N THR G 61 -17.63 -15.01 -8.21
CA THR G 61 -17.86 -13.58 -8.37
C THR G 61 -19.34 -13.31 -8.62
N ASN G 62 -19.72 -12.04 -8.50
CA ASN G 62 -21.11 -11.63 -8.69
C ASN G 62 -21.56 -11.71 -10.16
N SER G 63 -20.76 -12.32 -11.04
CA SER G 63 -21.08 -12.41 -12.46
C SER G 63 -21.39 -13.81 -12.94
N VAL G 64 -20.89 -14.85 -12.26
CA VAL G 64 -21.07 -16.22 -12.71
C VAL G 64 -21.61 -17.08 -11.57
N LYS G 65 -22.45 -16.49 -10.73
CA LYS G 65 -22.96 -17.20 -9.56
C LYS G 65 -23.83 -18.40 -9.94
N GLY G 66 -24.46 -18.35 -11.11
CA GLY G 66 -25.44 -19.36 -11.45
C GLY G 66 -25.02 -20.37 -12.50
N ARG G 67 -24.13 -19.99 -13.41
CA ARG G 67 -23.81 -20.83 -14.56
C ARG G 67 -22.41 -21.44 -14.50
N PHE G 68 -21.63 -21.15 -13.47
CA PHE G 68 -20.29 -21.72 -13.32
C PHE G 68 -20.22 -22.55 -12.04
N THR G 69 -19.65 -23.74 -12.16
CA THR G 69 -19.40 -24.61 -11.01
C THR G 69 -17.96 -25.10 -11.07
N ILE G 70 -17.41 -25.44 -9.91
CA ILE G 70 -16.01 -25.82 -9.79
C ILE G 70 -15.91 -27.03 -8.87
N SER G 71 -15.02 -27.96 -9.21
CA SER G 71 -14.84 -29.20 -8.46
C SER G 71 -13.36 -29.55 -8.42
N ARG G 72 -13.02 -30.48 -7.52
CA ARG G 72 -11.64 -30.88 -7.33
C ARG G 72 -11.59 -32.33 -6.87
N ASP G 73 -10.62 -33.09 -7.38
CA ASP G 73 -10.36 -34.46 -6.95
C ASP G 73 -8.89 -34.55 -6.57
N ASN G 74 -8.62 -34.70 -5.26
CA ASN G 74 -7.25 -34.77 -4.78
C ASN G 74 -6.58 -36.10 -5.07
N ALA G 75 -7.34 -37.13 -5.47
CA ALA G 75 -6.74 -38.42 -5.77
C ALA G 75 -5.78 -38.32 -6.95
N LYS G 76 -6.20 -37.62 -8.01
CA LYS G 76 -5.36 -37.40 -9.19
C LYS G 76 -4.63 -36.06 -9.16
N ASN G 77 -4.79 -35.29 -8.07
CA ASN G 77 -4.21 -33.95 -7.96
C ASN G 77 -4.66 -33.06 -9.12
N THR G 78 -5.97 -33.03 -9.35
CA THR G 78 -6.56 -32.25 -10.42
C THR G 78 -7.72 -31.42 -9.88
N VAL G 79 -7.99 -30.30 -10.54
CA VAL G 79 -9.11 -29.43 -10.22
C VAL G 79 -9.82 -29.06 -11.51
N TYR G 80 -11.14 -29.14 -11.50
CA TYR G 80 -11.95 -28.90 -12.68
C TYR G 80 -12.85 -27.67 -12.49
N LEU G 81 -13.14 -26.99 -13.60
CA LEU G 81 -14.04 -25.83 -13.61
C LEU G 81 -15.03 -26.03 -14.74
N GLN G 82 -16.26 -26.43 -14.39
CA GLN G 82 -17.31 -26.62 -15.39
C GLN G 82 -17.95 -25.27 -15.71
N MET G 83 -18.14 -25.01 -17.00
CA MET G 83 -18.69 -23.75 -17.48
C MET G 83 -19.89 -24.04 -18.35
N ASN G 84 -21.08 -23.62 -17.90
CA ASN G 84 -22.33 -23.89 -18.58
C ASN G 84 -22.95 -22.61 -19.10
N SER G 85 -23.62 -22.72 -20.26
CA SER G 85 -24.29 -21.60 -20.92
C SER G 85 -23.33 -20.42 -21.09
N LEU G 86 -22.33 -20.65 -21.94
CA LEU G 86 -21.29 -19.65 -22.16
C LEU G 86 -21.85 -18.40 -22.83
N LYS G 87 -21.30 -17.25 -22.46
CA LYS G 87 -21.70 -15.95 -22.97
C LYS G 87 -20.47 -15.21 -23.48
N PRO G 88 -20.65 -14.29 -24.43
CA PRO G 88 -19.49 -13.54 -24.95
C PRO G 88 -18.84 -12.63 -23.93
N GLU G 89 -19.36 -12.60 -22.70
CA GLU G 89 -18.80 -11.70 -21.69
C GLU G 89 -17.56 -12.28 -21.02
N ASP G 90 -17.51 -13.59 -20.83
CA ASP G 90 -16.38 -14.18 -20.12
C ASP G 90 -15.44 -14.94 -21.07
N THR G 91 -15.05 -14.29 -22.15
CA THR G 91 -14.05 -14.84 -23.07
C THR G 91 -12.69 -14.27 -22.72
N ALA G 92 -11.78 -15.14 -22.29
CA ALA G 92 -10.45 -14.74 -21.84
C ALA G 92 -9.60 -16.00 -21.67
N VAL G 93 -8.38 -15.81 -21.18
CA VAL G 93 -7.51 -16.92 -20.81
C VAL G 93 -7.70 -17.22 -19.34
N TYR G 94 -7.86 -18.50 -19.01
CA TYR G 94 -8.19 -18.94 -17.66
C TYR G 94 -6.97 -19.60 -17.02
N TYR G 95 -6.51 -19.06 -15.90
CA TYR G 95 -5.40 -19.60 -15.14
C TYR G 95 -5.91 -20.24 -13.86
N CYS G 96 -5.07 -21.10 -13.28
CA CYS G 96 -5.31 -21.66 -11.97
C CYS G 96 -4.14 -21.35 -11.06
N ALA G 97 -4.35 -21.51 -9.76
CA ALA G 97 -3.31 -21.23 -8.78
C ALA G 97 -3.69 -21.85 -7.45
N ARG G 98 -2.71 -21.96 -6.57
CA ARG G 98 -2.91 -22.42 -5.20
C ARG G 98 -2.74 -21.25 -4.24
N THR G 99 -3.33 -21.38 -3.06
CA THR G 99 -3.34 -20.32 -2.07
C THR G 99 -2.67 -20.82 -0.79
N SER G 100 -1.55 -20.20 -0.42
CA SER G 100 -0.90 -20.54 0.83
C SER G 100 -1.75 -20.14 2.04
N ARG G 101 -2.54 -19.07 1.91
CA ARG G 101 -3.43 -18.66 2.98
C ARG G 101 -4.51 -19.71 3.21
N ALA G 102 -4.86 -19.92 4.47
CA ALA G 102 -5.93 -20.84 4.84
C ALA G 102 -7.29 -20.16 4.92
N SER G 103 -7.38 -18.87 4.59
CA SER G 103 -8.63 -18.14 4.58
C SER G 103 -9.14 -18.01 3.15
N VAL G 104 -10.30 -17.38 3.00
CA VAL G 104 -10.92 -17.17 1.71
C VAL G 104 -10.66 -15.72 1.28
N THR G 105 -9.93 -15.55 0.19
CA THR G 105 -9.62 -14.24 -0.34
C THR G 105 -10.23 -14.08 -1.73
N THR G 106 -10.52 -12.84 -2.10
CA THR G 106 -11.30 -12.56 -3.31
C THR G 106 -10.65 -11.43 -4.10
N ARG G 107 -10.66 -11.58 -5.43
CA ARG G 107 -10.24 -10.53 -6.36
C ARG G 107 -8.85 -10.01 -6.06
N VAL G 108 -7.93 -10.93 -5.77
CA VAL G 108 -6.54 -10.59 -5.48
C VAL G 108 -5.65 -11.68 -6.05
N ALA G 109 -4.58 -11.27 -6.74
CA ALA G 109 -3.60 -12.21 -7.30
C ALA G 109 -2.34 -12.25 -6.45
N ASP G 110 -2.51 -12.42 -5.15
CA ASP G 110 -1.37 -12.40 -4.24
C ASP G 110 -0.53 -13.67 -4.39
N PHE G 111 -1.18 -14.82 -4.56
CA PHE G 111 -0.47 -16.09 -4.66
C PHE G 111 -0.07 -16.38 -6.09
N GLY G 112 1.15 -16.90 -6.25
CA GLY G 112 1.68 -17.21 -7.57
C GLY G 112 1.29 -18.59 -8.07
N TYR G 113 2.24 -19.29 -8.68
CA TYR G 113 2.01 -20.61 -9.26
C TYR G 113 0.86 -20.58 -10.26
N TRP G 114 1.09 -19.85 -11.35
CA TRP G 114 0.07 -19.63 -12.36
C TRP G 114 0.08 -20.73 -13.44
N GLY G 115 1.20 -20.87 -14.14
CA GLY G 115 1.29 -21.83 -15.21
C GLY G 115 1.27 -21.17 -16.58
N GLN G 116 0.39 -21.64 -17.46
CA GLN G 116 0.26 -21.07 -18.79
C GLN G 116 -1.15 -20.61 -19.13
N GLY G 117 -2.18 -21.24 -18.56
CA GLY G 117 -3.55 -20.86 -18.86
C GLY G 117 -4.02 -21.33 -20.22
N THR G 118 -5.30 -21.62 -20.35
CA THR G 118 -5.90 -22.03 -21.61
C THR G 118 -6.87 -20.96 -22.09
N GLN G 119 -6.85 -20.70 -23.39
CA GLN G 119 -7.68 -19.65 -23.98
C GLN G 119 -9.09 -20.16 -24.24
N VAL G 120 -10.07 -19.32 -23.93
CA VAL G 120 -11.49 -19.64 -24.13
C VAL G 120 -12.14 -18.45 -24.81
N THR G 121 -12.74 -18.69 -25.97
CA THR G 121 -13.47 -17.66 -26.71
C THR G 121 -14.88 -18.16 -27.01
N VAL G 122 -15.85 -17.25 -26.89
CA VAL G 122 -17.26 -17.57 -27.04
C VAL G 122 -17.79 -16.92 -28.31
N SER G 123 -18.70 -17.62 -28.99
CA SER G 123 -19.35 -17.07 -30.16
C SER G 123 -20.31 -15.96 -29.74
N ARG H 32 21.68 -30.45 -34.65
CA ARG H 32 21.56 -29.14 -34.00
C ARG H 32 21.24 -28.05 -35.02
N GLU H 33 21.35 -28.40 -36.30
CA GLU H 33 21.07 -27.45 -37.38
C GLU H 33 19.56 -27.38 -37.61
N VAL H 34 19.08 -26.17 -37.89
CA VAL H 34 17.65 -25.89 -38.01
C VAL H 34 17.32 -25.59 -39.46
N LYS H 35 16.15 -26.02 -39.91
CA LYS H 35 15.64 -25.74 -41.25
C LYS H 35 14.40 -24.87 -41.13
N LEU H 36 14.28 -23.88 -42.02
CA LEU H 36 13.12 -23.00 -42.07
C LEU H 36 12.47 -23.11 -43.45
N LEU H 37 11.16 -22.87 -43.48
CA LEU H 37 10.37 -23.01 -44.69
C LEU H 37 9.47 -21.78 -44.84
N LEU H 38 9.80 -20.90 -45.79
CA LEU H 38 9.04 -19.68 -45.99
C LEU H 38 7.75 -19.98 -46.75
N LEU H 39 6.63 -19.50 -46.21
CA LEU H 39 5.33 -19.66 -46.85
C LEU H 39 4.65 -18.31 -47.03
N GLY H 40 3.37 -18.33 -47.36
CA GLY H 40 2.60 -17.10 -47.43
C GLY H 40 2.41 -16.60 -48.85
N ALA H 41 1.31 -15.90 -49.07
CA ALA H 41 1.01 -15.33 -50.38
C ALA H 41 1.95 -14.15 -50.66
N GLY H 42 1.86 -13.65 -51.90
CA GLY H 42 2.74 -12.56 -52.32
C GLY H 42 2.41 -11.22 -51.71
N GLU H 43 1.19 -11.06 -51.15
CA GLU H 43 0.79 -9.77 -50.60
C GLU H 43 1.27 -9.57 -49.17
N SER H 44 1.62 -10.64 -48.46
CA SER H 44 2.07 -10.50 -47.08
C SER H 44 3.49 -9.97 -46.98
N GLY H 45 4.26 -10.03 -48.07
CA GLY H 45 5.61 -9.51 -48.05
C GLY H 45 6.59 -10.38 -47.28
N LYS H 46 6.79 -11.61 -47.74
CA LYS H 46 7.81 -12.46 -47.14
C LYS H 46 9.21 -12.01 -47.52
N SER H 47 9.37 -11.35 -48.68
CA SER H 47 10.66 -10.83 -49.07
C SER H 47 11.14 -9.73 -48.13
N THR H 48 10.21 -9.06 -47.43
CA THR H 48 10.60 -8.09 -46.41
C THR H 48 11.17 -8.75 -45.16
N ILE H 49 11.14 -10.07 -45.07
CA ILE H 49 11.67 -10.76 -43.91
C ILE H 49 13.19 -10.90 -44.00
N VAL H 50 13.73 -10.97 -45.20
CA VAL H 50 15.17 -11.13 -45.40
C VAL H 50 15.93 -9.91 -44.89
N ILE H 184 15.20 -20.86 -55.02
CA ILE H 184 14.58 -21.59 -53.92
C ILE H 184 15.66 -22.29 -53.09
N VAL H 185 16.67 -21.54 -52.67
CA VAL H 185 17.78 -22.10 -51.90
C VAL H 185 18.50 -20.94 -51.20
N GLU H 186 18.92 -21.19 -49.96
CA GLU H 186 19.64 -20.16 -49.18
C GLU H 186 20.27 -20.85 -47.97
N THR H 187 21.51 -21.31 -48.14
CA THR H 187 22.27 -21.97 -47.07
C THR H 187 23.68 -21.37 -47.02
N HIS H 188 23.80 -20.18 -46.41
CA HIS H 188 25.09 -19.55 -46.25
C HIS H 188 25.08 -18.64 -45.02
N PHE H 189 24.43 -19.09 -43.95
CA PHE H 189 24.38 -18.33 -42.69
C PHE H 189 25.58 -18.69 -41.81
N THR H 190 25.57 -19.92 -41.28
CA THR H 190 26.69 -20.47 -40.51
C THR H 190 27.05 -19.60 -39.31
N PHE H 191 26.05 -18.95 -38.70
CA PHE H 191 26.26 -18.19 -37.46
C PHE H 191 26.26 -19.17 -36.28
N LYS H 192 27.37 -19.91 -36.19
CA LYS H 192 27.59 -20.95 -35.17
C LYS H 192 26.64 -22.12 -35.36
N ASP H 193 25.65 -21.96 -36.23
CA ASP H 193 24.73 -23.03 -36.60
C ASP H 193 24.34 -22.83 -38.06
N LEU H 194 23.92 -23.91 -38.70
CA LEU H 194 23.66 -23.87 -40.14
C LEU H 194 22.57 -22.86 -40.48
N HIS H 195 21.38 -23.04 -39.93
CA HIS H 195 20.24 -22.14 -40.13
C HIS H 195 19.93 -21.99 -41.62
N PHE H 196 19.33 -23.05 -42.16
CA PHE H 196 19.03 -23.15 -43.58
C PHE H 196 17.55 -22.86 -43.80
N LYS H 197 17.25 -21.73 -44.43
CA LYS H 197 15.89 -21.36 -44.81
C LYS H 197 15.73 -21.46 -46.32
N MET H 198 14.58 -21.96 -46.75
CA MET H 198 14.30 -22.18 -48.16
C MET H 198 13.30 -21.14 -48.65
N PHE H 199 13.47 -20.70 -49.89
CA PHE H 199 12.52 -19.79 -50.52
C PHE H 199 11.29 -20.58 -50.96
N ASP H 200 10.41 -19.96 -51.73
CA ASP H 200 9.17 -20.63 -52.13
C ASP H 200 8.72 -20.06 -53.48
N VAL H 201 9.02 -20.80 -54.56
CA VAL H 201 8.56 -20.46 -55.90
C VAL H 201 7.92 -21.71 -56.49
N GLY H 202 6.63 -21.61 -56.82
CA GLY H 202 5.87 -22.79 -57.19
C GLY H 202 6.15 -23.19 -58.62
N GLY H 203 6.57 -24.43 -58.83
CA GLY H 203 6.81 -24.94 -60.17
C GLY H 203 8.05 -24.41 -60.84
N GLN H 204 9.21 -24.72 -60.27
CA GLN H 204 10.49 -24.29 -60.83
C GLN H 204 11.44 -25.46 -60.94
N ARG H 205 11.78 -26.08 -59.82
CA ARG H 205 12.84 -27.08 -59.77
C ARG H 205 12.37 -28.45 -60.23
N SER H 206 11.08 -28.74 -60.08
CA SER H 206 10.57 -30.12 -60.17
C SER H 206 10.09 -30.45 -61.59
N GLU H 207 11.05 -30.51 -62.50
CA GLU H 207 10.75 -31.02 -63.82
C GLU H 207 11.82 -31.98 -64.33
N ARG H 208 12.83 -32.30 -63.52
CA ARG H 208 14.02 -32.95 -64.04
C ARG H 208 13.77 -34.42 -64.37
N LYS H 209 13.21 -35.17 -63.43
CA LYS H 209 12.95 -36.59 -63.65
C LYS H 209 11.47 -36.98 -63.51
N LYS H 210 10.59 -36.03 -63.21
CA LYS H 210 9.17 -36.24 -62.87
C LYS H 210 9.02 -36.83 -61.49
N TRP H 211 10.11 -36.91 -60.72
CA TRP H 211 10.09 -37.38 -59.35
C TRP H 211 10.01 -36.22 -58.36
N ILE H 212 9.86 -34.99 -58.84
CA ILE H 212 9.65 -33.81 -58.01
C ILE H 212 10.85 -33.66 -57.06
N HIS H 213 10.59 -33.28 -55.81
CA HIS H 213 11.65 -33.02 -54.86
C HIS H 213 11.22 -33.49 -53.48
N CYS H 214 12.20 -33.94 -52.70
CA CYS H 214 11.97 -34.16 -51.28
C CYS H 214 12.49 -32.95 -50.52
N PHE H 215 13.73 -33.00 -50.05
CA PHE H 215 14.37 -31.88 -49.36
C PHE H 215 13.53 -31.41 -48.16
N GLU H 216 12.94 -32.37 -47.46
CA GLU H 216 12.10 -32.08 -46.30
C GLU H 216 12.67 -32.81 -45.08
N GLY H 217 13.33 -32.06 -44.21
CA GLY H 217 13.68 -32.51 -42.88
C GLY H 217 13.46 -31.34 -41.93
N VAL H 218 12.59 -30.43 -42.36
CA VAL H 218 12.40 -29.15 -41.68
C VAL H 218 11.87 -29.38 -40.27
N THR H 219 12.36 -28.57 -39.34
CA THR H 219 11.91 -28.63 -37.96
C THR H 219 11.18 -27.36 -37.51
N ALA H 220 10.99 -26.40 -38.40
CA ALA H 220 10.27 -25.18 -38.08
C ALA H 220 9.87 -24.49 -39.38
N ILE H 221 8.59 -24.24 -39.57
CA ILE H 221 8.10 -23.58 -40.76
C ILE H 221 7.87 -22.11 -40.45
N ILE H 222 7.81 -21.30 -41.50
CA ILE H 222 7.56 -19.86 -41.40
C ILE H 222 6.30 -19.55 -42.22
N PHE H 223 5.30 -18.99 -41.56
CA PHE H 223 4.04 -18.65 -42.20
C PHE H 223 3.85 -17.13 -42.15
N CYS H 224 3.44 -16.55 -43.27
CA CYS H 224 3.24 -15.10 -43.39
C CYS H 224 1.90 -14.86 -44.07
N VAL H 225 0.89 -14.51 -43.28
CA VAL H 225 -0.44 -14.14 -43.80
C VAL H 225 -0.75 -12.73 -43.32
N ALA H 226 -1.19 -11.89 -44.25
CA ALA H 226 -1.57 -10.52 -43.90
C ALA H 226 -2.96 -10.50 -43.29
N LEU H 227 -3.21 -9.49 -42.46
CA LEU H 227 -4.51 -9.28 -41.86
C LEU H 227 -5.25 -8.09 -42.43
N SER H 228 -4.55 -7.20 -43.16
CA SER H 228 -5.23 -6.10 -43.82
C SER H 228 -6.12 -6.59 -44.96
N ASP H 229 -5.66 -7.62 -45.69
CA ASP H 229 -6.48 -8.22 -46.73
C ASP H 229 -7.59 -9.10 -46.18
N TYR H 230 -8.26 -8.63 -45.13
CA TYR H 230 -9.34 -9.37 -44.52
C TYR H 230 -10.68 -9.08 -45.18
N ASP H 231 -10.83 -7.89 -45.75
CA ASP H 231 -12.02 -7.52 -46.49
C ASP H 231 -11.88 -7.73 -47.99
N LEU H 232 -10.82 -8.40 -48.43
CA LEU H 232 -10.69 -8.76 -49.82
C LEU H 232 -11.30 -10.15 -50.06
N VAL H 233 -11.28 -10.59 -51.31
CA VAL H 233 -11.78 -11.91 -51.65
C VAL H 233 -10.94 -12.46 -52.81
N LEU H 234 -10.01 -13.36 -52.47
CA LEU H 234 -9.09 -13.88 -53.49
C LEU H 234 -9.84 -14.61 -54.59
N ALA H 235 -10.89 -15.34 -54.23
CA ALA H 235 -11.75 -15.95 -55.24
C ALA H 235 -12.45 -14.86 -56.03
N GLU H 236 -12.25 -14.86 -57.35
CA GLU H 236 -12.75 -13.78 -58.20
C GLU H 236 -14.27 -13.83 -58.22
N ASP H 237 -14.90 -12.92 -57.47
CA ASP H 237 -16.36 -12.75 -57.44
C ASP H 237 -17.05 -14.03 -56.97
N GLU H 238 -16.57 -14.59 -55.87
CA GLU H 238 -17.12 -15.82 -55.32
C GLU H 238 -17.41 -15.64 -53.84
N GLU H 239 -18.18 -16.58 -53.29
CA GLU H 239 -18.60 -16.49 -51.89
C GLU H 239 -17.44 -16.74 -50.93
N MET H 240 -16.46 -17.55 -51.32
CA MET H 240 -15.33 -17.86 -50.46
C MET H 240 -14.48 -16.61 -50.26
N ASN H 241 -14.40 -16.15 -49.01
CA ASN H 241 -13.66 -14.93 -48.68
C ASN H 241 -12.17 -15.18 -48.79
N ARG H 242 -11.38 -14.20 -48.33
CA ARG H 242 -9.92 -14.33 -48.39
C ARG H 242 -9.33 -14.88 -47.10
N MET H 243 -9.86 -14.48 -45.95
CA MET H 243 -9.31 -14.96 -44.68
C MET H 243 -9.55 -16.46 -44.51
N HIS H 244 -10.74 -16.93 -44.90
CA HIS H 244 -11.00 -18.37 -44.87
C HIS H 244 -10.06 -19.10 -45.83
N GLU H 245 -9.79 -18.50 -46.99
CA GLU H 245 -8.88 -19.12 -47.95
C GLU H 245 -7.47 -19.20 -47.40
N SER H 246 -7.07 -18.21 -46.58
CA SER H 246 -5.77 -18.28 -45.94
C SER H 246 -5.75 -19.31 -44.83
N MET H 247 -6.86 -19.43 -44.10
CA MET H 247 -6.96 -20.47 -43.06
C MET H 247 -6.94 -21.86 -43.68
N LYS H 248 -7.37 -21.99 -44.94
CA LYS H 248 -7.28 -23.28 -45.62
C LYS H 248 -5.84 -23.76 -45.69
N LEU H 249 -4.89 -22.84 -45.88
CA LEU H 249 -3.49 -23.24 -45.93
C LEU H 249 -3.00 -23.73 -44.57
N PHE H 250 -3.44 -23.08 -43.49
CA PHE H 250 -3.11 -23.57 -42.15
C PHE H 250 -3.68 -24.96 -41.93
N ASP H 251 -4.93 -25.18 -42.36
CA ASP H 251 -5.54 -26.50 -42.23
C ASP H 251 -4.76 -27.54 -43.00
N SER H 252 -4.31 -27.20 -44.21
CA SER H 252 -3.54 -28.15 -45.02
C SER H 252 -2.18 -28.43 -44.41
N ILE H 253 -1.54 -27.42 -43.82
CA ILE H 253 -0.23 -27.61 -43.22
C ILE H 253 -0.33 -28.47 -41.96
N CYS H 254 -1.41 -28.27 -41.18
CA CYS H 254 -1.55 -29.05 -39.95
C CYS H 254 -1.98 -30.48 -40.24
N ASN H 255 -2.83 -30.68 -41.26
CA ASN H 255 -3.30 -32.02 -41.57
C ASN H 255 -2.22 -32.87 -42.25
N ASN H 256 -1.21 -32.24 -42.85
CA ASN H 256 -0.14 -32.99 -43.48
C ASN H 256 0.65 -33.77 -42.43
N LYS H 257 1.02 -35.00 -42.78
CA LYS H 257 1.78 -35.86 -41.88
C LYS H 257 3.27 -35.56 -41.89
N TRP H 258 3.70 -34.54 -42.63
CA TRP H 258 5.09 -34.10 -42.61
C TRP H 258 5.37 -33.11 -41.50
N PHE H 259 4.35 -32.57 -40.86
CA PHE H 259 4.50 -31.56 -39.81
C PHE H 259 3.62 -31.88 -38.62
N THR H 260 3.50 -33.17 -38.30
CA THR H 260 2.74 -33.59 -37.12
C THR H 260 3.40 -33.12 -35.82
N ASP H 261 4.71 -32.86 -35.84
CA ASP H 261 5.45 -32.40 -34.67
C ASP H 261 6.48 -31.37 -35.07
N THR H 262 6.14 -30.52 -36.04
CA THR H 262 7.00 -29.45 -36.52
C THR H 262 6.44 -28.12 -36.05
N SER H 263 7.28 -27.31 -35.39
CA SER H 263 6.82 -26.05 -34.82
C SER H 263 6.33 -25.11 -35.91
N ILE H 264 5.33 -24.30 -35.56
CA ILE H 264 4.70 -23.37 -36.48
C ILE H 264 4.96 -21.95 -35.99
N ILE H 265 5.31 -21.08 -36.93
CA ILE H 265 5.56 -19.66 -36.66
C ILE H 265 4.59 -18.85 -37.50
N LEU H 266 3.84 -17.98 -36.84
CA LEU H 266 2.80 -17.18 -37.48
C LEU H 266 3.22 -15.71 -37.54
N PHE H 267 3.14 -15.11 -38.72
CA PHE H 267 3.43 -13.70 -38.93
C PHE H 267 2.20 -13.03 -39.52
N LEU H 268 1.84 -11.87 -38.96
CA LEU H 268 0.73 -11.06 -39.47
C LEU H 268 1.30 -9.72 -39.92
N ASN H 269 1.56 -9.59 -41.21
CA ASN H 269 2.15 -8.39 -41.76
C ASN H 269 1.09 -7.34 -42.06
N LYS H 270 1.53 -6.09 -42.16
CA LYS H 270 0.67 -4.94 -42.45
C LYS H 270 -0.43 -4.79 -41.41
N LYS H 271 0.00 -4.55 -40.16
CA LYS H 271 -0.94 -4.30 -39.08
C LYS H 271 -1.35 -2.83 -39.00
N ASP H 272 -0.49 -1.93 -39.48
CA ASP H 272 -0.83 -0.51 -39.44
C ASP H 272 -2.05 -0.19 -40.30
N LEU H 273 -2.26 -0.94 -41.38
CA LEU H 273 -3.44 -0.74 -42.21
C LEU H 273 -4.69 -1.24 -41.50
N PHE H 274 -4.61 -2.42 -40.90
CA PHE H 274 -5.76 -2.97 -40.17
C PHE H 274 -6.11 -2.12 -38.96
N GLU H 275 -5.12 -1.47 -38.35
CA GLU H 275 -5.37 -0.69 -37.13
C GLU H 275 -6.29 0.49 -37.39
N GLU H 276 -6.29 1.02 -38.62
CA GLU H 276 -7.15 2.14 -38.98
C GLU H 276 -8.25 1.77 -39.96
N LYS H 277 -8.23 0.57 -40.54
CA LYS H 277 -9.31 0.10 -41.40
C LYS H 277 -10.43 -0.57 -40.62
N ILE H 278 -10.59 -0.23 -39.35
CA ILE H 278 -11.69 -0.76 -38.55
C ILE H 278 -12.88 0.18 -38.70
N LYS H 279 -12.76 1.14 -39.61
CA LYS H 279 -13.89 1.99 -39.95
C LYS H 279 -15.05 1.17 -40.52
N LYS H 280 -14.73 0.11 -41.27
CA LYS H 280 -15.74 -0.84 -41.69
C LYS H 280 -16.11 -1.75 -40.53
N SER H 281 -17.15 -2.55 -40.73
CA SER H 281 -17.63 -3.43 -39.66
C SER H 281 -16.56 -4.45 -39.29
N PRO H 282 -16.52 -4.88 -38.03
CA PRO H 282 -15.50 -5.86 -37.60
C PRO H 282 -15.73 -7.25 -38.15
N LEU H 283 -16.87 -7.52 -38.79
CA LEU H 283 -17.18 -8.86 -39.26
C LEU H 283 -17.80 -8.83 -40.65
N THR H 284 -17.36 -7.91 -41.51
CA THR H 284 -17.98 -7.75 -42.83
C THR H 284 -17.90 -9.04 -43.64
N ILE H 285 -16.71 -9.64 -43.73
CA ILE H 285 -16.54 -10.86 -44.52
C ILE H 285 -15.43 -11.75 -44.00
N CYS H 286 -15.01 -11.57 -42.74
CA CYS H 286 -13.98 -12.41 -42.16
C CYS H 286 -14.53 -13.44 -41.18
N TYR H 287 -15.13 -12.96 -40.10
CA TYR H 287 -15.74 -13.84 -39.10
C TYR H 287 -17.17 -13.34 -38.88
N PRO H 288 -18.05 -13.58 -39.86
CA PRO H 288 -19.40 -13.01 -39.79
C PRO H 288 -20.21 -13.52 -38.64
N GLU H 289 -19.84 -14.66 -38.05
CA GLU H 289 -20.64 -15.26 -36.99
C GLU H 289 -20.72 -14.33 -35.78
N TYR H 290 -19.58 -14.01 -35.18
CA TYR H 290 -19.57 -13.17 -34.00
C TYR H 290 -18.32 -12.32 -33.97
N ALA H 291 -18.34 -11.31 -33.09
CA ALA H 291 -17.19 -10.43 -32.89
C ALA H 291 -17.22 -9.90 -31.47
N GLY H 292 -16.06 -9.89 -30.83
CA GLY H 292 -15.98 -9.38 -29.46
C GLY H 292 -16.33 -7.92 -29.37
N SER H 293 -15.71 -7.09 -30.21
CA SER H 293 -15.92 -5.66 -30.18
C SER H 293 -15.25 -5.07 -31.42
N ASN H 294 -15.10 -3.74 -31.41
CA ASN H 294 -14.58 -2.97 -32.53
C ASN H 294 -13.15 -2.52 -32.32
N THR H 295 -12.53 -2.84 -31.19
CA THR H 295 -11.17 -2.41 -30.90
C THR H 295 -10.16 -3.37 -31.50
N TYR H 296 -8.90 -2.95 -31.48
CA TYR H 296 -7.82 -3.79 -31.98
C TYR H 296 -7.46 -4.88 -30.97
N GLU H 297 -7.36 -4.53 -29.69
CA GLU H 297 -6.90 -5.47 -28.67
C GLU H 297 -7.82 -6.68 -28.53
N GLU H 298 -9.07 -6.58 -28.97
CA GLU H 298 -9.99 -7.70 -28.89
C GLU H 298 -10.14 -8.44 -30.22
N ALA H 299 -10.23 -7.72 -31.34
CA ALA H 299 -10.35 -8.39 -32.63
C ALA H 299 -9.08 -9.15 -32.99
N ALA H 300 -7.91 -8.53 -32.75
CA ALA H 300 -6.65 -9.22 -33.03
C ALA H 300 -6.49 -10.46 -32.15
N ALA H 301 -6.89 -10.36 -30.88
CA ALA H 301 -6.81 -11.52 -30.00
C ALA H 301 -7.79 -12.61 -30.44
N TYR H 302 -8.95 -12.22 -30.95
CA TYR H 302 -9.90 -13.22 -31.47
C TYR H 302 -9.32 -13.93 -32.68
N ILE H 303 -8.73 -13.19 -33.61
CA ILE H 303 -8.10 -13.80 -34.77
C ILE H 303 -6.96 -14.73 -34.34
N GLN H 304 -6.18 -14.31 -33.35
CA GLN H 304 -5.08 -15.13 -32.86
C GLN H 304 -5.59 -16.41 -32.24
N CYS H 305 -6.66 -16.32 -31.42
CA CYS H 305 -7.23 -17.53 -30.81
C CYS H 305 -7.80 -18.46 -31.86
N GLN H 306 -8.41 -17.92 -32.90
CA GLN H 306 -8.97 -18.78 -33.94
C GLN H 306 -7.87 -19.49 -34.72
N PHE H 307 -6.81 -18.76 -35.09
CA PHE H 307 -5.68 -19.40 -35.75
C PHE H 307 -4.98 -20.40 -34.84
N GLU H 308 -5.06 -20.19 -33.52
CA GLU H 308 -4.46 -21.12 -32.58
C GLU H 308 -5.26 -22.41 -32.51
N ASP H 309 -6.57 -22.30 -32.31
CA ASP H 309 -7.41 -23.50 -32.25
C ASP H 309 -7.55 -24.19 -33.60
N LEU H 310 -7.24 -23.50 -34.69
CA LEU H 310 -7.23 -24.15 -35.99
C LEU H 310 -6.18 -25.26 -36.05
N ASN H 311 -5.13 -25.14 -35.25
CA ASN H 311 -4.13 -26.20 -35.14
C ASN H 311 -4.76 -27.45 -34.55
N LYS H 312 -4.55 -28.59 -35.21
CA LYS H 312 -5.11 -29.85 -34.75
C LYS H 312 -4.45 -30.32 -33.46
N ARG H 313 -3.16 -30.66 -33.52
CA ARG H 313 -2.42 -31.13 -32.36
C ARG H 313 -1.99 -29.93 -31.53
N LYS H 314 -2.95 -29.39 -30.77
CA LYS H 314 -2.67 -28.26 -29.89
C LYS H 314 -1.93 -28.68 -28.63
N ASP H 315 -1.99 -29.96 -28.26
CA ASP H 315 -1.31 -30.46 -27.07
C ASP H 315 0.20 -30.51 -27.28
N THR H 316 0.65 -31.38 -28.18
CA THR H 316 2.07 -31.53 -28.45
C THR H 316 2.63 -30.29 -29.14
N LYS H 317 2.16 -30.01 -30.35
CA LYS H 317 2.60 -28.83 -31.07
C LYS H 317 2.06 -27.56 -30.41
N GLU H 318 2.88 -26.51 -30.39
CA GLU H 318 2.44 -25.21 -29.92
C GLU H 318 2.91 -24.16 -30.91
N ILE H 319 2.01 -23.27 -31.29
CA ILE H 319 2.29 -22.29 -32.33
C ILE H 319 2.81 -21.01 -31.68
N TYR H 320 3.47 -20.19 -32.49
CA TYR H 320 4.04 -18.91 -32.06
C TYR H 320 3.42 -17.82 -32.92
N THR H 321 2.64 -16.94 -32.28
CA THR H 321 1.94 -15.87 -32.97
C THR H 321 2.65 -14.55 -32.70
N HIS H 322 3.06 -13.88 -33.78
CA HIS H 322 3.76 -12.60 -33.70
C HIS H 322 3.15 -11.63 -34.70
N PHE H 323 2.96 -10.39 -34.25
CA PHE H 323 2.39 -9.34 -35.07
C PHE H 323 3.49 -8.41 -35.56
N THR H 324 3.38 -7.95 -36.80
CA THR H 324 4.38 -7.10 -37.42
C THR H 324 3.73 -5.92 -38.12
N CYS H 325 4.44 -4.81 -38.18
CA CYS H 325 3.99 -3.63 -38.88
C CYS H 325 5.16 -3.11 -39.71
N ALA H 326 5.08 -1.85 -40.13
CA ALA H 326 6.18 -1.24 -40.87
C ALA H 326 7.37 -0.99 -39.95
N THR H 327 8.56 -1.32 -40.43
CA THR H 327 9.76 -1.17 -39.62
C THR H 327 10.19 0.28 -39.50
N ASP H 328 10.19 1.03 -40.60
CA ASP H 328 10.54 2.45 -40.56
C ASP H 328 9.83 3.14 -41.71
N THR H 329 9.14 4.23 -41.40
CA THR H 329 8.47 5.03 -42.42
C THR H 329 9.37 6.24 -42.74
N LYS H 330 8.77 7.31 -43.25
CA LYS H 330 9.55 8.44 -43.74
C LYS H 330 10.08 9.32 -42.61
N ASN H 331 9.41 9.35 -41.46
CA ASN H 331 9.72 10.31 -40.42
C ASN H 331 10.16 9.67 -39.11
N VAL H 332 9.32 8.86 -38.47
CA VAL H 332 9.55 8.41 -37.10
C VAL H 332 9.20 6.94 -36.98
N GLN H 333 10.02 6.20 -36.22
CA GLN H 333 9.72 4.81 -35.90
C GLN H 333 8.48 4.73 -35.02
N PHE H 334 7.63 3.74 -35.31
CA PHE H 334 6.36 3.62 -34.58
C PHE H 334 6.58 3.23 -33.13
N VAL H 335 7.50 2.30 -32.87
CA VAL H 335 7.73 1.81 -31.51
C VAL H 335 8.35 2.85 -30.61
N PHE H 336 8.85 3.96 -31.17
CA PHE H 336 9.43 5.04 -30.39
C PHE H 336 8.49 6.21 -30.19
N ASP H 337 7.31 6.20 -30.82
CA ASP H 337 6.39 7.31 -30.76
C ASP H 337 4.99 6.93 -30.27
N ALA H 338 4.51 5.73 -30.58
CA ALA H 338 3.17 5.32 -30.15
C ALA H 338 3.05 5.33 -28.63
N VAL H 339 4.14 5.01 -27.92
CA VAL H 339 4.12 5.05 -26.47
C VAL H 339 3.84 6.45 -25.97
N THR H 340 4.42 7.47 -26.62
CA THR H 340 4.14 8.84 -26.22
C THR H 340 2.68 9.20 -26.52
N ASP H 341 2.17 8.76 -27.67
CA ASP H 341 0.80 9.09 -28.06
C ASP H 341 -0.22 8.45 -27.12
N VAL H 342 0.10 7.29 -26.54
CA VAL H 342 -0.82 6.69 -25.58
C VAL H 342 -0.63 7.25 -24.17
N ILE H 343 0.61 7.58 -23.78
CA ILE H 343 0.83 8.16 -22.46
C ILE H 343 0.18 9.53 -22.34
N ILE H 344 0.28 10.35 -23.39
CA ILE H 344 -0.38 11.66 -23.36
C ILE H 344 -1.89 11.49 -23.21
N LYS H 345 -2.48 10.56 -23.96
CA LYS H 345 -3.92 10.35 -23.90
C LYS H 345 -4.35 9.90 -22.53
N ASN H 346 -3.62 8.95 -21.91
CA ASN H 346 -3.99 8.50 -20.59
C ASN H 346 -3.80 9.61 -19.54
N ASN H 347 -2.73 10.39 -19.67
CA ASN H 347 -2.47 11.47 -18.72
C ASN H 347 -3.58 12.51 -18.78
N LEU H 348 -4.07 12.83 -19.98
CA LEU H 348 -5.16 13.78 -20.08
C LEU H 348 -6.49 13.16 -19.67
N LYS H 349 -6.65 11.84 -19.86
CA LYS H 349 -7.89 11.19 -19.45
C LYS H 349 -8.02 11.09 -17.95
N ASP H 350 -6.89 10.98 -17.23
CA ASP H 350 -6.95 10.93 -15.77
C ASP H 350 -7.52 12.21 -15.18
N CYS H 351 -7.35 13.33 -15.87
CA CYS H 351 -7.79 14.62 -15.37
C CYS H 351 -9.27 14.82 -15.61
N GLY H 352 -9.77 15.99 -15.22
CA GLY H 352 -11.15 16.39 -15.46
C GLY H 352 -11.95 16.47 -14.18
N LEU H 353 -13.25 16.76 -14.36
CA LEU H 353 -14.24 16.75 -13.29
C LEU H 353 -13.93 17.76 -12.19
N PHE H 354 -13.34 18.91 -12.56
CA PHE H 354 -13.07 19.96 -11.60
C PHE H 354 -14.20 20.98 -11.57
N LYS I 35 4.07 -42.59 26.29
CA LYS I 35 5.53 -42.68 26.38
C LYS I 35 6.13 -41.37 26.90
N LEU I 36 5.84 -41.06 28.16
CA LEU I 36 6.32 -39.84 28.79
C LEU I 36 6.93 -40.15 30.14
N LEU I 37 7.77 -39.23 30.62
CA LEU I 37 8.44 -39.38 31.90
C LEU I 37 8.61 -38.00 32.51
N LEU I 38 8.19 -37.85 33.77
CA LEU I 38 8.24 -36.56 34.45
C LEU I 38 9.56 -36.44 35.21
N LEU I 39 10.31 -35.38 34.91
CA LEU I 39 11.59 -35.12 35.55
C LEU I 39 11.69 -33.64 35.89
N GLY I 40 12.33 -33.33 37.00
CA GLY I 40 12.52 -31.96 37.41
C GLY I 40 12.54 -31.83 38.91
N ALA I 41 12.96 -30.65 39.36
CA ALA I 41 13.02 -30.36 40.78
C ALA I 41 11.62 -30.25 41.37
N GLY I 42 11.56 -30.32 42.71
CA GLY I 42 10.30 -30.23 43.41
C GLY I 42 9.80 -28.83 43.67
N GLU I 43 10.50 -27.80 43.19
CA GLU I 43 10.11 -26.42 43.39
C GLU I 43 9.25 -25.87 42.25
N SER I 44 9.02 -26.65 41.21
CA SER I 44 8.25 -26.19 40.06
C SER I 44 6.77 -26.57 40.14
N GLY I 45 6.36 -27.25 41.21
CA GLY I 45 4.99 -27.71 41.32
C GLY I 45 4.62 -28.68 40.23
N LYS I 46 5.40 -29.76 40.09
CA LYS I 46 5.18 -30.72 39.02
C LYS I 46 3.85 -31.44 39.18
N SER I 47 3.36 -31.58 40.41
CA SER I 47 2.09 -32.26 40.66
C SER I 47 0.90 -31.51 40.06
N THR I 48 1.08 -30.26 39.62
CA THR I 48 0.00 -29.54 38.97
C THR I 48 -0.42 -30.19 37.66
N ILE I 49 0.47 -30.96 37.03
CA ILE I 49 0.15 -31.68 35.81
C ILE I 49 -0.83 -32.80 36.13
N VAL I 50 -2.12 -32.53 35.95
CA VAL I 50 -3.15 -33.51 36.25
C VAL I 50 -3.76 -34.06 34.96
N ILE I 184 6.86 -42.87 39.87
CA ILE I 184 6.40 -44.14 40.41
C ILE I 184 4.92 -44.06 40.77
N VAL I 185 4.25 -43.05 40.22
CA VAL I 185 2.81 -42.89 40.47
C VAL I 185 2.02 -43.97 39.76
N GLU I 186 2.55 -44.51 38.66
CA GLU I 186 1.89 -45.56 37.88
C GLU I 186 0.52 -45.11 37.38
N THR I 187 0.45 -43.88 36.87
CA THR I 187 -0.79 -43.33 36.35
C THR I 187 -0.96 -43.74 34.89
N HIS I 188 -2.21 -44.01 34.51
CA HIS I 188 -2.53 -44.45 33.15
C HIS I 188 -3.95 -44.02 32.81
N PHE I 189 -4.09 -43.21 31.77
CA PHE I 189 -5.40 -42.82 31.24
C PHE I 189 -5.34 -43.01 29.73
N THR I 190 -5.90 -44.12 29.26
CA THR I 190 -5.78 -44.52 27.86
C THR I 190 -7.05 -44.17 27.09
N PHE I 191 -6.87 -43.78 25.85
CA PHE I 191 -7.95 -43.59 24.88
C PHE I 191 -7.65 -44.24 23.54
N LYS I 192 -6.44 -44.10 23.04
CA LYS I 192 -5.99 -44.78 21.83
C LYS I 192 -4.64 -45.47 21.94
N ASP I 193 -3.74 -45.00 22.79
CA ASP I 193 -2.43 -45.62 22.99
C ASP I 193 -2.25 -45.95 24.46
N LEU I 194 -1.00 -46.16 24.90
CA LEU I 194 -0.72 -46.50 26.29
C LEU I 194 -0.58 -45.26 27.17
N HIS I 195 0.08 -44.22 26.67
CA HIS I 195 0.30 -42.97 27.39
C HIS I 195 1.03 -43.21 28.71
N PHE I 196 2.31 -43.58 28.57
CA PHE I 196 3.16 -43.77 29.74
C PHE I 196 3.35 -42.44 30.47
N LYS I 197 3.38 -42.50 31.79
CA LYS I 197 3.54 -41.30 32.60
C LYS I 197 3.97 -41.71 34.00
N MET I 198 5.14 -41.26 34.43
CA MET I 198 5.72 -41.62 35.72
C MET I 198 5.95 -40.36 36.55
N PHE I 199 6.37 -40.57 37.79
CA PHE I 199 6.66 -39.48 38.72
C PHE I 199 8.15 -39.50 39.07
N ASP I 200 8.53 -38.66 40.03
CA ASP I 200 9.93 -38.49 40.41
C ASP I 200 10.02 -38.45 41.94
N VAL I 201 10.32 -39.59 42.55
CA VAL I 201 10.57 -39.69 43.98
C VAL I 201 11.94 -40.32 44.16
N GLY I 202 12.83 -39.62 44.87
CA GLY I 202 14.21 -40.05 45.00
C GLY I 202 14.41 -41.34 45.76
N GLY I 203 14.54 -42.45 45.02
CA GLY I 203 14.83 -43.74 45.62
C GLY I 203 13.79 -44.22 46.60
N GLN I 204 12.60 -44.53 46.11
CA GLN I 204 11.49 -44.96 46.97
C GLN I 204 10.96 -46.33 46.57
N ARG I 205 10.71 -46.56 45.28
CA ARG I 205 10.13 -47.83 44.84
C ARG I 205 11.16 -48.97 44.88
N SER I 206 12.45 -48.65 44.78
CA SER I 206 13.50 -49.65 44.84
C SER I 206 14.64 -49.08 45.67
N GLU I 207 14.88 -49.66 46.86
CA GLU I 207 15.95 -49.19 47.71
C GLU I 207 16.59 -50.32 48.51
N ARG I 208 15.84 -51.38 48.78
CA ARG I 208 16.39 -52.51 49.53
C ARG I 208 16.90 -53.62 48.62
N LYS I 209 16.44 -53.69 47.37
CA LYS I 209 16.93 -54.67 46.42
C LYS I 209 18.19 -54.15 45.73
N LYS I 210 19.02 -55.09 45.27
CA LYS I 210 20.24 -54.72 44.57
C LYS I 210 19.93 -54.20 43.17
N TRP I 211 19.28 -55.03 42.35
CA TRP I 211 18.88 -54.61 41.01
C TRP I 211 17.69 -53.67 41.09
N ILE I 212 17.89 -52.43 40.67
CA ILE I 212 16.83 -51.42 40.70
C ILE I 212 16.04 -51.51 39.40
N HIS I 213 14.71 -51.54 39.53
CA HIS I 213 13.85 -51.69 38.36
C HIS I 213 13.95 -50.48 37.44
N CYS I 214 14.18 -50.75 36.15
CA CYS I 214 14.16 -49.69 35.15
C CYS I 214 12.87 -49.77 34.36
N PHE I 215 12.80 -50.70 33.41
CA PHE I 215 11.61 -50.93 32.59
C PHE I 215 11.10 -49.64 31.96
N GLU I 216 12.04 -48.88 31.41
CA GLU I 216 11.74 -47.62 30.72
C GLU I 216 11.75 -47.85 29.21
N GLY I 217 10.74 -47.29 28.55
CA GLY I 217 10.62 -47.45 27.10
C GLY I 217 9.92 -46.27 26.47
N VAL I 218 9.94 -45.12 27.15
CA VAL I 218 9.27 -43.92 26.69
C VAL I 218 10.02 -43.33 25.51
N THR I 219 9.35 -42.42 24.78
CA THR I 219 9.96 -41.73 23.64
C THR I 219 10.07 -40.23 23.86
N ALA I 220 9.64 -39.71 25.00
CA ALA I 220 9.70 -38.29 25.28
C ALA I 220 9.76 -38.08 26.78
N ILE I 221 10.53 -37.08 27.22
CA ILE I 221 10.65 -36.74 28.62
C ILE I 221 10.07 -35.36 28.84
N ILE I 222 9.70 -35.09 30.09
CA ILE I 222 9.16 -33.81 30.52
C ILE I 222 10.09 -33.24 31.57
N PHE I 223 10.58 -32.02 31.34
CA PHE I 223 11.53 -31.37 32.24
C PHE I 223 10.95 -30.03 32.68
N CYS I 224 10.47 -29.97 33.91
CA CYS I 224 9.98 -28.72 34.50
C CYS I 224 11.07 -28.13 35.39
N VAL I 225 11.36 -26.86 35.18
CA VAL I 225 12.40 -26.17 35.95
C VAL I 225 12.02 -24.72 36.12
N ALA I 226 12.09 -24.23 37.35
CA ALA I 226 11.94 -22.82 37.65
C ALA I 226 13.33 -22.19 37.75
N LEU I 227 13.54 -21.08 37.05
CA LEU I 227 14.82 -20.39 37.07
C LEU I 227 14.82 -19.16 37.96
N SER I 228 13.64 -18.69 38.38
CA SER I 228 13.56 -17.48 39.21
C SER I 228 14.35 -17.60 40.50
N ASP I 229 14.73 -18.81 40.90
CA ASP I 229 15.56 -19.03 42.07
C ASP I 229 17.06 -18.95 41.75
N TYR I 230 17.42 -18.33 40.62
CA TYR I 230 18.83 -18.20 40.20
C TYR I 230 19.63 -17.24 41.07
N ASP I 231 19.11 -16.79 42.20
CA ASP I 231 19.81 -15.85 43.08
C ASP I 231 20.25 -16.47 44.40
N LEU I 232 19.40 -17.27 45.03
CA LEU I 232 19.74 -17.89 46.30
C LEU I 232 20.40 -19.25 46.07
N VAL I 233 20.90 -19.84 47.16
CA VAL I 233 21.65 -21.08 47.10
C VAL I 233 21.05 -22.13 48.03
N LEU I 234 21.78 -23.23 48.25
CA LEU I 234 21.32 -24.33 49.11
C LEU I 234 22.58 -24.97 49.71
N ALA I 235 23.07 -24.37 50.80
CA ALA I 235 24.23 -24.83 51.56
C ALA I 235 25.54 -24.76 50.78
N GLU I 236 25.56 -24.06 49.63
CA GLU I 236 26.77 -23.83 48.86
C GLU I 236 26.68 -22.41 48.33
N ASP I 237 27.22 -21.46 49.11
CA ASP I 237 26.92 -20.05 48.90
C ASP I 237 27.73 -19.44 47.76
N GLU I 238 29.01 -19.76 47.65
CA GLU I 238 29.89 -19.08 46.71
C GLU I 238 29.52 -19.36 45.27
N GLU I 239 29.89 -20.53 44.75
CA GLU I 239 29.69 -20.88 43.35
C GLU I 239 28.71 -22.05 43.28
N MET I 240 27.40 -21.73 43.25
CA MET I 240 26.38 -22.77 43.09
C MET I 240 25.07 -22.04 42.78
N ASN I 241 24.67 -22.05 41.52
CA ASN I 241 23.42 -21.48 41.07
C ASN I 241 22.59 -22.55 40.38
N ARG I 242 21.30 -22.24 40.17
CA ARG I 242 20.41 -23.18 39.50
C ARG I 242 20.82 -23.42 38.06
N MET I 243 21.54 -22.48 37.45
CA MET I 243 22.11 -22.73 36.14
C MET I 243 23.05 -23.93 36.16
N HIS I 244 23.80 -24.09 37.26
CA HIS I 244 24.74 -25.20 37.36
C HIS I 244 24.02 -26.54 37.38
N GLU I 245 22.99 -26.66 38.23
CA GLU I 245 22.25 -27.92 38.29
C GLU I 245 21.50 -28.18 36.99
N SER I 246 21.00 -27.12 36.35
CA SER I 246 20.34 -27.30 35.06
C SER I 246 21.31 -27.84 34.02
N MET I 247 22.50 -27.24 33.93
CA MET I 247 23.50 -27.70 32.98
C MET I 247 23.91 -29.14 33.25
N LYS I 248 24.15 -29.49 34.52
CA LYS I 248 24.62 -30.84 34.82
C LYS I 248 23.52 -31.87 34.54
N LEU I 249 22.27 -31.55 34.88
CA LEU I 249 21.17 -32.47 34.60
C LEU I 249 20.98 -32.66 33.10
N PHE I 250 21.02 -31.58 32.34
CA PHE I 250 20.84 -31.70 30.90
C PHE I 250 22.01 -32.41 30.23
N ASP I 251 23.23 -32.22 30.73
CA ASP I 251 24.37 -32.95 30.20
C ASP I 251 24.28 -34.44 30.53
N SER I 252 23.73 -34.77 31.69
CA SER I 252 23.51 -36.18 32.02
C SER I 252 22.41 -36.79 31.15
N ILE I 253 21.38 -36.00 30.81
CA ILE I 253 20.25 -36.53 30.06
C ILE I 253 20.60 -36.70 28.58
N CYS I 254 21.21 -35.68 27.98
CA CYS I 254 21.44 -35.71 26.54
C CYS I 254 22.47 -36.76 26.12
N ASN I 255 23.43 -37.06 27.00
CA ASN I 255 24.45 -38.06 26.69
C ASN I 255 24.07 -39.46 27.16
N ASN I 256 22.96 -39.60 27.90
CA ASN I 256 22.51 -40.92 28.32
C ASN I 256 22.11 -41.76 27.12
N LYS I 257 22.34 -43.07 27.22
CA LYS I 257 22.13 -43.94 26.07
C LYS I 257 20.65 -44.16 25.80
N TRP I 258 19.84 -44.27 26.86
CA TRP I 258 18.40 -44.40 26.67
C TRP I 258 17.77 -43.15 26.07
N PHE I 259 18.49 -42.04 26.03
CA PHE I 259 18.00 -40.77 25.50
C PHE I 259 18.88 -40.31 24.34
N THR I 260 19.35 -41.24 23.51
CA THR I 260 20.18 -40.87 22.38
C THR I 260 19.37 -40.20 21.28
N ASP I 261 18.09 -40.54 21.15
CA ASP I 261 17.24 -40.03 20.08
C ASP I 261 15.86 -39.61 20.53
N THR I 262 15.43 -39.94 21.75
CA THR I 262 14.10 -39.58 22.21
C THR I 262 13.97 -38.07 22.31
N SER I 263 12.75 -37.57 22.08
CA SER I 263 12.51 -36.14 22.12
C SER I 263 12.50 -35.63 23.55
N ILE I 264 12.90 -34.38 23.73
CA ILE I 264 12.98 -33.73 25.03
C ILE I 264 12.03 -32.54 25.04
N ILE I 265 11.22 -32.44 26.10
CA ILE I 265 10.32 -31.32 26.30
C ILE I 265 10.82 -30.50 27.48
N LEU I 266 10.98 -29.20 27.27
CA LEU I 266 11.50 -28.29 28.28
C LEU I 266 10.41 -27.35 28.76
N PHE I 267 10.35 -27.13 30.07
CA PHE I 267 9.32 -26.30 30.69
C PHE I 267 9.95 -25.13 31.44
N LEU I 268 9.18 -24.06 31.58
CA LEU I 268 9.54 -22.88 32.36
C LEU I 268 8.36 -22.59 33.29
N ASN I 269 8.40 -23.13 34.49
CA ASN I 269 7.31 -22.97 35.44
C ASN I 269 7.55 -21.79 36.36
N LYS I 270 6.49 -21.04 36.65
CA LYS I 270 6.52 -19.88 37.54
C LYS I 270 7.54 -18.85 37.04
N LYS I 271 7.21 -18.29 35.87
CA LYS I 271 8.11 -17.36 35.20
C LYS I 271 7.46 -16.02 34.89
N ASP I 272 6.16 -15.85 35.15
CA ASP I 272 5.53 -14.55 34.92
C ASP I 272 5.98 -13.53 35.96
N LEU I 273 6.18 -13.97 37.21
CA LEU I 273 6.68 -13.07 38.24
C LEU I 273 8.12 -12.65 37.96
N PHE I 274 8.86 -13.43 37.17
CA PHE I 274 10.21 -13.04 36.77
C PHE I 274 10.21 -11.76 35.94
N GLU I 275 9.10 -11.45 35.27
CA GLU I 275 9.01 -10.21 34.51
C GLU I 275 9.21 -9.00 35.42
N GLU I 276 8.68 -9.05 36.63
CA GLU I 276 8.93 -8.01 37.62
C GLU I 276 10.19 -8.26 38.44
N LYS I 277 10.72 -9.48 38.42
CA LYS I 277 11.99 -9.78 39.07
C LYS I 277 13.18 -9.30 38.26
N ILE I 278 12.95 -8.46 37.25
CA ILE I 278 14.05 -7.88 36.48
C ILE I 278 14.77 -6.79 37.24
N LYS I 279 14.24 -6.36 38.39
CA LYS I 279 14.97 -5.45 39.26
C LYS I 279 16.31 -6.05 39.66
N LYS I 280 16.31 -7.32 40.07
CA LYS I 280 17.55 -8.05 40.22
C LYS I 280 18.19 -8.22 38.85
N SER I 281 19.48 -7.88 38.76
CA SER I 281 20.18 -7.89 37.49
C SER I 281 20.10 -9.29 36.86
N PRO I 282 20.00 -9.36 35.53
CA PRO I 282 19.99 -10.68 34.87
C PRO I 282 21.23 -11.49 35.18
N LEU I 283 22.38 -10.85 35.37
CA LEU I 283 23.62 -11.51 35.72
C LEU I 283 24.00 -11.13 37.15
N THR I 284 23.98 -12.13 38.04
CA THR I 284 24.57 -11.99 39.37
C THR I 284 25.90 -12.72 39.41
N ILE I 285 25.87 -14.03 39.21
CA ILE I 285 27.06 -14.81 38.86
C ILE I 285 26.85 -15.62 37.58
N CYS I 286 25.61 -15.80 37.12
CA CYS I 286 25.30 -16.56 35.93
C CYS I 286 25.23 -15.64 34.72
N TYR I 287 25.78 -16.09 33.60
CA TYR I 287 25.83 -15.33 32.35
C TYR I 287 26.47 -13.96 32.54
N PRO I 288 27.72 -13.90 33.03
CA PRO I 288 28.30 -12.61 33.41
C PRO I 288 28.88 -11.83 32.23
N GLU I 289 29.52 -12.50 31.29
CA GLU I 289 30.05 -11.85 30.10
C GLU I 289 29.01 -11.73 28.99
N TYR I 290 27.80 -12.22 29.22
CA TYR I 290 26.77 -12.29 28.19
C TYR I 290 25.74 -11.19 28.43
N ALA I 291 26.17 -9.96 28.16
CA ALA I 291 25.36 -8.78 28.42
C ALA I 291 24.26 -8.67 27.38
N GLY I 292 23.02 -8.96 27.77
CA GLY I 292 21.88 -8.75 26.91
C GLY I 292 21.16 -7.46 27.24
N SER I 293 20.03 -7.58 27.94
CA SER I 293 19.30 -6.42 28.43
C SER I 293 18.35 -6.86 29.53
N ASN I 294 17.76 -5.88 30.20
CA ASN I 294 16.80 -6.14 31.28
C ASN I 294 15.37 -6.20 30.77
N THR I 295 15.14 -6.89 29.66
CA THR I 295 13.80 -7.06 29.10
C THR I 295 13.45 -8.55 29.10
N TYR I 296 12.18 -8.84 29.40
CA TYR I 296 11.73 -10.23 29.40
C TYR I 296 11.84 -10.84 28.02
N GLU I 297 11.51 -10.06 26.98
CA GLU I 297 11.56 -10.56 25.61
C GLU I 297 12.95 -11.10 25.25
N GLU I 298 13.99 -10.43 25.73
CA GLU I 298 15.34 -10.88 25.41
C GLU I 298 15.83 -11.93 26.39
N ALA I 299 15.53 -11.77 27.68
CA ALA I 299 16.05 -12.69 28.69
C ALA I 299 15.47 -14.09 28.53
N ALA I 300 14.15 -14.19 28.33
CA ALA I 300 13.53 -15.49 28.16
C ALA I 300 14.05 -16.19 26.91
N ALA I 301 14.13 -15.45 25.80
CA ALA I 301 14.65 -16.02 24.56
C ALA I 301 16.10 -16.46 24.72
N TYR I 302 16.88 -15.71 25.51
CA TYR I 302 18.29 -16.06 25.68
C TYR I 302 18.46 -17.31 26.53
N ILE I 303 17.67 -17.44 27.60
CA ILE I 303 17.70 -18.68 28.37
C ILE I 303 17.29 -19.85 27.50
N GLN I 304 16.23 -19.67 26.70
CA GLN I 304 15.79 -20.71 25.78
C GLN I 304 16.90 -21.12 24.82
N CYS I 305 17.58 -20.14 24.24
CA CYS I 305 18.60 -20.43 23.23
C CYS I 305 19.82 -21.09 23.86
N GLN I 306 20.18 -20.69 25.07
CA GLN I 306 21.31 -21.35 25.74
C GLN I 306 20.98 -22.80 26.07
N PHE I 307 19.76 -23.05 26.57
CA PHE I 307 19.36 -24.43 26.85
C PHE I 307 19.25 -25.25 25.57
N GLU I 308 18.94 -24.60 24.43
CA GLU I 308 18.89 -25.32 23.17
C GLU I 308 20.29 -25.68 22.67
N ASP I 309 21.20 -24.70 22.65
CA ASP I 309 22.57 -24.96 22.22
C ASP I 309 23.34 -25.83 23.20
N LEU I 310 22.82 -26.04 24.41
CA LEU I 310 23.43 -27.00 25.32
C LEU I 310 23.51 -28.38 24.66
N ASN I 311 22.44 -28.79 23.99
CA ASN I 311 22.40 -30.11 23.38
C ASN I 311 23.41 -30.24 22.25
N LYS I 312 23.93 -31.45 22.07
CA LYS I 312 24.96 -31.71 21.07
C LYS I 312 24.34 -32.01 19.70
N ARG I 313 23.49 -33.04 19.63
CA ARG I 313 22.89 -33.47 18.38
C ARG I 313 21.69 -32.59 18.06
N LYS I 314 21.93 -31.55 17.27
CA LYS I 314 20.88 -30.61 16.90
C LYS I 314 20.10 -31.05 15.66
N ASP I 315 20.55 -32.09 14.97
CA ASP I 315 19.89 -32.55 13.75
C ASP I 315 18.84 -33.62 14.04
N THR I 316 19.24 -34.70 14.70
CA THR I 316 18.30 -35.77 15.02
C THR I 316 17.33 -35.34 16.12
N LYS I 317 17.85 -34.80 17.21
CA LYS I 317 17.06 -34.39 18.36
C LYS I 317 16.79 -32.89 18.30
N GLU I 318 15.54 -32.50 18.49
CA GLU I 318 15.16 -31.11 18.65
C GLU I 318 14.21 -31.01 19.84
N ILE I 319 14.50 -30.09 20.75
CA ILE I 319 13.79 -30.01 22.02
C ILE I 319 12.56 -29.13 21.85
N TYR I 320 11.54 -29.40 22.68
CA TYR I 320 10.33 -28.59 22.74
C TYR I 320 10.43 -27.67 23.94
N THR I 321 10.43 -26.36 23.69
CA THR I 321 10.52 -25.36 24.75
C THR I 321 9.16 -24.73 24.98
N HIS I 322 8.80 -24.57 26.25
CA HIS I 322 7.52 -23.98 26.62
C HIS I 322 7.67 -23.16 27.89
N PHE I 323 6.98 -22.03 27.94
CA PHE I 323 6.98 -21.14 29.09
C PHE I 323 5.59 -21.14 29.73
N THR I 324 5.53 -21.41 31.03
CA THR I 324 4.27 -21.43 31.76
C THR I 324 4.30 -20.36 32.83
N CYS I 325 3.26 -19.51 32.84
CA CYS I 325 3.15 -18.45 33.84
C CYS I 325 2.57 -19.00 35.13
N ALA I 326 1.97 -18.14 35.94
CA ALA I 326 1.33 -18.53 37.19
C ALA I 326 -0.18 -18.38 37.04
N THR I 327 -0.91 -19.42 37.47
CA THR I 327 -2.37 -19.44 37.40
C THR I 327 -3.01 -19.35 38.79
N ASP I 328 -2.37 -18.62 39.70
CA ASP I 328 -2.85 -18.50 41.08
C ASP I 328 -2.88 -17.03 41.48
N THR I 329 -4.07 -16.45 41.52
CA THR I 329 -4.27 -15.09 42.01
C THR I 329 -5.73 -14.92 42.37
N LYS I 330 -6.04 -13.80 43.04
CA LYS I 330 -7.39 -13.58 43.54
C LYS I 330 -8.34 -13.17 42.42
N ASN I 331 -8.01 -12.13 41.68
CA ASN I 331 -8.86 -11.66 40.61
C ASN I 331 -8.96 -12.69 39.49
N VAL I 332 -10.03 -12.59 38.71
CA VAL I 332 -10.21 -13.49 37.58
C VAL I 332 -9.09 -13.26 36.57
N GLN I 333 -8.31 -14.30 36.29
CA GLN I 333 -7.04 -14.16 35.56
C GLN I 333 -6.96 -15.20 34.44
N PHE I 334 -7.16 -14.74 33.21
CA PHE I 334 -6.74 -15.47 32.02
C PHE I 334 -6.20 -14.43 31.03
N VAL I 335 -6.00 -14.85 29.78
CA VAL I 335 -5.26 -14.04 28.82
C VAL I 335 -6.01 -12.77 28.43
N PHE I 336 -7.29 -12.67 28.76
CA PHE I 336 -8.05 -11.48 28.39
C PHE I 336 -7.59 -10.22 29.10
N ASP I 337 -6.68 -10.33 30.06
CA ASP I 337 -6.22 -9.19 30.85
C ASP I 337 -4.79 -8.78 30.56
N ALA I 338 -3.88 -9.73 30.38
CA ALA I 338 -2.46 -9.41 30.19
C ALA I 338 -2.21 -8.69 28.87
N VAL I 339 -3.14 -8.75 27.92
CA VAL I 339 -2.95 -8.07 26.64
C VAL I 339 -3.54 -6.66 26.66
N THR I 340 -4.54 -6.42 27.52
CA THR I 340 -5.19 -5.11 27.56
C THR I 340 -4.20 -4.01 27.97
N ASP I 341 -3.32 -4.32 28.92
CA ASP I 341 -2.35 -3.33 29.38
C ASP I 341 -1.45 -2.88 28.24
N VAL I 342 -0.90 -3.83 27.48
CA VAL I 342 0.01 -3.46 26.41
C VAL I 342 -0.73 -2.80 25.26
N ILE I 343 -1.98 -3.19 25.01
CA ILE I 343 -2.75 -2.51 23.96
C ILE I 343 -2.97 -1.05 24.34
N ILE I 344 -3.37 -0.79 25.59
CA ILE I 344 -3.58 0.58 26.04
C ILE I 344 -2.28 1.37 26.00
N LYS I 345 -1.17 0.74 26.38
CA LYS I 345 0.11 1.43 26.40
C LYS I 345 0.55 1.83 24.99
N ASN I 346 0.42 0.90 24.03
CA ASN I 346 0.80 1.25 22.66
C ASN I 346 -0.15 2.30 22.08
N ASN I 347 -1.43 2.23 22.42
CA ASN I 347 -2.39 3.23 21.93
C ASN I 347 -2.06 4.62 22.47
N LEU I 348 -1.64 4.70 23.73
CA LEU I 348 -1.28 6.01 24.29
C LEU I 348 0.08 6.47 23.79
N LYS I 349 0.97 5.54 23.41
CA LYS I 349 2.25 5.95 22.84
C LYS I 349 2.10 6.41 21.39
N ASP I 350 1.09 5.92 20.67
CA ASP I 350 0.91 6.33 19.29
C ASP I 350 0.69 7.83 19.15
N CYS I 351 0.06 8.46 20.14
CA CYS I 351 -0.21 9.89 20.11
C CYS I 351 0.85 10.66 20.89
N GLY I 352 1.08 11.91 20.48
CA GLY I 352 2.05 12.74 21.18
C GLY I 352 2.48 14.02 20.48
N LEU I 353 3.02 14.95 21.27
CA LEU I 353 3.59 16.21 20.82
C LEU I 353 2.71 16.91 19.79
N PHE I 354 1.45 17.13 20.18
CA PHE I 354 0.52 17.84 19.31
C PHE I 354 -0.17 18.98 20.07
N MET J 2 11.92 35.84 16.72
CA MET J 2 11.98 36.70 17.88
C MET J 2 12.67 35.98 19.04
N GLU J 3 13.31 36.75 19.93
CA GLU J 3 14.10 36.19 21.02
C GLU J 3 13.20 35.91 22.22
N PRO J 4 13.28 34.71 22.81
CA PRO J 4 12.54 34.46 24.06
C PRO J 4 12.91 35.40 25.18
N ARG J 5 14.17 35.85 25.25
CA ARG J 5 14.56 36.79 26.30
C ARG J 5 13.94 38.16 26.08
N ALA J 6 13.89 38.62 24.82
CA ALA J 6 13.30 39.91 24.54
C ALA J 6 11.81 39.92 24.86
N VAL J 7 11.09 38.87 24.45
CA VAL J 7 9.66 38.82 24.73
C VAL J 7 9.42 38.60 26.23
N ALA J 8 10.31 37.89 26.91
CA ALA J 8 10.18 37.73 28.36
C ALA J 8 10.35 39.06 29.07
N ASP J 9 11.30 39.88 28.62
CA ASP J 9 11.47 41.20 29.22
C ASP J 9 10.30 42.12 28.87
N ALA J 10 9.77 42.00 27.65
CA ALA J 10 8.62 42.82 27.26
C ALA J 10 7.37 42.41 28.02
N LEU J 11 7.27 41.15 28.44
CA LEU J 11 6.13 40.71 29.26
C LEU J 11 6.07 41.47 30.57
N GLU J 12 7.22 41.88 31.11
CA GLU J 12 7.22 42.72 32.30
C GLU J 12 6.68 44.12 32.02
N THR J 13 6.71 44.55 30.77
CA THR J 13 6.18 45.84 30.37
C THR J 13 4.73 45.70 29.90
N GLY J 14 4.04 46.83 29.85
CA GLY J 14 2.63 46.83 29.47
C GLY J 14 2.32 47.66 28.25
N GLU J 15 1.87 47.01 27.18
CA GLU J 15 1.48 47.71 25.97
C GLU J 15 0.55 46.79 25.18
N GLU J 16 -0.66 47.28 24.88
CA GLU J 16 -1.66 46.45 24.22
C GLU J 16 -1.28 46.11 22.79
N ASP J 17 -0.39 46.88 22.16
CA ASP J 17 -0.01 46.61 20.78
C ASP J 17 1.50 46.46 20.65
N ALA J 18 2.11 45.68 21.56
CA ALA J 18 3.54 45.42 21.49
C ALA J 18 3.85 43.99 21.90
N VAL J 19 3.33 43.58 23.06
CA VAL J 19 3.56 42.21 23.52
C VAL J 19 2.80 41.21 22.67
N THR J 20 1.63 41.60 22.16
CA THR J 20 0.87 40.71 21.29
C THR J 20 1.61 40.47 19.98
N GLU J 21 2.16 41.52 19.38
CA GLU J 21 2.96 41.35 18.17
C GLU J 21 4.23 40.55 18.45
N ALA J 22 4.82 40.72 19.63
CA ALA J 22 5.99 39.94 19.99
C ALA J 22 5.65 38.45 20.08
N LEU J 23 4.54 38.12 20.74
CA LEU J 23 4.12 36.73 20.83
C LEU J 23 3.78 36.17 19.46
N ARG J 24 3.17 36.98 18.60
CA ARG J 24 2.84 36.53 17.25
C ARG J 24 4.10 36.23 16.45
N SER J 25 5.10 37.11 16.54
CA SER J 25 6.35 36.86 15.83
C SER J 25 7.08 35.64 16.39
N PHE J 26 7.00 35.44 17.70
CA PHE J 26 7.62 34.26 18.30
C PHE J 26 6.95 32.99 17.84
N ASN J 27 5.61 32.98 17.77
CA ASN J 27 4.90 31.82 17.26
C ASN J 27 5.17 31.61 15.77
N ARG J 28 5.36 32.69 15.02
CA ARG J 28 5.73 32.58 13.62
C ARG J 28 7.08 31.90 13.46
N GLU J 29 8.08 32.36 14.22
CA GLU J 29 9.41 31.76 14.15
C GLU J 29 9.40 30.36 14.77
N HIS J 30 9.11 30.27 16.07
CA HIS J 30 9.14 29.01 16.79
C HIS J 30 7.71 28.51 16.96
N SER J 31 7.35 27.47 16.18
CA SER J 31 6.06 26.82 16.30
C SER J 31 6.17 25.31 16.33
N GLN J 32 7.39 24.78 16.46
CA GLN J 32 7.64 23.34 16.41
C GLN J 32 8.17 22.86 17.75
N SER J 33 8.20 21.53 17.90
CA SER J 33 8.63 20.90 19.13
C SER J 33 10.14 20.61 19.07
N PHE J 34 10.63 19.85 20.04
CA PHE J 34 12.02 19.43 20.13
C PHE J 34 12.97 20.63 20.08
N THR J 35 12.92 21.41 21.16
CA THR J 35 13.77 22.59 21.33
C THR J 35 14.44 22.58 22.70
N PHE J 36 14.72 21.39 23.22
CA PHE J 36 15.26 21.23 24.58
C PHE J 36 16.78 21.33 24.60
N ASP J 37 17.36 22.08 23.68
CA ASP J 37 18.81 22.18 23.56
C ASP J 37 19.43 23.13 24.58
N ASP J 38 18.75 23.42 25.69
CA ASP J 38 19.23 24.34 26.73
C ASP J 38 19.54 25.73 26.17
N ALA J 39 18.97 26.08 25.03
CA ALA J 39 19.14 27.41 24.45
C ALA J 39 18.10 28.33 25.08
N GLN J 40 18.55 29.19 26.00
CA GLN J 40 17.68 30.13 26.70
C GLN J 40 16.58 29.40 27.46
N GLN J 41 16.97 28.38 28.22
CA GLN J 41 16.02 27.68 29.07
C GLN J 41 15.79 28.39 30.39
N GLU J 42 16.87 28.92 30.97
CA GLU J 42 16.80 29.57 32.28
C GLU J 42 15.88 30.78 32.28
N ASP J 43 15.59 31.35 31.11
CA ASP J 43 14.63 32.45 31.01
C ASP J 43 13.34 32.08 30.30
N ARG J 44 13.35 31.02 29.47
CA ARG J 44 12.08 30.51 28.97
C ARG J 44 11.23 29.94 30.10
N LYS J 45 11.87 29.41 31.14
CA LYS J 45 11.10 28.95 32.30
C LYS J 45 10.48 30.12 33.04
N ARG J 46 11.18 31.25 33.13
CA ARG J 46 10.59 32.43 33.76
C ARG J 46 9.49 33.02 32.88
N LEU J 47 9.65 32.93 31.56
CA LEU J 47 8.58 33.35 30.65
C LEU J 47 7.32 32.51 30.88
N ALA J 48 7.49 31.19 30.97
CA ALA J 48 6.35 30.32 31.23
C ALA J 48 5.74 30.60 32.61
N LYS J 49 6.59 30.93 33.59
CA LYS J 49 6.09 31.27 34.92
C LYS J 49 5.23 32.53 34.88
N LEU J 50 5.69 33.56 34.16
CA LEU J 50 4.90 34.77 34.02
C LEU J 50 3.60 34.50 33.26
N LEU J 51 3.67 33.64 32.24
CA LEU J 51 2.47 33.32 31.47
C LEU J 51 1.44 32.61 32.33
N VAL J 52 1.87 31.62 33.13
CA VAL J 52 0.90 30.94 33.98
C VAL J 52 0.41 31.85 35.09
N SER J 53 1.26 32.77 35.56
CA SER J 53 0.82 33.71 36.60
C SER J 53 -0.26 34.64 36.08
N VAL J 54 -0.10 35.15 34.86
CA VAL J 54 -1.15 36.00 34.29
C VAL J 54 -2.34 35.17 33.82
N LEU J 55 -2.16 33.86 33.59
CA LEU J 55 -3.28 33.00 33.22
C LEU J 55 -4.17 32.70 34.42
N GLU J 56 -3.57 32.54 35.60
CA GLU J 56 -4.35 32.21 36.79
C GLU J 56 -5.35 33.32 37.12
N GLN J 57 -4.95 34.58 36.95
CA GLN J 57 -5.79 35.72 37.27
C GLN J 57 -6.73 36.10 36.13
N GLY J 58 -6.74 35.35 35.03
CA GLY J 58 -7.61 35.67 33.92
C GLY J 58 -6.92 36.52 32.87
N LEU J 59 -6.93 36.06 31.62
CA LEU J 59 -6.28 36.77 30.52
C LEU J 59 -7.23 37.81 29.93
N SER J 60 -6.63 38.84 29.33
CA SER J 60 -7.42 39.86 28.66
C SER J 60 -8.07 39.29 27.41
N PRO J 61 -9.25 39.81 27.03
CA PRO J 61 -9.95 39.27 25.86
C PRO J 61 -9.29 39.61 24.53
N LYS J 62 -8.30 40.50 24.51
CA LYS J 62 -7.67 40.92 23.26
C LYS J 62 -6.69 39.85 22.79
N HIS J 63 -6.98 39.25 21.62
CA HIS J 63 -6.10 38.29 20.96
C HIS J 63 -5.76 37.13 21.87
N ARG J 64 -6.79 36.34 22.17
CA ARG J 64 -6.61 35.16 23.02
C ARG J 64 -5.95 34.01 22.27
N VAL J 65 -6.12 33.95 20.95
CA VAL J 65 -5.60 32.82 20.17
C VAL J 65 -4.08 32.79 20.22
N THR J 66 -3.44 33.95 20.10
CA THR J 66 -1.97 33.99 20.11
C THR J 66 -1.42 33.61 21.47
N TRP J 67 -2.05 34.08 22.55
CA TRP J 67 -1.61 33.71 23.89
C TRP J 67 -1.77 32.21 24.12
N LEU J 68 -2.91 31.65 23.73
CA LEU J 68 -3.13 30.22 23.91
C LEU J 68 -2.16 29.40 23.05
N GLN J 69 -1.83 29.90 21.86
CA GLN J 69 -0.88 29.18 21.02
C GLN J 69 0.53 29.23 21.60
N THR J 70 0.92 30.37 22.17
CA THR J 70 2.21 30.46 22.84
C THR J 70 2.26 29.52 24.05
N ILE J 71 1.15 29.43 24.80
CA ILE J 71 1.08 28.48 25.91
C ILE J 71 1.22 27.06 25.41
N ARG J 72 0.55 26.73 24.28
CA ARG J 72 0.66 25.40 23.70
C ARG J 72 2.09 25.07 23.31
N ILE J 73 2.77 26.02 22.67
CA ILE J 73 4.15 25.80 22.26
C ILE J 73 5.06 25.63 23.47
N LEU J 74 4.85 26.45 24.51
CA LEU J 74 5.72 26.38 25.68
C LEU J 74 5.48 25.13 26.51
N SER J 75 4.27 24.57 26.46
CA SER J 75 3.98 23.35 27.20
C SER J 75 4.67 22.13 26.63
N ARG J 76 5.34 22.26 25.48
CA ARG J 76 5.96 21.11 24.84
C ARG J 76 7.33 20.79 25.42
N ASP J 77 8.03 21.79 25.93
CA ASP J 77 9.32 21.54 26.57
C ASP J 77 9.12 20.86 27.91
N ARG J 78 10.02 19.93 28.22
CA ARG J 78 9.94 19.21 29.49
C ARG J 78 10.24 20.10 30.69
N SER J 79 10.77 21.30 30.48
CA SER J 79 11.13 22.21 31.55
C SER J 79 10.04 23.24 31.83
N CYS J 80 8.83 23.03 31.31
CA CYS J 80 7.73 23.97 31.53
C CYS J 80 6.43 23.30 31.94
N LEU J 81 6.29 21.98 31.76
CA LEU J 81 5.04 21.32 32.13
C LEU J 81 4.79 21.38 33.63
N ASP J 82 5.87 21.38 34.44
CA ASP J 82 5.69 21.47 35.89
C ASP J 82 5.21 22.85 36.29
N SER J 83 5.68 23.89 35.60
CA SER J 83 5.20 25.25 35.89
C SER J 83 3.78 25.46 35.40
N PHE J 84 3.32 24.68 34.43
CA PHE J 84 1.95 24.78 33.93
C PHE J 84 0.98 23.85 34.65
N ALA J 85 1.48 22.91 35.44
CA ALA J 85 0.62 21.91 36.11
C ALA J 85 0.27 22.40 37.51
N SER J 86 -0.62 23.38 37.56
CA SER J 86 -1.16 23.89 38.80
C SER J 86 -2.69 23.85 38.75
N ARG J 87 -3.31 23.85 39.93
CA ARG J 87 -4.76 23.76 40.00
C ARG J 87 -5.42 24.94 39.29
N GLN J 88 -4.95 26.15 39.58
CA GLN J 88 -5.54 27.34 38.96
C GLN J 88 -5.32 27.34 37.44
N SER J 89 -4.14 26.91 37.00
CA SER J 89 -3.85 26.93 35.56
C SER J 89 -4.72 25.93 34.81
N LEU J 90 -4.86 24.72 35.34
CA LEU J 90 -5.72 23.72 34.70
C LEU J 90 -7.18 24.16 34.73
N HIS J 91 -7.62 24.76 35.83
CA HIS J 91 -8.99 25.27 35.90
C HIS J 91 -9.22 26.38 34.88
N ALA J 92 -8.23 27.25 34.70
CA ALA J 92 -8.38 28.34 33.73
C ALA J 92 -8.38 27.81 32.30
N LEU J 93 -7.53 26.83 32.01
CA LEU J 93 -7.54 26.22 30.68
C LEU J 93 -8.84 25.47 30.43
N ALA J 94 -9.45 24.90 31.47
CA ALA J 94 -10.76 24.27 31.33
C ALA J 94 -11.84 25.31 31.06
N CYS J 95 -11.79 26.44 31.77
CA CYS J 95 -12.79 27.48 31.55
C CYS J 95 -12.64 28.11 30.17
N TYR J 96 -11.41 28.24 29.67
CA TYR J 96 -11.18 28.78 28.33
C TYR J 96 -11.47 27.77 27.24
N ALA J 97 -11.63 26.49 27.57
CA ALA J 97 -12.09 25.48 26.64
C ALA J 97 -13.57 25.16 26.82
N ASP J 98 -14.24 25.83 27.77
CA ASP J 98 -15.64 25.58 28.10
C ASP J 98 -15.89 24.12 28.46
N ILE J 99 -14.98 23.55 29.24
CA ILE J 99 -15.09 22.17 29.69
C ILE J 99 -14.97 22.13 31.21
N ALA J 100 -15.01 23.30 31.84
CA ALA J 100 -14.89 23.37 33.28
C ALA J 100 -16.16 22.85 33.95
N ILE J 101 -16.05 22.58 35.25
CA ILE J 101 -17.17 22.04 36.01
C ILE J 101 -17.95 23.15 36.69
N SER J 102 -17.26 24.16 37.21
CA SER J 102 -17.94 25.29 37.85
C SER J 102 -18.71 26.13 36.84
N GLU J 103 -18.43 25.97 35.55
CA GLU J 103 -19.13 26.71 34.49
C GLU J 103 -20.26 25.84 33.96
N GLU J 104 -21.39 25.86 34.68
CA GLU J 104 -22.57 25.10 34.27
C GLU J 104 -23.54 25.97 33.47
N PRO J 105 -23.88 27.19 33.91
CA PRO J 105 -24.82 28.00 33.09
C PRO J 105 -24.11 28.88 32.07
N ILE J 106 -23.47 28.24 31.09
CA ILE J 106 -22.80 28.93 30.01
C ILE J 106 -23.34 28.42 28.68
N PRO J 107 -23.94 29.26 27.83
CA PRO J 107 -24.45 28.78 26.55
C PRO J 107 -23.38 28.70 25.48
N GLN J 108 -22.12 28.70 25.90
CA GLN J 108 -20.94 28.64 25.04
C GLN J 108 -20.95 29.76 23.99
N PRO J 109 -20.77 31.02 24.39
CA PRO J 109 -20.73 32.11 23.40
C PRO J 109 -19.55 32.02 22.46
N PRO J 110 -18.30 31.94 22.95
CA PRO J 110 -17.16 32.29 22.09
C PRO J 110 -16.93 31.28 20.98
N ASP J 111 -16.02 31.63 20.09
CA ASP J 111 -15.69 30.81 18.93
C ASP J 111 -14.95 29.56 19.36
N MET J 112 -14.58 28.74 18.38
CA MET J 112 -13.92 27.47 18.63
C MET J 112 -12.40 27.58 18.67
N ASP J 113 -11.84 28.74 18.33
CA ASP J 113 -10.39 28.88 18.27
C ASP J 113 -9.76 28.69 19.65
N VAL J 114 -10.15 29.53 20.61
CA VAL J 114 -9.62 29.42 21.97
C VAL J 114 -9.97 28.08 22.57
N LEU J 115 -11.14 27.53 22.22
CA LEU J 115 -11.55 26.24 22.76
C LEU J 115 -10.59 25.14 22.32
N LEU J 116 -10.33 25.03 21.01
CA LEU J 116 -9.43 23.98 20.53
C LEU J 116 -7.99 24.23 20.96
N GLU J 117 -7.58 25.50 21.10
CA GLU J 117 -6.24 25.78 21.58
C GLU J 117 -6.07 25.31 23.02
N SER J 118 -7.04 25.63 23.88
CA SER J 118 -6.99 25.15 25.26
C SER J 118 -7.08 23.63 25.32
N LEU J 119 -7.84 23.02 24.41
CA LEU J 119 -7.92 21.56 24.38
C LEU J 119 -6.58 20.94 24.03
N LYS J 120 -5.87 21.52 23.05
CA LYS J 120 -4.52 21.02 22.72
C LYS J 120 -3.57 21.22 23.90
N CYS J 121 -3.67 22.37 24.58
CA CYS J 121 -2.84 22.61 25.75
C CYS J 121 -3.07 21.55 26.82
N LEU J 122 -4.34 21.26 27.10
CA LEU J 122 -4.67 20.28 28.13
C LEU J 122 -4.26 18.88 27.71
N CYS J 123 -4.38 18.56 26.42
CA CYS J 123 -3.90 17.26 25.92
C CYS J 123 -2.40 17.12 26.17
N ASN J 124 -1.63 18.13 25.78
CA ASN J 124 -0.18 18.08 25.98
C ASN J 124 0.17 17.96 27.46
N LEU J 125 -0.50 18.73 28.31
CA LEU J 125 -0.18 18.72 29.73
C LEU J 125 -0.54 17.37 30.37
N VAL J 126 -1.69 16.80 30.01
CA VAL J 126 -2.10 15.54 30.60
C VAL J 126 -1.30 14.37 30.03
N LEU J 127 -0.70 14.53 28.85
CA LEU J 127 0.16 13.47 28.34
C LEU J 127 1.57 13.57 28.91
N SER J 128 2.05 14.78 29.22
CA SER J 128 3.43 14.97 29.64
C SER J 128 3.56 15.36 31.11
N SER J 129 2.55 15.09 31.94
CA SER J 129 2.65 15.48 33.33
C SER J 129 1.74 14.64 34.22
N PRO J 130 2.31 13.79 35.08
CA PRO J 130 1.45 13.00 35.99
C PRO J 130 0.70 13.85 37.00
N THR J 131 1.34 14.91 37.52
CA THR J 131 0.64 15.79 38.45
C THR J 131 -0.52 16.50 37.78
N ALA J 132 -0.39 16.82 36.49
CA ALA J 132 -1.53 17.37 35.76
C ALA J 132 -2.65 16.36 35.64
N GLN J 133 -2.31 15.08 35.42
CA GLN J 133 -3.32 14.03 35.39
C GLN J 133 -4.05 13.94 36.73
N MET J 134 -3.30 13.98 37.83
CA MET J 134 -3.92 13.88 39.14
C MET J 134 -4.78 15.10 39.45
N LEU J 135 -4.35 16.28 39.03
CA LEU J 135 -5.15 17.49 39.25
C LEU J 135 -6.43 17.46 38.41
N ALA J 136 -6.34 16.96 37.17
CA ALA J 136 -7.54 16.82 36.35
C ALA J 136 -8.49 15.78 36.94
N ALA J 137 -7.94 14.71 37.52
CA ALA J 137 -8.79 13.71 38.17
C ALA J 137 -9.46 14.28 39.40
N GLU J 138 -8.75 15.13 40.15
CA GLU J 138 -9.37 15.78 41.30
C GLU J 138 -10.46 16.76 40.88
N ALA J 139 -10.24 17.47 39.77
CA ALA J 139 -11.26 18.41 39.29
C ALA J 139 -12.42 17.69 38.63
N ARG J 140 -12.18 16.51 38.05
CA ARG J 140 -13.20 15.71 37.37
C ARG J 140 -13.82 16.50 36.21
N LEU J 141 -12.98 16.83 35.23
CA LEU J 141 -13.44 17.48 34.01
C LEU J 141 -14.25 16.55 33.11
N VAL J 142 -14.38 15.29 33.48
CA VAL J 142 -15.00 14.31 32.60
C VAL J 142 -16.50 14.55 32.43
N VAL J 143 -17.15 15.23 33.37
CA VAL J 143 -18.59 15.43 33.28
C VAL J 143 -18.92 16.38 32.12
N ARG J 144 -18.25 17.53 32.06
CA ARG J 144 -18.50 18.46 30.98
C ARG J 144 -17.99 17.92 29.65
N LEU J 145 -16.88 17.17 29.67
CA LEU J 145 -16.43 16.49 28.46
C LEU J 145 -17.50 15.55 27.92
N ALA J 146 -18.09 14.75 28.81
CA ALA J 146 -19.12 13.82 28.39
C ALA J 146 -20.36 14.54 27.87
N GLU J 147 -20.78 15.60 28.56
CA GLU J 147 -21.93 16.35 28.09
C GLU J 147 -21.68 17.02 26.75
N ARG J 148 -20.44 17.45 26.50
CA ARG J 148 -20.10 17.98 25.18
C ARG J 148 -20.10 16.88 24.13
N VAL J 149 -19.62 15.69 24.49
CA VAL J 149 -19.66 14.56 23.55
C VAL J 149 -21.10 14.22 23.20
N GLY J 150 -22.02 14.35 24.16
CA GLY J 150 -23.43 14.11 23.85
C GLY J 150 -24.03 15.14 22.92
N LEU J 151 -23.52 16.37 22.95
CA LEU J 151 -24.05 17.46 22.13
C LEU J 151 -23.27 17.60 20.83
N TYR J 152 -23.25 16.52 20.05
CA TYR J 152 -22.63 16.52 18.74
C TYR J 152 -23.62 16.34 17.59
N ARG J 153 -24.62 15.48 17.76
CA ARG J 153 -25.69 15.43 16.79
C ARG J 153 -26.55 16.69 16.85
N LYS J 154 -26.81 17.18 18.07
CA LYS J 154 -27.57 18.41 18.23
C LYS J 154 -26.83 19.61 17.66
N ARG J 155 -25.60 19.82 18.11
CA ARG J 155 -24.76 20.92 17.65
C ARG J 155 -23.55 20.36 16.93
N SER J 156 -23.34 20.81 15.69
CA SER J 156 -22.23 20.32 14.87
C SER J 156 -21.00 21.18 15.16
N TYR J 157 -19.98 20.55 15.80
CA TYR J 157 -18.67 21.15 16.06
C TYR J 157 -17.70 20.80 14.95
N PRO J 158 -16.68 21.63 14.71
CA PRO J 158 -15.67 21.31 13.70
C PRO J 158 -14.97 19.99 13.99
N HIS J 159 -14.26 19.50 12.98
CA HIS J 159 -13.58 18.21 13.09
C HIS J 159 -12.39 18.29 14.05
N GLU J 160 -11.64 19.40 14.01
CA GLU J 160 -10.42 19.49 14.82
C GLU J 160 -10.74 19.45 16.31
N VAL J 161 -11.70 20.26 16.76
CA VAL J 161 -12.04 20.29 18.17
C VAL J 161 -12.60 18.94 18.61
N GLN J 162 -13.40 18.30 17.74
CA GLN J 162 -13.96 16.99 18.07
C GLN J 162 -12.85 15.96 18.28
N PHE J 163 -11.92 15.88 17.32
CA PHE J 163 -10.82 14.91 17.44
C PHE J 163 -9.95 15.23 18.66
N PHE J 164 -9.74 16.51 18.95
CA PHE J 164 -8.85 16.86 20.06
C PHE J 164 -9.48 16.55 21.41
N ASP J 165 -10.78 16.83 21.57
CA ASP J 165 -11.42 16.45 22.83
C ASP J 165 -11.56 14.94 22.95
N LEU J 166 -11.73 14.24 21.83
CA LEU J 166 -11.72 12.78 21.86
C LEU J 166 -10.37 12.25 22.33
N ARG J 167 -9.28 12.83 21.83
CA ARG J 167 -7.96 12.39 22.25
C ARG J 167 -7.69 12.75 23.71
N LEU J 168 -8.20 13.89 24.17
CA LEU J 168 -8.10 14.22 25.59
C LEU J 168 -8.83 13.19 26.44
N LEU J 169 -10.04 12.82 26.02
CA LEU J 169 -10.79 11.78 26.72
C LEU J 169 -10.02 10.46 26.75
N PHE J 170 -9.40 10.10 25.62
CA PHE J 170 -8.63 8.87 25.57
C PHE J 170 -7.44 8.93 26.52
N LEU J 171 -6.68 10.02 26.49
CA LEU J 171 -5.54 10.18 27.38
C LEU J 171 -5.96 10.07 28.84
N LEU J 172 -7.06 10.73 29.20
CA LEU J 172 -7.51 10.70 30.59
C LEU J 172 -7.97 9.30 30.99
N THR J 173 -8.83 8.68 30.19
CA THR J 173 -9.35 7.35 30.51
C THR J 173 -8.29 6.26 30.41
N ALA J 174 -7.14 6.55 29.81
CA ALA J 174 -6.06 5.57 29.73
C ALA J 174 -4.98 5.76 30.78
N LEU J 175 -4.75 6.99 31.24
CA LEU J 175 -3.67 7.25 32.18
C LEU J 175 -4.11 7.30 33.63
N ARG J 176 -5.41 7.36 33.90
CA ARG J 176 -5.94 7.29 35.25
C ARG J 176 -7.05 6.25 35.32
N THR J 177 -7.23 5.66 36.50
CA THR J 177 -8.19 4.58 36.68
C THR J 177 -9.50 5.03 37.30
N ASP J 178 -9.49 6.06 38.14
CA ASP J 178 -10.74 6.54 38.72
C ASP J 178 -11.65 7.15 37.66
N VAL J 179 -11.07 7.81 36.65
CA VAL J 179 -11.86 8.37 35.58
C VAL J 179 -12.53 7.25 34.77
N ARG J 180 -11.86 6.10 34.63
CA ARG J 180 -12.45 4.98 33.91
C ARG J 180 -13.73 4.50 34.60
N GLN J 181 -13.65 4.25 35.91
CA GLN J 181 -14.83 3.85 36.67
C GLN J 181 -15.91 4.93 36.63
N GLN J 182 -15.50 6.19 36.77
CA GLN J 182 -16.47 7.29 36.77
C GLN J 182 -17.22 7.37 35.46
N LEU J 183 -16.51 7.24 34.33
CA LEU J 183 -17.17 7.29 33.03
C LEU J 183 -18.00 6.04 32.77
N PHE J 184 -17.56 4.88 33.28
CA PHE J 184 -18.30 3.65 33.06
C PHE J 184 -19.62 3.66 33.82
N GLN J 185 -19.55 3.67 35.15
CA GLN J 185 -20.77 3.52 35.94
C GLN J 185 -21.56 4.83 36.00
N GLU J 186 -20.89 5.92 36.36
CA GLU J 186 -21.58 7.16 36.70
C GLU J 186 -21.98 7.99 35.49
N LEU J 187 -21.47 7.69 34.28
CA LEU J 187 -21.66 8.57 33.14
C LEU J 187 -22.22 7.86 31.90
N HIS J 188 -22.67 6.62 32.01
CA HIS J 188 -23.17 5.85 30.87
C HIS J 188 -22.14 5.87 29.73
N GLY J 189 -21.00 5.25 30.02
CA GLY J 189 -19.85 5.38 29.14
C GLY J 189 -20.06 4.75 27.77
N VAL J 190 -20.47 3.48 27.75
CA VAL J 190 -20.56 2.76 26.49
C VAL J 190 -21.65 3.36 25.60
N ARG J 191 -22.77 3.79 26.19
CA ARG J 191 -23.83 4.44 25.41
C ARG J 191 -23.31 5.70 24.76
N LEU J 192 -22.68 6.58 25.55
CA LEU J 192 -22.20 7.85 25.02
C LEU J 192 -21.11 7.66 23.98
N LEU J 193 -20.29 6.61 24.12
CA LEU J 193 -19.25 6.37 23.14
C LEU J 193 -19.85 5.85 21.84
N THR J 194 -20.77 4.88 21.92
CA THR J 194 -21.40 4.37 20.71
C THR J 194 -22.24 5.45 20.02
N ASP J 195 -22.68 6.46 20.77
CA ASP J 195 -23.32 7.62 20.15
C ASP J 195 -22.43 8.24 19.08
N ALA J 196 -21.26 8.75 19.50
CA ALA J 196 -20.34 9.36 18.57
C ALA J 196 -19.81 8.35 17.55
N LEU J 197 -19.74 7.07 17.93
CA LEU J 197 -19.33 6.04 16.98
C LEU J 197 -20.29 5.99 15.80
N GLU J 198 -21.58 5.84 16.08
CA GLU J 198 -22.57 5.80 15.00
C GLU J 198 -22.68 7.15 14.30
N LEU J 199 -22.39 8.24 15.01
CA LEU J 199 -22.40 9.56 14.36
C LEU J 199 -21.31 9.66 13.30
N THR J 200 -20.11 9.19 13.63
CA THR J 200 -19.01 9.22 12.65
C THR J 200 -19.24 8.20 11.54
N LEU J 201 -19.82 7.03 11.89
CA LEU J 201 -20.12 6.03 10.87
C LEU J 201 -21.33 6.38 10.03
N GLY J 202 -22.07 7.42 10.40
CA GLY J 202 -23.26 7.81 9.65
C GLY J 202 -22.97 8.70 8.47
N VAL J 203 -22.00 8.31 7.63
CA VAL J 203 -21.67 9.05 6.43
C VAL J 203 -22.72 8.76 5.36
N ALA J 204 -22.71 9.55 4.29
CA ALA J 204 -23.67 9.34 3.21
C ALA J 204 -23.49 7.99 2.51
N PRO J 205 -22.26 7.56 2.12
CA PRO J 205 -22.12 6.22 1.57
C PRO J 205 -22.28 5.14 2.64
N LYS J 206 -23.50 4.64 2.79
CA LYS J 206 -23.78 3.59 3.77
C LYS J 206 -24.53 2.42 3.14
N GLU J 207 -24.40 2.25 1.82
CA GLU J 207 -25.16 1.22 1.10
C GLU J 207 -24.60 -0.18 1.34
N ASN J 208 -25.00 -1.13 0.50
CA ASN J 208 -24.57 -2.51 0.71
C ASN J 208 -23.09 -2.74 0.45
N PRO J 209 -22.48 -2.25 -0.63
CA PRO J 209 -21.06 -2.55 -0.88
C PRO J 209 -20.16 -2.04 0.24
N LEU J 210 -18.93 -2.57 0.25
CA LEU J 210 -17.93 -2.20 1.24
C LEU J 210 -17.68 -0.71 1.22
N VAL J 211 -18.11 -0.02 2.27
CA VAL J 211 -18.02 1.44 2.32
C VAL J 211 -16.60 1.85 2.65
N ILE J 212 -16.16 2.96 2.04
CA ILE J 212 -14.85 3.55 2.31
C ILE J 212 -15.04 4.69 3.30
N LEU J 213 -14.26 4.67 4.39
CA LEU J 213 -14.53 5.66 5.42
C LEU J 213 -13.51 6.78 5.34
N PRO J 214 -13.94 8.04 5.42
CA PRO J 214 -13.01 9.16 5.24
C PRO J 214 -11.95 9.22 6.32
N ALA J 215 -10.91 10.02 6.06
CA ALA J 215 -9.74 10.05 6.92
C ALA J 215 -10.05 10.70 8.26
N GLN J 216 -10.72 11.85 8.25
CA GLN J 216 -11.07 12.53 9.49
C GLN J 216 -11.96 11.64 10.37
N GLU J 217 -13.02 11.11 9.78
CA GLU J 217 -13.89 10.19 10.52
C GLU J 217 -13.15 8.93 10.92
N THR J 218 -12.16 8.49 10.13
CA THR J 218 -11.38 7.32 10.52
C THR J 218 -10.59 7.60 11.80
N GLU J 219 -9.91 8.75 11.86
CA GLU J 219 -9.16 9.11 13.05
C GLU J 219 -10.07 9.24 14.27
N ARG J 220 -11.22 9.91 14.09
CA ARG J 220 -12.13 10.08 15.22
C ARG J 220 -12.71 8.75 15.68
N ALA J 221 -13.01 7.84 14.75
CA ALA J 221 -13.53 6.53 15.11
C ALA J 221 -12.47 5.68 15.79
N MET J 222 -11.21 5.80 15.36
CA MET J 222 -10.14 5.08 16.04
C MET J 222 -9.96 5.59 17.46
N GLU J 223 -10.09 6.90 17.67
CA GLU J 223 -10.02 7.43 19.03
C GLU J 223 -11.21 6.94 19.87
N ILE J 224 -12.40 6.90 19.29
CA ILE J 224 -13.57 6.35 19.99
C ILE J 224 -13.32 4.90 20.37
N LEU J 225 -12.73 4.13 19.46
CA LEU J 225 -12.44 2.72 19.74
C LEU J 225 -11.39 2.58 20.83
N LYS J 226 -10.40 3.47 20.85
CA LYS J 226 -9.43 3.46 21.93
C LYS J 226 -10.10 3.71 23.27
N VAL J 227 -10.96 4.74 23.34
CA VAL J 227 -11.67 5.04 24.57
C VAL J 227 -12.53 3.85 25.01
N LEU J 228 -13.19 3.21 24.04
CA LEU J 228 -14.06 2.08 24.37
C LEU J 228 -13.25 0.88 24.86
N PHE J 229 -12.12 0.59 24.22
CA PHE J 229 -11.27 -0.50 24.69
C PHE J 229 -10.76 -0.22 26.10
N ASN J 230 -10.46 1.05 26.39
CA ASN J 230 -10.03 1.40 27.75
C ASN J 230 -11.16 1.17 28.75
N ILE J 231 -12.37 1.60 28.41
CA ILE J 231 -13.44 1.64 29.39
C ILE J 231 -14.17 0.30 29.56
N THR J 232 -14.09 -0.59 28.57
CA THR J 232 -14.90 -1.81 28.62
C THR J 232 -14.41 -2.78 29.69
N PHE J 233 -13.18 -3.27 29.55
CA PHE J 233 -12.69 -4.38 30.37
C PHE J 233 -12.53 -3.94 31.81
N ASP J 234 -13.67 -3.85 32.51
CA ASP J 234 -13.72 -3.55 33.93
C ASP J 234 -14.61 -4.57 34.64
N SER J 235 -14.26 -5.86 34.45
CA SER J 235 -15.00 -6.98 35.03
C SER J 235 -16.46 -6.98 34.59
N VAL J 236 -16.64 -7.09 33.28
CA VAL J 236 -17.96 -7.17 32.66
C VAL J 236 -18.16 -8.43 31.83
N LYS J 237 -17.18 -9.34 31.84
CA LYS J 237 -17.26 -10.57 31.07
C LYS J 237 -18.26 -11.57 31.65
N ARG J 238 -18.73 -11.36 32.87
CA ARG J 238 -19.72 -12.24 33.48
C ARG J 238 -21.12 -11.87 33.02
N GLU J 239 -21.67 -10.80 33.58
CA GLU J 239 -22.98 -10.29 33.21
C GLU J 239 -23.14 -8.89 33.76
N VAL J 240 -23.84 -8.04 33.00
CA VAL J 240 -24.12 -6.68 33.44
C VAL J 240 -25.63 -6.52 33.59
N ASP J 241 -26.33 -6.53 32.46
CA ASP J 241 -27.79 -6.46 32.45
C ASP J 241 -28.29 -7.09 31.16
N GLU J 242 -29.61 -7.23 31.06
CA GLU J 242 -30.21 -7.70 29.81
C GLU J 242 -30.29 -6.58 28.79
N GLU J 243 -30.73 -5.39 29.22
CA GLU J 243 -30.69 -4.23 28.34
C GLU J 243 -29.25 -3.84 28.01
N ASP J 244 -28.34 -4.00 28.98
CA ASP J 244 -26.93 -3.79 28.68
C ASP J 244 -26.39 -4.85 27.73
N ALA J 245 -26.91 -6.08 27.80
CA ALA J 245 -26.54 -7.09 26.83
C ALA J 245 -27.02 -6.72 25.44
N ALA J 246 -28.24 -6.17 25.34
CA ALA J 246 -28.74 -5.70 24.05
C ALA J 246 -27.91 -4.53 23.52
N LEU J 247 -27.49 -3.63 24.41
CA LEU J 247 -26.64 -2.52 24.00
C LEU J 247 -25.27 -3.01 23.53
N TYR J 248 -24.72 -4.03 24.19
CA TYR J 248 -23.47 -4.61 23.73
C TYR J 248 -23.64 -5.30 22.38
N ARG J 249 -24.78 -5.96 22.17
CA ARG J 249 -25.06 -6.51 20.85
C ARG J 249 -25.18 -5.42 19.80
N TYR J 250 -25.71 -4.26 20.17
CA TYR J 250 -25.82 -3.13 19.25
C TYR J 250 -24.44 -2.61 18.86
N LEU J 251 -23.57 -2.41 19.86
CA LEU J 251 -22.20 -2.03 19.58
C LEU J 251 -21.49 -3.09 18.75
N GLY J 252 -21.81 -4.36 18.97
CA GLY J 252 -21.22 -5.42 18.17
C GLY J 252 -21.70 -5.40 16.73
N THR J 253 -22.97 -5.04 16.52
CA THR J 253 -23.46 -4.86 15.16
C THR J 253 -22.72 -3.72 14.46
N LEU J 254 -22.48 -2.62 15.19
CA LEU J 254 -21.72 -1.52 14.62
C LEU J 254 -20.30 -1.96 14.27
N LEU J 255 -19.65 -2.70 15.17
CA LEU J 255 -18.30 -3.18 14.91
C LEU J 255 -18.28 -4.13 13.72
N ARG J 256 -19.29 -4.99 13.61
CA ARG J 256 -19.37 -5.90 12.46
C ARG J 256 -19.54 -5.12 11.17
N HIS J 257 -20.36 -4.07 11.19
CA HIS J 257 -20.53 -3.22 10.01
C HIS J 257 -19.22 -2.57 9.61
N CYS J 258 -18.43 -2.14 10.59
CA CYS J 258 -17.22 -1.38 10.28
C CYS J 258 -15.97 -2.26 10.11
N VAL J 259 -16.05 -3.56 10.40
CA VAL J 259 -14.86 -4.41 10.29
C VAL J 259 -14.59 -4.77 8.84
N MET J 260 -15.60 -5.30 8.14
CA MET J 260 -15.39 -5.76 6.77
C MET J 260 -15.14 -4.62 5.80
N ALA J 261 -15.51 -3.40 6.16
CA ALA J 261 -15.30 -2.25 5.30
C ALA J 261 -13.85 -1.76 5.40
N ASP J 262 -13.47 -0.90 4.45
CA ASP J 262 -12.12 -0.37 4.36
C ASP J 262 -12.11 1.11 4.69
N ALA J 263 -10.94 1.60 5.11
CA ALA J 263 -10.73 2.99 5.42
C ALA J 263 -9.78 3.62 4.40
N ALA J 264 -9.76 4.95 4.38
CA ALA J 264 -8.91 5.66 3.44
C ALA J 264 -7.44 5.57 3.86
N GLY J 265 -6.57 5.63 2.86
CA GLY J 265 -5.14 5.62 3.13
C GLY J 265 -4.68 4.27 3.66
N ASP J 266 -3.72 4.32 4.59
CA ASP J 266 -3.17 3.13 5.21
C ASP J 266 -3.72 2.89 6.62
N ARG J 267 -4.83 3.56 6.97
CA ARG J 267 -5.45 3.38 8.27
C ARG J 267 -6.38 2.17 8.32
N THR J 268 -6.44 1.37 7.25
CA THR J 268 -7.32 0.20 7.24
C THR J 268 -6.90 -0.81 8.29
N GLU J 269 -5.62 -1.18 8.29
CA GLU J 269 -5.14 -2.21 9.21
C GLU J 269 -5.25 -1.76 10.66
N GLU J 270 -4.88 -0.51 10.96
CA GLU J 270 -4.96 -0.01 12.32
C GLU J 270 -6.41 0.11 12.79
N PHE J 271 -7.29 0.61 11.92
CA PHE J 271 -8.70 0.69 12.25
C PHE J 271 -9.27 -0.69 12.57
N HIS J 272 -8.96 -1.67 11.74
CA HIS J 272 -9.46 -3.03 11.97
C HIS J 272 -8.86 -3.63 13.23
N GLY J 273 -7.59 -3.33 13.51
CA GLY J 273 -6.99 -3.77 14.75
C GLY J 273 -7.71 -3.22 15.97
N HIS J 274 -8.08 -1.95 15.92
CA HIS J 274 -8.83 -1.36 17.03
C HIS J 274 -10.22 -1.96 17.15
N THR J 275 -10.88 -2.23 16.00
CA THR J 275 -12.18 -2.89 16.03
C THR J 275 -12.09 -4.25 16.70
N VAL J 276 -11.06 -5.03 16.35
CA VAL J 276 -10.93 -6.36 16.92
C VAL J 276 -10.55 -6.29 18.40
N ASN J 277 -9.71 -5.31 18.76
CA ASN J 277 -9.39 -5.10 20.17
C ASN J 277 -10.64 -4.80 20.98
N LEU J 278 -11.55 -4.00 20.43
CA LEU J 278 -12.80 -3.71 21.12
C LEU J 278 -13.70 -4.94 21.18
N LEU J 279 -13.75 -5.71 20.08
CA LEU J 279 -14.56 -6.93 20.06
C LEU J 279 -14.06 -7.94 21.09
N GLY J 280 -12.76 -7.94 21.37
CA GLY J 280 -12.22 -8.88 22.35
C GLY J 280 -12.75 -8.67 23.75
N ASN J 281 -13.12 -7.43 24.09
CA ASN J 281 -13.61 -7.11 25.42
C ASN J 281 -15.10 -7.35 25.58
N LEU J 282 -15.84 -7.56 24.50
CA LEU J 282 -17.27 -7.78 24.59
C LEU J 282 -17.57 -9.12 25.25
N PRO J 283 -18.76 -9.26 25.84
CA PRO J 283 -19.13 -10.52 26.49
C PRO J 283 -19.16 -11.67 25.50
N LEU J 284 -19.03 -12.89 26.04
CA LEU J 284 -18.97 -14.10 25.23
C LEU J 284 -20.24 -14.30 24.42
N LYS J 285 -21.36 -14.55 25.11
CA LYS J 285 -22.63 -14.82 24.45
C LYS J 285 -23.09 -13.69 23.53
N CYS J 286 -22.44 -12.53 23.59
CA CYS J 286 -22.79 -11.42 22.71
C CYS J 286 -22.16 -11.58 21.33
N LEU J 287 -20.97 -12.16 21.25
CA LEU J 287 -20.25 -12.25 19.99
C LEU J 287 -21.00 -13.03 18.92
N ASP J 288 -22.10 -13.70 19.27
CA ASP J 288 -22.92 -14.36 18.26
C ASP J 288 -23.42 -13.38 17.21
N VAL J 289 -23.46 -12.08 17.53
CA VAL J 289 -23.81 -11.07 16.54
C VAL J 289 -22.97 -11.23 15.28
N LEU J 290 -21.70 -11.59 15.44
CA LEU J 290 -20.80 -11.68 14.29
C LEU J 290 -21.17 -12.82 13.35
N LEU J 291 -21.88 -13.84 13.82
CA LEU J 291 -22.24 -14.96 12.95
C LEU J 291 -23.58 -14.75 12.27
N ALA J 292 -24.49 -14.02 12.90
CA ALA J 292 -25.82 -13.77 12.33
C ALA J 292 -25.75 -12.56 11.40
N LEU J 293 -26.06 -12.77 10.12
CA LEU J 293 -26.07 -11.71 9.15
C LEU J 293 -26.97 -12.13 7.99
N GLU J 294 -27.78 -11.18 7.51
CA GLU J 294 -28.69 -11.44 6.39
C GLU J 294 -27.89 -11.88 5.16
N LEU J 295 -27.92 -13.18 4.86
CA LEU J 295 -27.15 -13.73 3.76
C LEU J 295 -27.54 -13.07 2.44
N HIS J 296 -26.71 -12.15 1.97
CA HIS J 296 -27.00 -11.37 0.78
C HIS J 296 -26.40 -12.05 -0.46
N GLU J 297 -26.84 -11.59 -1.63
CA GLU J 297 -26.33 -12.11 -2.89
C GLU J 297 -24.86 -11.77 -3.04
N GLY J 298 -24.04 -12.80 -3.27
CA GLY J 298 -22.60 -12.62 -3.38
C GLY J 298 -21.84 -12.87 -2.11
N SER J 299 -22.51 -13.27 -1.03
CA SER J 299 -21.84 -13.56 0.23
C SER J 299 -21.27 -14.97 0.22
N LEU J 300 -20.48 -15.28 1.25
CA LEU J 300 -19.88 -16.60 1.38
C LEU J 300 -20.90 -17.59 1.94
N GLU J 301 -21.02 -18.74 1.29
CA GLU J 301 -22.00 -19.76 1.64
C GLU J 301 -21.34 -20.87 2.45
N PHE J 302 -21.94 -21.20 3.58
CA PHE J 302 -21.51 -22.37 4.36
C PHE J 302 -22.58 -22.67 5.39
N MET J 303 -23.13 -23.88 5.33
CA MET J 303 -24.19 -24.33 6.23
C MET J 303 -25.40 -23.41 6.19
N GLY J 304 -25.59 -22.72 5.07
CA GLY J 304 -26.66 -21.74 4.96
C GLY J 304 -26.46 -20.49 5.78
N VAL J 305 -25.32 -20.33 6.42
CA VAL J 305 -25.03 -19.19 7.29
C VAL J 305 -23.99 -18.31 6.62
N ASN J 306 -24.14 -16.99 6.79
CA ASN J 306 -23.18 -16.04 6.23
C ASN J 306 -21.90 -16.06 7.04
N MET J 307 -20.79 -16.43 6.40
CA MET J 307 -19.48 -16.51 7.04
C MET J 307 -18.55 -15.38 6.58
N ASP J 308 -19.12 -14.27 6.13
CA ASP J 308 -18.30 -13.16 5.66
C ASP J 308 -17.47 -12.55 6.78
N VAL J 309 -18.06 -12.38 7.95
CA VAL J 309 -17.33 -11.76 9.07
C VAL J 309 -16.19 -12.68 9.53
N ILE J 310 -16.46 -13.98 9.60
CA ILE J 310 -15.42 -14.92 10.03
C ILE J 310 -14.27 -14.94 9.05
N ASN J 311 -14.58 -14.99 7.74
CA ASN J 311 -13.52 -14.98 6.74
C ASN J 311 -12.75 -13.67 6.75
N ALA J 312 -13.43 -12.55 6.99
CA ALA J 312 -12.75 -11.26 7.04
C ALA J 312 -11.79 -11.20 8.21
N LEU J 313 -12.22 -11.66 9.39
CA LEU J 313 -11.33 -11.63 10.54
C LEU J 313 -10.22 -12.67 10.42
N LEU J 314 -10.45 -13.75 9.67
CA LEU J 314 -9.40 -14.73 9.45
C LEU J 314 -8.33 -14.19 8.50
N ALA J 315 -8.76 -13.51 7.43
CA ALA J 315 -7.81 -12.83 6.57
C ALA J 315 -7.12 -11.68 7.30
N PHE J 316 -7.77 -11.13 8.32
CA PHE J 316 -7.13 -10.12 9.16
C PHE J 316 -6.04 -10.73 10.01
N LEU J 317 -6.24 -11.96 10.49
CA LEU J 317 -5.21 -12.63 11.28
C LEU J 317 -3.97 -12.93 10.42
N GLU J 318 -4.18 -13.37 9.17
CA GLU J 318 -3.06 -13.70 8.30
C GLU J 318 -2.22 -12.48 7.97
N LYS J 319 -2.88 -11.34 7.72
CA LYS J 319 -2.14 -10.12 7.40
C LYS J 319 -1.45 -9.55 8.63
N ARG J 320 -1.97 -9.82 9.82
CA ARG J 320 -1.38 -9.30 11.04
C ARG J 320 -0.30 -10.21 11.61
N LEU J 321 -0.25 -11.47 11.18
CA LEU J 321 0.81 -12.37 11.63
C LEU J 321 2.18 -11.95 11.14
N HIS J 322 2.25 -11.15 10.08
CA HIS J 322 3.54 -10.72 9.53
C HIS J 322 4.28 -9.74 10.45
N GLN J 323 3.66 -9.29 11.53
CA GLN J 323 4.30 -8.44 12.52
C GLN J 323 4.73 -9.33 13.69
N THR J 324 6.05 -9.53 13.83
CA THR J 324 6.59 -10.41 14.85
C THR J 324 6.99 -9.69 16.12
N HIS J 325 7.22 -8.38 16.06
CA HIS J 325 7.68 -7.63 17.22
C HIS J 325 6.58 -7.52 18.27
N ARG J 326 5.56 -6.71 18.00
CA ARG J 326 4.47 -6.48 18.95
C ARG J 326 3.28 -7.39 18.64
N LEU J 327 3.54 -8.68 18.42
CA LEU J 327 2.48 -9.62 18.11
C LEU J 327 1.54 -9.87 19.28
N LYS J 328 1.85 -9.34 20.47
CA LYS J 328 0.96 -9.51 21.60
C LYS J 328 -0.36 -8.77 21.39
N GLU J 329 -0.29 -7.46 21.18
CA GLU J 329 -1.49 -6.67 20.94
C GLU J 329 -2.12 -6.97 19.58
N CYS J 330 -1.43 -7.71 18.72
CA CYS J 330 -1.87 -7.89 17.34
C CYS J 330 -2.73 -9.14 17.16
N VAL J 331 -2.17 -10.32 17.42
CA VAL J 331 -2.84 -11.57 17.09
C VAL J 331 -3.51 -12.23 18.28
N ALA J 332 -3.20 -11.82 19.50
CA ALA J 332 -3.87 -12.38 20.67
C ALA J 332 -5.35 -11.99 20.73
N PRO J 333 -5.72 -10.73 20.49
CA PRO J 333 -7.14 -10.38 20.53
C PRO J 333 -7.97 -11.07 19.47
N VAL J 334 -7.46 -11.17 18.24
CA VAL J 334 -8.24 -11.81 17.17
C VAL J 334 -8.37 -13.31 17.44
N LEU J 335 -7.30 -13.95 17.92
CA LEU J 335 -7.40 -15.36 18.28
C LEU J 335 -8.39 -15.56 19.41
N SER J 336 -8.38 -14.67 20.41
CA SER J 336 -9.30 -14.82 21.53
C SER J 336 -10.76 -14.67 21.08
N VAL J 337 -11.03 -13.64 20.27
CA VAL J 337 -12.42 -13.44 19.82
C VAL J 337 -12.85 -14.57 18.89
N LEU J 338 -11.91 -15.12 18.12
CA LEU J 338 -12.26 -16.26 17.26
C LEU J 338 -12.59 -17.48 18.10
N THR J 339 -11.79 -17.76 19.14
CA THR J 339 -12.09 -18.88 20.03
C THR J 339 -13.45 -18.70 20.68
N GLU J 340 -13.77 -17.47 21.12
CA GLU J 340 -15.02 -17.26 21.83
C GLU J 340 -16.22 -17.36 20.88
N CYS J 341 -16.08 -16.87 19.64
CA CYS J 341 -17.20 -16.93 18.70
C CYS J 341 -17.34 -18.29 18.05
N ALA J 342 -16.30 -19.13 18.09
CA ALA J 342 -16.39 -20.47 17.55
C ALA J 342 -16.77 -21.51 18.61
N ARG J 343 -16.61 -21.19 19.88
CA ARG J 343 -16.91 -22.12 20.95
C ARG J 343 -18.41 -22.41 21.07
N MET J 344 -19.26 -21.52 20.54
CA MET J 344 -20.70 -21.62 20.70
C MET J 344 -21.41 -22.22 19.49
N HIS J 345 -21.04 -21.79 18.28
CA HIS J 345 -21.78 -22.16 17.09
C HIS J 345 -21.19 -23.40 16.43
N ARG J 346 -22.04 -24.39 16.19
CA ARG J 346 -21.65 -25.53 15.36
C ARG J 346 -21.19 -25.11 13.97
N PRO J 347 -21.89 -24.23 13.24
CA PRO J 347 -21.39 -23.86 11.89
C PRO J 347 -20.04 -23.16 11.91
N ALA J 348 -19.81 -22.27 12.87
CA ALA J 348 -18.51 -21.60 12.95
C ALA J 348 -17.40 -22.60 13.26
N ARG J 349 -17.67 -23.55 14.17
CA ARG J 349 -16.68 -24.57 14.48
C ARG J 349 -16.37 -25.44 13.28
N LYS J 350 -17.41 -25.82 12.51
CA LYS J 350 -17.20 -26.59 11.30
C LYS J 350 -16.35 -25.81 10.30
N PHE J 351 -16.69 -24.54 10.09
CA PHE J 351 -15.95 -23.70 9.14
C PHE J 351 -14.49 -23.60 9.53
N LEU J 352 -14.21 -23.34 10.81
CA LEU J 352 -12.83 -23.16 11.25
C LEU J 352 -12.07 -24.48 11.20
N LYS J 353 -12.70 -25.59 11.61
CA LYS J 353 -12.04 -26.88 11.53
C LYS J 353 -11.84 -27.34 10.10
N ALA J 354 -12.59 -26.78 9.15
CA ALA J 354 -12.41 -27.11 7.74
C ALA J 354 -11.48 -26.14 7.02
N GLN J 355 -11.15 -25.00 7.61
CA GLN J 355 -10.30 -24.02 6.95
C GLN J 355 -8.83 -24.11 7.34
N VAL J 356 -8.52 -24.05 8.64
CA VAL J 356 -7.16 -23.84 9.11
C VAL J 356 -6.45 -25.16 9.44
N LEU J 357 -7.17 -26.13 10.01
CA LEU J 357 -6.57 -27.36 10.52
C LEU J 357 -6.38 -28.48 9.50
N PRO J 358 -7.31 -28.73 8.56
CA PRO J 358 -7.34 -30.03 7.86
C PRO J 358 -6.02 -30.41 7.20
N PRO J 359 -5.49 -29.60 6.27
CA PRO J 359 -4.50 -30.15 5.32
C PRO J 359 -3.20 -30.60 5.98
N LEU J 360 -3.23 -31.77 6.60
CA LEU J 360 -2.03 -32.41 7.14
C LEU J 360 -1.60 -33.62 6.33
N ARG J 361 -2.32 -33.96 5.27
CA ARG J 361 -1.96 -35.06 4.37
C ARG J 361 -0.93 -34.53 3.38
N ASP J 362 0.34 -34.70 3.72
CA ASP J 362 1.44 -34.26 2.85
C ASP J 362 2.68 -35.09 3.11
N VAL J 363 3.86 -34.50 2.88
CA VAL J 363 5.11 -35.21 3.14
C VAL J 363 5.25 -35.45 4.63
N ARG J 364 5.79 -36.63 4.98
CA ARG J 364 5.86 -37.06 6.37
C ARG J 364 7.00 -36.33 7.08
N THR J 365 6.74 -35.07 7.44
CA THR J 365 7.67 -34.24 8.17
C THR J 365 7.00 -33.73 9.45
N ARG J 366 7.64 -32.76 10.09
CA ARG J 366 7.05 -32.11 11.25
C ARG J 366 5.94 -31.16 10.82
N PRO J 367 4.92 -30.98 11.68
CA PRO J 367 3.94 -29.92 11.41
C PRO J 367 4.50 -28.52 11.59
N GLU J 368 5.59 -28.36 12.34
CA GLU J 368 6.21 -27.08 12.65
C GLU J 368 6.84 -26.40 11.45
N VAL J 369 6.72 -26.95 10.24
CA VAL J 369 7.28 -26.34 9.04
C VAL J 369 6.18 -26.28 7.98
N GLY J 370 6.23 -25.24 7.17
CA GLY J 370 5.27 -25.03 6.11
C GLY J 370 4.79 -23.59 6.08
N ASP J 371 4.34 -23.17 4.90
CA ASP J 371 3.85 -21.81 4.69
C ASP J 371 2.37 -21.67 4.99
N LEU J 372 1.71 -22.72 5.47
CA LEU J 372 0.29 -22.67 5.76
C LEU J 372 0.04 -21.99 7.10
N LEU J 373 -1.19 -21.48 7.27
CA LEU J 373 -1.57 -20.86 8.53
C LEU J 373 -1.45 -21.82 9.70
N ARG J 374 -1.79 -23.10 9.47
CA ARG J 374 -1.68 -24.09 10.52
C ARG J 374 -0.24 -24.26 10.98
N ASN J 375 0.70 -24.31 10.04
CA ASN J 375 2.11 -24.45 10.40
C ASN J 375 2.60 -23.23 11.18
N LYS J 376 2.12 -22.04 10.81
CA LYS J 376 2.47 -20.85 11.57
C LYS J 376 1.94 -20.93 12.99
N LEU J 377 0.71 -21.42 13.17
CA LEU J 377 0.17 -21.53 14.52
C LEU J 377 0.93 -22.56 15.35
N VAL J 378 1.28 -23.70 14.75
CA VAL J 378 1.97 -24.74 15.51
C VAL J 378 3.41 -24.33 15.82
N ARG J 379 4.03 -23.51 14.98
CA ARG J 379 5.35 -22.98 15.31
C ARG J 379 5.27 -21.82 16.28
N LEU J 380 4.11 -21.16 16.37
CA LEU J 380 3.92 -20.10 17.35
C LEU J 380 3.52 -20.63 18.72
N MET J 381 3.05 -21.88 18.80
CA MET J 381 2.70 -22.45 20.10
C MET J 381 3.91 -22.50 21.04
N THR J 382 5.09 -22.82 20.51
CA THR J 382 6.30 -22.89 21.32
C THR J 382 6.96 -21.54 21.53
N HIS J 383 6.20 -20.45 21.43
CA HIS J 383 6.77 -19.12 21.54
C HIS J 383 7.20 -18.83 22.98
N LEU J 384 8.15 -17.91 23.13
CA LEU J 384 8.65 -17.52 24.43
C LEU J 384 7.66 -16.64 25.20
N ASP J 385 6.60 -16.16 24.55
CA ASP J 385 5.58 -15.36 25.20
C ASP J 385 4.53 -16.29 25.80
N THR J 386 4.22 -16.08 27.08
CA THR J 386 3.32 -16.96 27.80
C THR J 386 1.85 -16.75 27.47
N ASP J 387 1.51 -15.72 26.70
CA ASP J 387 0.12 -15.42 26.38
C ASP J 387 -0.29 -15.87 24.99
N VAL J 388 0.55 -15.66 23.98
CA VAL J 388 0.20 -16.06 22.62
C VAL J 388 0.12 -17.58 22.52
N LYS J 389 0.99 -18.28 23.26
CA LYS J 389 0.91 -19.74 23.29
C LYS J 389 -0.40 -20.20 23.92
N ARG J 390 -0.89 -19.47 24.92
CA ARG J 390 -2.13 -19.86 25.58
C ARG J 390 -3.33 -19.68 24.66
N VAL J 391 -3.40 -18.55 23.94
CA VAL J 391 -4.52 -18.35 23.03
C VAL J 391 -4.43 -19.31 21.85
N ALA J 392 -3.22 -19.63 21.39
CA ALA J 392 -3.09 -20.60 20.31
C ALA J 392 -3.49 -22.01 20.78
N ALA J 393 -3.14 -22.36 22.01
CA ALA J 393 -3.54 -23.66 22.55
C ALA J 393 -5.06 -23.75 22.69
N GLU J 394 -5.68 -22.72 23.27
CA GLU J 394 -7.13 -22.71 23.38
C GLU J 394 -7.78 -22.74 22.00
N PHE J 395 -7.18 -22.06 21.03
CA PHE J 395 -7.69 -22.06 19.67
C PHE J 395 -7.68 -23.46 19.08
N LEU J 396 -6.50 -24.07 18.97
CA LEU J 396 -6.41 -25.40 18.39
C LEU J 396 -7.14 -26.44 19.23
N PHE J 397 -7.47 -26.13 20.49
CA PHE J 397 -8.24 -27.06 21.30
C PHE J 397 -9.73 -26.96 20.97
N VAL J 398 -10.28 -25.75 20.94
CA VAL J 398 -11.68 -25.58 20.57
C VAL J 398 -11.90 -25.89 19.09
N LEU J 399 -10.83 -25.90 18.29
CA LEU J 399 -10.94 -26.27 16.89
C LEU J 399 -11.29 -27.75 16.73
N CYS J 400 -10.67 -28.61 17.53
CA CYS J 400 -11.01 -30.02 17.57
C CYS J 400 -12.24 -30.31 18.43
N SER J 401 -13.08 -29.29 18.67
CA SER J 401 -14.28 -29.41 19.50
C SER J 401 -13.93 -29.85 20.91
N GLU J 402 -12.84 -29.30 21.45
CA GLU J 402 -12.37 -29.59 22.81
C GLU J 402 -12.16 -31.08 23.02
N SER J 403 -11.57 -31.74 22.02
CA SER J 403 -11.33 -33.18 22.06
C SER J 403 -9.83 -33.42 21.99
N VAL J 404 -9.26 -33.87 23.11
CA VAL J 404 -7.83 -34.22 23.17
C VAL J 404 -7.55 -35.50 22.38
N PRO J 405 -8.48 -36.47 22.23
CA PRO J 405 -8.19 -37.58 21.31
C PRO J 405 -7.94 -37.13 19.88
N ARG J 406 -8.51 -35.98 19.52
CA ARG J 406 -8.31 -35.37 18.22
C ARG J 406 -7.08 -34.45 18.21
N PHE J 407 -6.69 -33.97 19.39
CA PHE J 407 -5.55 -33.08 19.53
C PHE J 407 -4.24 -33.76 19.14
N ILE J 408 -4.23 -35.09 19.03
CA ILE J 408 -3.03 -35.79 18.61
C ILE J 408 -2.78 -35.63 17.11
N LYS J 409 -3.79 -35.19 16.36
CA LYS J 409 -3.53 -34.73 14.99
C LYS J 409 -2.55 -33.57 15.01
N TYR J 410 -2.69 -32.67 15.97
CA TYR J 410 -1.69 -31.68 16.29
C TYR J 410 -0.56 -32.32 17.11
N THR J 411 0.52 -31.58 17.31
CA THR J 411 1.70 -32.09 18.01
C THR J 411 1.35 -32.57 19.42
N GLY J 412 2.30 -33.28 20.03
CA GLY J 412 2.09 -33.85 21.35
C GLY J 412 2.62 -33.01 22.49
N TYR J 413 2.83 -31.71 22.25
CA TYR J 413 3.27 -30.81 23.29
C TYR J 413 2.30 -29.67 23.58
N GLY J 414 1.27 -29.49 22.75
CA GLY J 414 0.34 -28.40 22.98
C GLY J 414 -0.41 -28.53 24.30
N ASN J 415 -0.84 -29.74 24.63
CA ASN J 415 -1.47 -29.98 25.93
C ASN J 415 -0.49 -29.67 27.06
N ALA J 416 0.77 -30.08 26.90
CA ALA J 416 1.80 -29.70 27.86
C ALA J 416 1.94 -28.19 27.92
N ALA J 417 1.83 -27.51 26.79
CA ALA J 417 1.88 -26.05 26.78
C ALA J 417 0.60 -25.45 27.34
N GLY J 418 -0.54 -26.10 27.12
CA GLY J 418 -1.81 -25.56 27.57
C GLY J 418 -2.54 -26.46 28.56
N LEU J 419 -1.84 -26.88 29.62
CA LEU J 419 -2.46 -27.67 30.67
C LEU J 419 -3.01 -26.81 31.80
N LEU J 420 -2.62 -25.55 31.87
CA LEU J 420 -3.08 -24.59 32.87
C LEU J 420 -2.71 -25.01 34.30
N ALA J 421 -1.72 -25.89 34.42
CA ALA J 421 -1.24 -26.39 35.71
C ALA J 421 -2.37 -26.97 36.55
N ARG J 430 -15.72 -30.20 29.90
CA ARG J 430 -16.00 -29.61 28.60
C ARG J 430 -16.83 -28.33 28.75
N PRO J 431 -16.18 -27.22 29.09
CA PRO J 431 -16.90 -25.97 29.31
C PRO J 431 -17.32 -25.33 28.00
N GLU J 432 -18.62 -25.04 27.87
CA GLU J 432 -19.19 -24.41 26.67
C GLU J 432 -18.84 -25.19 25.40
N GLY J 433 -18.71 -26.50 25.52
CA GLY J 433 -18.34 -27.34 24.39
C GLY J 433 -19.51 -27.62 23.47
N GLN J 434 -19.18 -28.12 22.29
CA GLN J 434 -20.16 -28.48 21.27
C GLN J 434 -19.87 -29.91 20.83
N TYR J 435 -20.43 -30.88 21.56
CA TYR J 435 -20.25 -32.28 21.22
C TYR J 435 -20.83 -32.56 19.83
N GLU J 437 -19.92 -35.79 17.58
CA GLU J 437 -19.27 -36.99 17.08
C GLU J 437 -20.05 -37.50 15.87
N ASP J 438 -19.87 -36.83 14.73
CA ASP J 438 -20.58 -37.18 13.50
C ASP J 438 -19.64 -37.44 12.33
N GLU J 439 -18.36 -37.10 12.45
CA GLU J 439 -17.45 -37.20 11.32
C GLU J 439 -16.08 -37.69 11.79
N ASP J 440 -15.31 -38.18 10.82
CA ASP J 440 -13.96 -38.67 11.06
C ASP J 440 -13.07 -38.36 9.86
N ASP J 442 -10.40 -39.74 7.80
CA ASP J 442 -9.62 -40.92 7.44
C ASP J 442 -9.01 -40.78 6.06
N THR J 443 -7.68 -40.74 6.03
CA THR J 443 -6.90 -40.72 4.80
C THR J 443 -5.99 -41.95 4.80
N GLU J 444 -5.38 -42.22 3.64
CA GLU J 444 -4.48 -43.35 3.53
C GLU J 444 -3.32 -43.25 4.53
N GLU J 445 -2.93 -42.03 4.89
CA GLU J 445 -1.92 -41.86 5.91
C GLU J 445 -2.47 -42.15 7.31
N TYR J 446 -3.78 -41.96 7.50
CA TYR J 446 -4.38 -42.23 8.80
C TYR J 446 -4.66 -43.72 9.01
N ARG J 447 -4.85 -44.48 7.91
CA ARG J 447 -4.92 -45.93 8.04
C ARG J 447 -3.59 -46.51 8.50
N GLU J 448 -2.50 -45.77 8.32
CA GLU J 448 -1.16 -46.16 8.78
C GLU J 448 -0.78 -45.40 10.04
N ALA J 449 -1.65 -45.44 11.06
CA ALA J 449 -1.45 -44.68 12.29
C ALA J 449 -0.45 -45.33 13.24
N LYS J 450 0.34 -46.30 12.77
CA LYS J 450 1.33 -46.96 13.61
C LYS J 450 2.72 -46.33 13.50
N ALA J 451 3.11 -45.89 12.31
CA ALA J 451 4.42 -45.27 12.10
C ALA J 451 4.36 -43.78 12.38
N SER J 452 3.99 -43.45 13.63
CA SER J 452 3.84 -42.06 14.04
C SER J 452 3.83 -42.02 15.58
N ILE J 453 5.02 -41.83 16.15
CA ILE J 453 5.12 -41.65 17.60
C ILE J 453 4.61 -40.26 17.96
N ASN J 454 3.67 -40.22 18.90
CA ASN J 454 2.73 -39.09 19.02
C ASN J 454 3.39 -37.72 19.11
N PRO J 455 4.37 -37.47 19.98
CA PRO J 455 4.97 -36.12 20.00
C PRO J 455 5.81 -35.83 18.78
N VAL J 456 6.59 -36.81 18.29
CA VAL J 456 7.44 -36.60 17.12
C VAL J 456 6.64 -36.79 15.83
N THR J 457 5.58 -37.59 15.88
CA THR J 457 4.67 -37.81 14.75
C THR J 457 5.43 -38.52 13.64
N GLY J 458 5.61 -37.93 12.46
CA GLY J 458 5.75 -38.75 11.27
C GLY J 458 7.12 -39.34 11.10
N ARG J 459 8.15 -38.63 11.56
CA ARG J 459 9.52 -39.03 11.27
C ARG J 459 9.79 -40.46 11.74
N VAL J 460 9.36 -40.80 12.96
CA VAL J 460 9.27 -42.17 13.48
C VAL J 460 10.54 -42.99 13.21
N GLU J 461 11.70 -42.34 13.23
CA GLU J 461 12.95 -43.05 13.01
C GLU J 461 13.31 -43.91 14.23
N GLU J 462 13.76 -45.14 13.96
CA GLU J 462 14.27 -46.04 14.98
C GLU J 462 15.79 -46.14 14.86
N LYS J 463 16.46 -46.32 15.99
CA LYS J 463 17.91 -46.25 16.04
C LYS J 463 18.44 -47.29 17.03
N PRO J 464 19.70 -47.69 16.89
CA PRO J 464 20.20 -48.84 17.67
C PRO J 464 20.67 -48.41 19.06
N PRO J 465 20.22 -49.11 20.10
CA PRO J 465 20.72 -48.79 21.45
C PRO J 465 22.14 -49.24 21.70
N ASN J 466 22.55 -50.37 21.12
CA ASN J 466 23.87 -50.95 21.34
C ASN J 466 24.21 -51.06 22.83
N PRO J 467 23.40 -51.79 23.62
CA PRO J 467 23.66 -51.83 25.07
C PRO J 467 24.20 -53.15 25.56
N MET J 468 25.25 -53.11 26.38
CA MET J 468 25.76 -54.29 27.06
C MET J 468 25.32 -54.26 28.52
N GLU J 469 24.78 -55.39 28.99
CA GLU J 469 24.21 -55.46 30.33
C GLU J 469 25.22 -55.04 31.39
N GLY J 470 26.50 -55.35 31.19
CA GLY J 470 27.53 -55.01 32.15
C GLY J 470 27.73 -53.53 32.39
N MET J 471 26.90 -52.70 31.76
CA MET J 471 26.94 -51.25 31.93
C MET J 471 25.71 -50.72 32.68
N THR J 472 24.87 -51.62 33.21
CA THR J 472 23.63 -51.18 33.87
C THR J 472 23.94 -50.21 35.02
N GLU J 473 24.88 -50.58 35.89
CA GLU J 473 25.27 -49.68 36.97
C GLU J 473 25.84 -48.38 36.44
N GLU J 474 26.55 -48.44 35.31
CA GLU J 474 27.08 -47.22 34.70
C GLU J 474 25.97 -46.25 34.31
N GLN J 475 24.73 -46.73 34.22
CA GLN J 475 23.57 -45.85 34.08
C GLN J 475 22.84 -45.62 35.39
N LYS J 476 22.88 -46.60 36.30
CA LYS J 476 22.25 -46.43 37.60
C LYS J 476 22.85 -45.25 38.36
N GLU J 477 24.12 -44.92 38.08
CA GLU J 477 24.74 -43.76 38.71
C GLU J 477 23.98 -42.47 38.41
N HIS J 478 23.36 -42.39 37.23
CA HIS J 478 22.57 -41.20 36.91
C HIS J 478 21.44 -41.00 37.89
N GLU J 479 20.92 -42.08 38.48
CA GLU J 479 19.92 -41.95 39.53
C GLU J 479 20.45 -41.11 40.69
N ALA J 480 21.68 -41.40 41.13
CA ALA J 480 22.31 -40.62 42.19
C ALA J 480 22.49 -39.16 41.81
N MET J 481 22.33 -38.81 40.53
CA MET J 481 22.40 -37.42 40.12
C MET J 481 21.12 -36.65 40.41
N LYS J 482 19.99 -37.33 40.49
CA LYS J 482 18.72 -36.67 40.82
C LYS J 482 18.31 -36.87 42.27
N LEU J 483 19.06 -37.64 43.04
CA LEU J 483 18.75 -37.81 44.45
C LEU J 483 18.98 -36.53 45.25
N VAL J 484 19.72 -35.56 44.69
CA VAL J 484 19.92 -34.30 45.38
C VAL J 484 18.64 -33.45 45.32
N ASN J 485 17.92 -33.50 44.21
CA ASN J 485 16.68 -32.76 44.05
C ASN J 485 15.67 -33.55 43.22
#